data_4FFH
#
_entry.id   4FFH
#
_cell.length_a   82.284
_cell.length_b   167.004
_cell.length_c   261.926
_cell.angle_alpha   90.000
_cell.angle_beta   90.000
_cell.angle_gamma   90.000
#
_symmetry.space_group_name_H-M   'P 21 21 21'
#
loop_
_entity.id
_entity.type
_entity.pdbx_description
1 polymer 'Levan fructotransferase'
2 branched beta-D-fructofuranose-(2-1)-alpha-D-glucopyranose
3 water water
#
_entity_poly.entity_id   1
_entity_poly.type   'polypeptide(L)'
_entity_poly.pdbx_seq_one_letter_code
;MAVYHMTPPSGWLCNPQRPVTTHGAYQLYYLHSDQNNGPGGWDHASTTDGVAFTHHGTVMPLRPDFPVWSGSAVVDTANT
AGFGAGAVVALATQPTDGVRKYQEQYLYWSTDGGFTFTALPDPVIVNTDGRAATTPAEIENAEWFRDPKIHWDTARGEWV
CVIGRLRYAAFYTSPNLRDWTLRRNFDYPNHALGGIECPDLFEITADDGTRHWVLAASMDAYGIGLPMTYAYWTGTWDGE
QFHADDLTPQWLDWGWDWYAAVTWPSIDAPETKRLAIAWMNNWKYAARDVPTDASDGYNGQNSIVRELRLARQPGGWYTL
LSTPVAALTNYVTATTTLPDRTVDGSAVLPWNGRAYEIELDIAWDTATNVGISVGRSPDGTRHTNIGKYGADLYVDRGPS
DLAGYSLAPYSRAAAPIDPGARSVHLRILVDTQSVEVFVNAGHTVLSQQVHFAEGDTGISLYTDGGPAHFTGIVVREIGQ
AILEHHHHHHHH
;
_entity_poly.pdbx_strand_id   A,B,C,D
#
# COMPACT_ATOMS: atom_id res chain seq x y z
N ALA A 2 3.08 -0.21 -4.98
CA ALA A 2 2.51 0.11 -6.33
C ALA A 2 1.14 -0.52 -6.51
N VAL A 3 0.16 0.29 -6.90
CA VAL A 3 -1.18 -0.20 -7.11
C VAL A 3 -1.32 -1.03 -8.39
N TYR A 4 -0.72 -0.59 -9.49
CA TYR A 4 -0.83 -1.34 -10.73
C TYR A 4 0.47 -1.57 -11.50
N HIS A 5 1.57 -1.72 -10.77
CA HIS A 5 2.87 -1.98 -11.38
C HIS A 5 3.37 -3.24 -10.70
N MET A 6 3.93 -4.17 -11.45
CA MET A 6 4.43 -5.39 -10.85
C MET A 6 5.62 -5.15 -9.93
N THR A 7 5.62 -5.81 -8.79
CA THR A 7 6.70 -5.73 -7.82
C THR A 7 6.87 -7.15 -7.31
N PRO A 8 8.04 -7.48 -6.74
CA PRO A 8 8.22 -8.84 -6.21
C PRO A 8 7.56 -8.95 -4.84
N PRO A 9 7.06 -10.14 -4.49
CA PRO A 9 6.42 -10.30 -3.17
C PRO A 9 7.35 -9.79 -2.06
N SER A 10 8.65 -9.96 -2.28
CA SER A 10 9.67 -9.52 -1.34
C SER A 10 11.02 -9.63 -2.03
N GLY A 11 12.02 -8.95 -1.49
CA GLY A 11 13.35 -9.01 -2.07
C GLY A 11 13.62 -7.97 -3.13
N TRP A 12 14.77 -8.13 -3.77
CA TRP A 12 15.25 -7.23 -4.81
C TRP A 12 14.81 -7.66 -6.20
N LEU A 13 14.15 -6.75 -6.90
CA LEU A 13 13.69 -6.98 -8.27
C LEU A 13 14.70 -6.37 -9.24
N CYS A 14 14.97 -7.06 -10.33
CA CYS A 14 15.91 -6.56 -11.30
C CYS A 14 15.44 -6.90 -12.72
N ASN A 15 16.39 -6.97 -13.64
CA ASN A 15 16.12 -7.25 -15.06
C ASN A 15 15.02 -8.22 -15.47
N PRO A 16 14.01 -7.73 -16.21
CA PRO A 16 12.94 -8.63 -16.64
C PRO A 16 13.54 -9.46 -17.79
N GLN A 17 13.00 -10.64 -18.00
CA GLN A 17 13.47 -11.51 -19.08
C GLN A 17 12.30 -11.64 -20.05
N ARG A 18 12.59 -11.66 -21.35
CA ARG A 18 11.53 -11.75 -22.36
C ARG A 18 10.51 -12.86 -22.12
N PRO A 19 9.24 -12.49 -21.93
CA PRO A 19 8.15 -13.45 -21.69
C PRO A 19 7.98 -14.45 -22.84
N VAL A 20 7.56 -15.66 -22.52
CA VAL A 20 7.26 -16.68 -23.53
C VAL A 20 5.76 -16.91 -23.37
N THR A 21 5.09 -17.35 -24.43
CA THR A 21 3.65 -17.57 -24.35
C THR A 21 3.29 -19.05 -24.23
N THR A 22 2.78 -19.42 -23.06
CA THR A 22 2.36 -20.81 -22.81
C THR A 22 1.10 -20.82 -21.95
N HIS A 23 0.39 -21.93 -21.96
CA HIS A 23 -0.84 -22.07 -21.20
C HIS A 23 -1.74 -20.84 -21.35
N GLY A 24 -1.82 -20.34 -22.57
CA GLY A 24 -2.64 -19.17 -22.86
C GLY A 24 -2.33 -17.95 -22.02
N ALA A 25 -1.06 -17.75 -21.72
CA ALA A 25 -0.67 -16.60 -20.92
C ALA A 25 0.78 -16.22 -21.19
N TYR A 26 1.21 -15.11 -20.61
CA TYR A 26 2.56 -14.64 -20.76
C TYR A 26 3.37 -15.04 -19.53
N GLN A 27 4.42 -15.83 -19.74
CA GLN A 27 5.25 -16.24 -18.62
C GLN A 27 6.44 -15.29 -18.57
N LEU A 28 6.40 -14.34 -17.63
CA LEU A 28 7.48 -13.39 -17.46
C LEU A 28 8.48 -13.91 -16.43
N TYR A 29 9.76 -13.76 -16.71
CA TYR A 29 10.78 -14.15 -15.75
C TYR A 29 11.53 -12.87 -15.41
N TYR A 30 12.18 -12.84 -14.25
CA TYR A 30 12.92 -11.65 -13.86
C TYR A 30 13.98 -11.97 -12.83
N LEU A 31 15.10 -11.28 -12.93
CA LEU A 31 16.19 -11.48 -11.99
C LEU A 31 15.68 -11.10 -10.61
N HIS A 32 16.03 -11.91 -9.62
CA HIS A 32 15.61 -11.65 -8.25
C HIS A 32 16.66 -12.11 -7.26
N SER A 33 16.83 -11.33 -6.19
CA SER A 33 17.79 -11.62 -5.15
C SER A 33 17.12 -11.33 -3.81
N ASP A 34 17.58 -12.01 -2.77
CA ASP A 34 17.03 -11.76 -1.43
C ASP A 34 17.69 -10.50 -0.90
N GLN A 35 18.91 -10.22 -1.38
CA GLN A 35 19.64 -9.05 -0.95
C GLN A 35 19.73 -8.02 -2.06
N ASN A 36 19.40 -6.77 -1.73
CA ASN A 36 19.45 -5.70 -2.71
C ASN A 36 20.82 -5.67 -3.38
N ASN A 37 20.80 -5.79 -4.70
CA ASN A 37 22.01 -5.80 -5.53
C ASN A 37 22.91 -6.99 -5.21
N GLY A 38 22.34 -8.01 -4.57
CA GLY A 38 23.11 -9.20 -4.25
C GLY A 38 22.92 -10.19 -5.37
N PRO A 39 23.56 -11.37 -5.29
CA PRO A 39 23.44 -12.42 -6.32
C PRO A 39 22.06 -13.07 -6.27
N GLY A 40 21.61 -13.60 -7.40
CA GLY A 40 20.32 -14.24 -7.43
C GLY A 40 20.10 -15.11 -8.66
N GLY A 41 18.84 -15.23 -9.07
CA GLY A 41 18.51 -16.02 -10.23
C GLY A 41 17.21 -15.55 -10.87
N TRP A 42 16.56 -16.44 -11.62
CA TRP A 42 15.31 -16.12 -12.28
C TRP A 42 14.07 -16.50 -11.48
N ASP A 43 13.15 -15.56 -11.36
CA ASP A 43 11.89 -15.83 -10.69
C ASP A 43 10.83 -15.81 -11.77
N HIS A 44 9.64 -16.32 -11.47
CA HIS A 44 8.58 -16.43 -12.45
C HIS A 44 7.25 -15.81 -12.05
N ALA A 45 6.62 -15.14 -13.02
CA ALA A 45 5.31 -14.53 -12.80
C ALA A 45 4.50 -14.72 -14.08
N SER A 46 3.19 -14.85 -13.94
CA SER A 46 2.31 -15.02 -15.09
C SER A 46 1.35 -13.86 -15.22
N THR A 47 0.98 -13.54 -16.45
CA THR A 47 0.04 -12.47 -16.69
C THR A 47 -0.76 -12.80 -17.94
N THR A 48 -2.08 -12.65 -17.84
CA THR A 48 -2.95 -12.92 -18.97
C THR A 48 -3.22 -11.66 -19.78
N ASP A 49 -3.31 -10.53 -19.09
CA ASP A 49 -3.61 -9.27 -19.75
C ASP A 49 -2.45 -8.26 -19.82
N GLY A 50 -1.34 -8.56 -19.16
CA GLY A 50 -0.21 -7.65 -19.18
C GLY A 50 -0.27 -6.58 -18.09
N VAL A 51 -1.27 -6.67 -17.22
CA VAL A 51 -1.41 -5.72 -16.12
C VAL A 51 -1.25 -6.44 -14.79
N ALA A 52 -2.12 -7.43 -14.54
CA ALA A 52 -2.06 -8.19 -13.30
C ALA A 52 -1.12 -9.40 -13.43
N PHE A 53 -0.30 -9.61 -12.41
CA PHE A 53 0.66 -10.72 -12.42
C PHE A 53 0.47 -11.70 -11.27
N THR A 54 0.81 -12.95 -11.51
CA THR A 54 0.73 -14.00 -10.50
C THR A 54 2.14 -14.57 -10.35
N HIS A 55 2.75 -14.35 -9.19
CA HIS A 55 4.12 -14.81 -8.93
C HIS A 55 4.19 -16.28 -8.57
N HIS A 56 5.16 -16.98 -9.17
CA HIS A 56 5.32 -18.41 -8.94
C HIS A 56 6.63 -18.80 -8.25
N GLY A 57 7.42 -17.81 -7.85
CA GLY A 57 8.68 -18.11 -7.17
C GLY A 57 9.86 -18.33 -8.10
N THR A 58 10.95 -18.84 -7.52
CA THR A 58 12.18 -19.08 -8.28
C THR A 58 12.05 -20.20 -9.29
N VAL A 59 12.73 -20.03 -10.41
CA VAL A 59 12.67 -21.01 -11.50
C VAL A 59 14.08 -21.46 -11.92
N MET A 60 15.05 -20.57 -11.77
CA MET A 60 16.45 -20.85 -12.10
C MET A 60 17.23 -20.22 -10.96
N PRO A 61 17.29 -20.92 -9.82
CA PRO A 61 17.95 -20.54 -8.58
C PRO A 61 19.43 -20.25 -8.57
N LEU A 62 19.81 -19.38 -7.63
CA LEU A 62 21.20 -19.02 -7.40
C LEU A 62 21.82 -20.26 -6.76
N ARG A 63 23.07 -20.53 -7.08
CA ARG A 63 23.76 -21.67 -6.51
C ARG A 63 25.10 -21.11 -6.03
N PRO A 64 25.73 -21.76 -5.04
CA PRO A 64 27.01 -21.32 -4.49
C PRO A 64 28.00 -20.75 -5.50
N ASP A 65 28.23 -19.44 -5.38
CA ASP A 65 29.15 -18.73 -6.28
C ASP A 65 28.76 -18.97 -7.73
N PHE A 66 27.47 -19.10 -7.98
CA PHE A 66 27.00 -19.34 -9.33
C PHE A 66 25.62 -18.73 -9.57
N PRO A 67 25.55 -17.39 -9.62
CA PRO A 67 24.27 -16.70 -9.84
C PRO A 67 23.86 -16.81 -11.31
N VAL A 68 22.59 -16.52 -11.58
CA VAL A 68 22.08 -16.57 -12.94
C VAL A 68 21.76 -15.14 -13.39
N TRP A 69 22.38 -14.69 -14.47
CA TRP A 69 22.12 -13.34 -14.96
C TRP A 69 21.10 -13.38 -16.09
N SER A 70 20.94 -12.26 -16.79
CA SER A 70 19.96 -12.17 -17.88
C SER A 70 20.21 -13.11 -19.04
N GLY A 71 19.16 -13.38 -19.78
CA GLY A 71 19.22 -14.24 -20.94
C GLY A 71 17.90 -14.12 -21.65
N SER A 72 17.39 -15.23 -22.18
CA SER A 72 16.11 -15.22 -22.86
C SER A 72 15.63 -16.65 -23.01
N ALA A 73 14.34 -16.81 -23.30
CA ALA A 73 13.76 -18.14 -23.46
C ALA A 73 12.84 -18.18 -24.68
N VAL A 74 12.79 -19.34 -25.33
CA VAL A 74 11.93 -19.53 -26.49
C VAL A 74 11.17 -20.83 -26.37
N VAL A 75 10.07 -20.94 -27.11
CA VAL A 75 9.28 -22.16 -27.10
C VAL A 75 9.74 -22.97 -28.32
N ASP A 76 10.39 -24.10 -28.08
CA ASP A 76 10.89 -24.94 -29.15
C ASP A 76 9.78 -25.79 -29.75
N THR A 77 8.77 -25.10 -30.27
CA THR A 77 7.60 -25.72 -30.88
C THR A 77 7.94 -26.92 -31.78
N ALA A 78 8.93 -26.74 -32.65
CA ALA A 78 9.34 -27.80 -33.58
C ALA A 78 10.26 -28.87 -32.98
N ASN A 79 10.68 -28.68 -31.73
CA ASN A 79 11.57 -29.64 -31.06
C ASN A 79 12.94 -29.72 -31.75
N THR A 80 13.49 -28.56 -32.12
CA THR A 80 14.79 -28.50 -32.77
C THR A 80 15.90 -28.84 -31.77
N ALA A 81 15.69 -28.51 -30.51
CA ALA A 81 16.68 -28.77 -29.47
C ALA A 81 16.67 -30.21 -28.97
N GLY A 82 15.58 -30.93 -29.22
CA GLY A 82 15.50 -32.32 -28.80
C GLY A 82 15.08 -32.56 -27.37
N PHE A 83 14.52 -31.54 -26.72
CA PHE A 83 14.05 -31.68 -25.33
C PHE A 83 12.55 -31.90 -25.33
N GLY A 84 11.99 -32.08 -26.54
CA GLY A 84 10.57 -32.31 -26.68
C GLY A 84 9.89 -31.13 -27.37
N ALA A 85 8.85 -31.42 -28.15
CA ALA A 85 8.12 -30.38 -28.85
C ALA A 85 7.44 -29.47 -27.84
N GLY A 86 7.54 -28.16 -28.05
CA GLY A 86 6.91 -27.23 -27.13
C GLY A 86 7.70 -26.97 -25.85
N ALA A 87 8.88 -27.56 -25.75
CA ALA A 87 9.69 -27.36 -24.56
C ALA A 87 10.16 -25.90 -24.54
N VAL A 88 10.18 -25.30 -23.35
CA VAL A 88 10.63 -23.93 -23.22
C VAL A 88 12.14 -23.98 -22.97
N VAL A 89 12.91 -23.54 -23.95
CA VAL A 89 14.38 -23.57 -23.85
C VAL A 89 14.94 -22.17 -23.58
N ALA A 90 15.77 -22.06 -22.55
CA ALA A 90 16.34 -20.78 -22.19
C ALA A 90 17.87 -20.77 -22.10
N LEU A 91 18.45 -19.60 -22.37
CA LEU A 91 19.89 -19.41 -22.28
C LEU A 91 20.10 -18.25 -21.30
N ALA A 92 21.01 -18.42 -20.35
CA ALA A 92 21.30 -17.37 -19.38
C ALA A 92 22.79 -17.30 -19.10
N THR A 93 23.28 -16.09 -18.86
CA THR A 93 24.69 -15.87 -18.56
C THR A 93 25.00 -16.20 -17.11
N GLN A 94 26.08 -16.94 -16.89
CA GLN A 94 26.49 -17.29 -15.55
C GLN A 94 28.00 -17.26 -15.50
N PRO A 95 28.58 -16.68 -14.44
CA PRO A 95 30.04 -16.63 -14.35
C PRO A 95 30.55 -17.97 -13.84
N THR A 96 31.07 -18.79 -14.74
CA THR A 96 31.61 -20.11 -14.39
C THR A 96 32.65 -19.98 -13.28
N ASP A 97 32.58 -20.88 -12.29
CA ASP A 97 33.51 -20.89 -11.15
C ASP A 97 33.42 -19.58 -10.38
N GLY A 98 32.38 -18.80 -10.65
CA GLY A 98 32.22 -17.53 -9.97
C GLY A 98 33.19 -16.50 -10.53
N VAL A 99 33.81 -16.84 -11.66
CA VAL A 99 34.78 -15.96 -12.30
C VAL A 99 34.12 -15.08 -13.37
N ARG A 100 34.15 -13.76 -13.14
CA ARG A 100 33.53 -12.81 -14.07
C ARG A 100 34.03 -12.95 -15.51
N LYS A 101 35.33 -13.09 -15.70
CA LYS A 101 35.86 -13.22 -17.05
C LYS A 101 35.46 -14.55 -17.68
N TYR A 102 34.81 -15.41 -16.90
CA TYR A 102 34.36 -16.70 -17.42
C TYR A 102 32.87 -16.71 -17.72
N GLN A 103 32.21 -15.56 -17.57
CA GLN A 103 30.78 -15.48 -17.84
C GLN A 103 30.48 -16.07 -19.22
N GLU A 104 29.58 -17.04 -19.23
CA GLU A 104 29.17 -17.70 -20.47
C GLU A 104 27.70 -18.07 -20.43
N GLN A 105 27.19 -18.58 -21.54
CA GLN A 105 25.78 -18.88 -21.66
C GLN A 105 25.38 -20.32 -21.39
N TYR A 106 24.62 -20.51 -20.32
CA TYR A 106 24.15 -21.84 -19.94
C TYR A 106 22.72 -22.05 -20.41
N LEU A 107 22.41 -23.28 -20.81
CA LEU A 107 21.07 -23.60 -21.27
C LEU A 107 20.27 -24.29 -20.17
N TYR A 108 19.00 -23.92 -20.07
CA TYR A 108 18.06 -24.50 -19.12
C TYR A 108 16.84 -24.86 -19.97
N TRP A 109 16.12 -25.91 -19.61
CA TRP A 109 14.95 -26.28 -20.38
C TRP A 109 13.81 -26.75 -19.49
N SER A 110 12.58 -26.50 -19.95
CA SER A 110 11.37 -26.86 -19.23
C SER A 110 10.38 -27.57 -20.14
N THR A 111 9.74 -28.61 -19.61
CA THR A 111 8.76 -29.37 -20.37
C THR A 111 7.35 -29.19 -19.83
N ASP A 112 7.17 -28.22 -18.93
CA ASP A 112 5.85 -27.97 -18.36
C ASP A 112 5.38 -26.54 -18.63
N GLY A 113 5.73 -26.01 -19.80
CA GLY A 113 5.32 -24.68 -20.17
C GLY A 113 6.10 -23.55 -19.52
N GLY A 114 7.28 -23.87 -18.98
CA GLY A 114 8.10 -22.86 -18.34
C GLY A 114 7.92 -22.66 -16.84
N PHE A 115 7.36 -23.66 -16.15
CA PHE A 115 7.15 -23.55 -14.70
C PHE A 115 8.31 -24.11 -13.87
N THR A 116 8.91 -25.21 -14.33
CA THR A 116 10.08 -25.78 -13.65
C THR A 116 11.12 -26.01 -14.74
N PHE A 117 12.39 -25.81 -14.40
CA PHE A 117 13.48 -25.99 -15.36
C PHE A 117 14.56 -26.95 -14.88
N THR A 118 15.32 -27.49 -15.84
CA THR A 118 16.44 -28.37 -15.58
C THR A 118 17.66 -27.73 -16.23
N ALA A 119 18.80 -27.81 -15.59
CA ALA A 119 20.02 -27.20 -16.11
C ALA A 119 20.91 -28.12 -16.94
N LEU A 120 21.47 -27.57 -18.01
CA LEU A 120 22.38 -28.33 -18.87
C LEU A 120 23.77 -28.01 -18.30
N PRO A 121 24.41 -28.98 -17.65
CA PRO A 121 25.73 -28.81 -17.05
C PRO A 121 26.80 -28.05 -17.87
N ASP A 122 26.86 -28.31 -19.17
CA ASP A 122 27.88 -27.64 -19.98
C ASP A 122 27.32 -26.48 -20.80
N PRO A 123 27.91 -25.28 -20.64
CA PRO A 123 27.47 -24.08 -21.36
C PRO A 123 27.47 -24.29 -22.88
N VAL A 124 26.42 -23.79 -23.54
CA VAL A 124 26.29 -23.94 -24.98
C VAL A 124 27.05 -22.90 -25.78
N ILE A 125 27.52 -21.85 -25.11
CA ILE A 125 28.33 -20.81 -25.76
C ILE A 125 29.41 -20.39 -24.76
N VAL A 126 30.60 -20.94 -24.97
CA VAL A 126 31.75 -20.71 -24.09
C VAL A 126 32.49 -19.39 -24.30
N ASN A 127 32.98 -18.85 -23.18
CA ASN A 127 33.74 -17.61 -23.21
C ASN A 127 35.23 -17.96 -23.36
N THR A 128 35.64 -18.28 -24.59
CA THR A 128 37.02 -18.62 -24.87
C THR A 128 37.94 -17.42 -24.60
N ASP A 129 37.42 -16.22 -24.82
CA ASP A 129 38.20 -15.00 -24.58
C ASP A 129 38.74 -15.00 -23.16
N GLY A 130 37.90 -15.40 -22.21
CA GLY A 130 38.28 -15.42 -20.81
C GLY A 130 39.44 -16.32 -20.47
N ARG A 131 39.51 -17.49 -21.11
CA ARG A 131 40.60 -18.43 -20.83
C ARG A 131 41.90 -18.06 -21.54
N ALA A 132 41.97 -16.84 -22.06
CA ALA A 132 43.18 -16.40 -22.75
C ALA A 132 43.51 -14.96 -22.34
N ALA A 133 42.51 -14.26 -21.82
CA ALA A 133 42.68 -12.87 -21.40
C ALA A 133 43.84 -12.71 -20.42
N THR A 134 44.86 -11.97 -20.85
CA THR A 134 46.03 -11.73 -20.01
C THR A 134 46.16 -10.26 -19.65
N THR A 135 46.10 -9.41 -20.66
CA THR A 135 46.20 -7.97 -20.47
C THR A 135 44.91 -7.43 -19.85
N PRO A 136 44.96 -6.20 -19.30
CA PRO A 136 43.77 -5.61 -18.68
C PRO A 136 42.62 -5.43 -19.68
N ALA A 137 42.97 -5.09 -20.92
CA ALA A 137 41.97 -4.89 -21.96
C ALA A 137 41.26 -6.19 -22.30
N GLU A 138 42.04 -7.26 -22.50
CA GLU A 138 41.49 -8.57 -22.82
C GLU A 138 40.54 -9.03 -21.73
N ILE A 139 40.93 -8.81 -20.47
CA ILE A 139 40.12 -9.21 -19.34
C ILE A 139 38.82 -8.41 -19.30
N GLU A 140 38.96 -7.10 -19.50
CA GLU A 140 37.80 -6.22 -19.49
C GLU A 140 36.80 -6.63 -20.57
N ASN A 141 37.32 -7.14 -21.68
CA ASN A 141 36.48 -7.57 -22.78
C ASN A 141 35.84 -8.93 -22.52
N ALA A 142 36.56 -9.79 -21.82
CA ALA A 142 36.07 -11.13 -21.49
C ALA A 142 35.01 -11.01 -20.42
N GLU A 143 35.03 -9.89 -19.70
CA GLU A 143 34.08 -9.63 -18.63
C GLU A 143 32.81 -8.94 -19.12
N TRP A 144 32.59 -8.92 -20.42
CA TRP A 144 31.39 -8.34 -21.01
C TRP A 144 31.03 -9.26 -22.16
N PHE A 145 30.23 -10.27 -21.84
CA PHE A 145 29.80 -11.30 -22.78
C PHE A 145 28.58 -11.93 -22.12
N ARG A 146 27.46 -11.18 -22.13
CA ARG A 146 26.24 -11.62 -21.47
C ARG A 146 24.92 -11.23 -22.13
N ASP A 147 23.83 -11.66 -21.48
CA ASP A 147 22.47 -11.35 -21.90
C ASP A 147 22.05 -11.88 -23.28
N PRO A 148 22.16 -13.20 -23.50
CA PRO A 148 21.79 -13.76 -24.80
C PRO A 148 20.29 -13.65 -25.14
N LYS A 149 20.00 -13.05 -26.29
CA LYS A 149 18.63 -12.89 -26.76
C LYS A 149 18.47 -13.73 -28.02
N ILE A 150 17.62 -14.75 -27.94
CA ILE A 150 17.39 -15.67 -29.05
C ILE A 150 16.16 -15.35 -29.90
N HIS A 151 16.29 -15.54 -31.20
CA HIS A 151 15.21 -15.27 -32.14
C HIS A 151 15.20 -16.33 -33.22
N TRP A 152 14.00 -16.76 -33.61
CA TRP A 152 13.89 -17.74 -34.68
C TRP A 152 13.79 -16.98 -35.99
N ASP A 153 14.79 -17.15 -36.85
CA ASP A 153 14.84 -16.52 -38.16
C ASP A 153 13.99 -17.37 -39.09
N THR A 154 12.76 -16.96 -39.35
CA THR A 154 11.87 -17.71 -40.22
C THR A 154 12.41 -17.88 -41.63
N ALA A 155 12.99 -16.81 -42.17
CA ALA A 155 13.54 -16.81 -43.52
C ALA A 155 14.66 -17.83 -43.74
N ARG A 156 15.48 -18.05 -42.73
CA ARG A 156 16.59 -19.00 -42.88
C ARG A 156 16.34 -20.29 -42.10
N GLY A 157 15.18 -20.38 -41.46
CA GLY A 157 14.85 -21.56 -40.69
C GLY A 157 15.91 -21.95 -39.68
N GLU A 158 16.35 -21.01 -38.85
CA GLU A 158 17.36 -21.33 -37.85
C GLU A 158 17.27 -20.37 -36.69
N TRP A 159 18.01 -20.65 -35.62
CA TRP A 159 18.03 -19.78 -34.45
C TRP A 159 19.22 -18.83 -34.55
N VAL A 160 18.99 -17.57 -34.22
CA VAL A 160 20.04 -16.55 -34.23
C VAL A 160 20.01 -15.96 -32.84
N CYS A 161 21.18 -15.73 -32.27
CA CYS A 161 21.29 -15.21 -30.92
C CYS A 161 22.24 -14.02 -30.87
N VAL A 162 21.83 -12.96 -30.18
CA VAL A 162 22.68 -11.79 -30.05
C VAL A 162 23.13 -11.64 -28.60
N ILE A 163 24.42 -11.38 -28.42
CA ILE A 163 25.00 -11.24 -27.10
C ILE A 163 25.67 -9.88 -26.90
N GLY A 164 25.48 -9.29 -25.72
CA GLY A 164 26.06 -7.99 -25.44
C GLY A 164 27.53 -8.05 -25.05
N ARG A 165 28.33 -7.17 -25.67
CA ARG A 165 29.76 -7.09 -25.41
C ARG A 165 30.11 -5.64 -25.07
N LEU A 166 31.40 -5.35 -24.88
CA LEU A 166 31.81 -3.97 -24.55
C LEU A 166 31.74 -3.10 -25.81
N ARG A 167 30.69 -2.30 -25.91
CA ARG A 167 30.48 -1.40 -27.04
C ARG A 167 30.29 -2.07 -28.39
N TYR A 168 29.79 -3.30 -28.37
CA TYR A 168 29.49 -4.01 -29.61
C TYR A 168 28.66 -5.24 -29.26
N ALA A 169 28.02 -5.81 -30.28
CA ALA A 169 27.17 -6.98 -30.07
C ALA A 169 27.67 -8.13 -30.92
N ALA A 170 27.64 -9.34 -30.35
CA ALA A 170 28.08 -10.53 -31.07
C ALA A 170 26.87 -11.35 -31.46
N PHE A 171 26.96 -12.01 -32.61
CA PHE A 171 25.87 -12.84 -33.10
C PHE A 171 26.32 -14.30 -33.32
N TYR A 172 25.39 -15.21 -33.08
CA TYR A 172 25.62 -16.65 -33.26
C TYR A 172 24.34 -17.25 -33.86
N THR A 173 24.50 -18.31 -34.65
CA THR A 173 23.34 -18.98 -35.21
C THR A 173 23.40 -20.44 -34.80
N SER A 174 22.26 -21.12 -34.87
CA SER A 174 22.21 -22.52 -34.47
C SER A 174 20.94 -23.20 -34.97
N PRO A 175 21.03 -24.50 -35.28
CA PRO A 175 19.85 -25.21 -35.75
C PRO A 175 19.16 -25.94 -34.60
N ASN A 176 19.86 -26.08 -33.48
CA ASN A 176 19.33 -26.81 -32.34
C ASN A 176 19.40 -26.15 -30.98
N LEU A 177 19.83 -24.90 -30.92
CA LEU A 177 19.92 -24.17 -29.67
C LEU A 177 21.08 -24.62 -28.78
N ARG A 178 21.80 -25.66 -29.20
CA ARG A 178 22.92 -26.16 -28.41
C ARG A 178 24.27 -25.91 -29.09
N ASP A 179 24.31 -26.10 -30.41
CA ASP A 179 25.52 -25.88 -31.18
C ASP A 179 25.48 -24.52 -31.87
N TRP A 180 26.26 -23.57 -31.34
CA TRP A 180 26.25 -22.24 -31.90
C TRP A 180 27.48 -21.88 -32.74
N THR A 181 27.24 -21.19 -33.84
CA THR A 181 28.30 -20.78 -34.75
C THR A 181 28.44 -19.24 -34.69
N LEU A 182 29.64 -18.76 -34.40
CA LEU A 182 29.90 -17.33 -34.31
C LEU A 182 29.80 -16.65 -35.68
N ARG A 183 29.14 -15.49 -35.71
CA ARG A 183 28.98 -14.72 -36.93
C ARG A 183 29.70 -13.39 -36.76
N ARG A 184 29.33 -12.37 -37.55
CA ARG A 184 29.99 -11.08 -37.47
C ARG A 184 29.39 -10.14 -36.44
N ASN A 185 30.27 -9.47 -35.69
CA ASN A 185 29.83 -8.54 -34.67
C ASN A 185 29.12 -7.36 -35.31
N PHE A 186 28.37 -6.63 -34.50
CA PHE A 186 27.69 -5.45 -34.97
C PHE A 186 28.40 -4.29 -34.29
N ASP A 187 28.98 -3.39 -35.07
CA ASP A 187 29.65 -2.23 -34.49
C ASP A 187 28.86 -0.96 -34.78
N TYR A 188 28.95 -0.01 -33.87
CA TYR A 188 28.31 1.29 -34.02
C TYR A 188 29.36 2.34 -33.69
N PRO A 189 29.33 3.49 -34.37
CA PRO A 189 30.26 4.61 -34.19
C PRO A 189 30.30 5.50 -32.95
N ASN A 190 29.17 5.74 -32.29
CA ASN A 190 29.19 6.63 -31.14
C ASN A 190 29.24 5.90 -29.81
N HIS A 191 30.42 5.43 -29.42
CA HIS A 191 30.56 4.68 -28.17
C HIS A 191 30.20 5.42 -26.90
N ALA A 192 30.01 6.73 -26.99
CA ALA A 192 29.61 7.51 -25.83
C ALA A 192 28.15 7.15 -25.51
N LEU A 193 27.58 6.32 -26.38
CA LEU A 193 26.20 5.85 -26.27
C LEU A 193 26.01 4.79 -25.16
N GLY A 194 27.04 3.96 -24.95
CA GLY A 194 26.92 2.91 -23.95
C GLY A 194 27.41 1.63 -24.60
N GLY A 195 27.53 0.54 -23.82
CA GLY A 195 28.09 -0.69 -24.37
C GLY A 195 27.28 -1.94 -24.63
N ILE A 196 25.98 -1.84 -24.75
CA ILE A 196 25.16 -3.02 -25.05
C ILE A 196 24.94 -4.07 -23.97
N GLU A 197 23.83 -3.91 -23.26
CA GLU A 197 23.43 -4.87 -22.26
C GLU A 197 22.00 -5.18 -22.62
N CYS A 198 21.53 -6.37 -22.24
CA CYS A 198 20.16 -6.78 -22.53
C CYS A 198 19.75 -6.43 -23.96
N PRO A 199 20.52 -6.91 -24.95
CA PRO A 199 20.21 -6.63 -26.35
C PRO A 199 18.90 -7.28 -26.78
N ASP A 200 18.22 -6.67 -27.75
CA ASP A 200 16.97 -7.20 -28.25
C ASP A 200 17.13 -7.42 -29.76
N LEU A 201 16.47 -8.46 -30.26
CA LEU A 201 16.52 -8.79 -31.67
C LEU A 201 15.18 -9.36 -32.06
N PHE A 202 14.53 -8.78 -33.06
CA PHE A 202 13.23 -9.28 -33.47
C PHE A 202 12.80 -8.77 -34.83
N GLU A 203 11.72 -9.34 -35.34
CA GLU A 203 11.17 -8.94 -36.62
C GLU A 203 9.76 -8.41 -36.38
N ILE A 204 9.42 -7.31 -37.05
CA ILE A 204 8.10 -6.74 -36.90
C ILE A 204 7.64 -6.18 -38.24
N THR A 205 6.34 -6.27 -38.50
CA THR A 205 5.76 -5.77 -39.74
C THR A 205 5.20 -4.37 -39.50
N ALA A 206 5.58 -3.43 -40.36
CA ALA A 206 5.16 -2.03 -40.24
C ALA A 206 3.73 -1.78 -40.70
N ASP A 207 3.28 -0.54 -40.57
CA ASP A 207 1.92 -0.19 -40.97
C ASP A 207 1.72 -0.20 -42.48
N ASP A 208 2.80 -0.34 -43.24
CA ASP A 208 2.67 -0.39 -44.70
C ASP A 208 2.82 -1.83 -45.17
N GLY A 209 2.88 -2.77 -44.23
CA GLY A 209 3.00 -4.17 -44.56
C GLY A 209 4.41 -4.69 -44.80
N THR A 210 5.43 -3.84 -44.75
CA THR A 210 6.80 -4.31 -44.96
C THR A 210 7.34 -4.90 -43.66
N ARG A 211 8.23 -5.87 -43.79
CA ARG A 211 8.80 -6.51 -42.61
C ARG A 211 10.18 -5.94 -42.34
N HIS A 212 10.55 -5.87 -41.06
CA HIS A 212 11.83 -5.29 -40.65
C HIS A 212 12.44 -5.97 -39.44
N TRP A 213 13.77 -5.92 -39.36
CA TRP A 213 14.45 -6.46 -38.20
C TRP A 213 14.73 -5.27 -37.31
N VAL A 214 14.91 -5.54 -36.02
CA VAL A 214 15.23 -4.47 -35.08
C VAL A 214 16.26 -5.01 -34.12
N LEU A 215 17.36 -4.28 -33.96
CA LEU A 215 18.42 -4.65 -33.02
C LEU A 215 18.43 -3.52 -32.00
N ALA A 216 18.31 -3.86 -30.72
CA ALA A 216 18.30 -2.84 -29.68
C ALA A 216 19.13 -3.27 -28.49
N ALA A 217 19.22 -2.39 -27.50
CA ALA A 217 19.99 -2.70 -26.30
C ALA A 217 19.81 -1.60 -25.26
N SER A 218 20.09 -1.92 -24.00
CA SER A 218 20.01 -0.92 -22.95
C SER A 218 21.36 -0.21 -23.01
N MET A 219 21.33 1.12 -22.94
CA MET A 219 22.54 1.92 -23.04
C MET A 219 22.75 2.82 -21.84
N ASP A 220 23.70 3.74 -21.99
CA ASP A 220 24.03 4.73 -20.98
C ASP A 220 24.71 5.88 -21.71
N ALA A 221 23.91 6.68 -22.41
CA ALA A 221 24.40 7.80 -23.19
C ALA A 221 24.22 9.12 -22.46
N TYR A 222 24.17 9.04 -21.13
CA TYR A 222 23.99 10.23 -20.30
C TYR A 222 25.09 11.26 -20.53
N GLY A 223 26.30 10.78 -20.80
CA GLY A 223 27.42 11.67 -21.03
C GLY A 223 27.24 12.59 -22.21
N ILE A 224 26.44 12.16 -23.19
CA ILE A 224 26.20 12.99 -24.36
C ILE A 224 24.76 13.47 -24.43
N GLY A 225 24.18 13.74 -23.25
CA GLY A 225 22.82 14.23 -23.18
C GLY A 225 21.71 13.33 -23.66
N LEU A 226 21.99 12.03 -23.81
CA LEU A 226 20.95 11.10 -24.26
C LEU A 226 20.53 10.18 -23.12
N PRO A 227 19.42 9.44 -23.30
CA PRO A 227 18.91 8.53 -22.28
C PRO A 227 19.82 7.39 -21.83
N MET A 228 19.41 6.75 -20.74
CA MET A 228 20.12 5.61 -20.18
C MET A 228 19.06 4.50 -20.20
N THR A 229 18.34 4.42 -21.33
CA THR A 229 17.29 3.42 -21.44
C THR A 229 17.48 2.38 -22.55
N TYR A 230 16.61 2.45 -23.56
CA TYR A 230 16.59 1.51 -24.66
C TYR A 230 16.73 2.18 -26.03
N ALA A 231 17.77 1.82 -26.76
CA ALA A 231 18.01 2.40 -28.08
C ALA A 231 17.89 1.29 -29.11
N TYR A 232 17.38 1.61 -30.28
CA TYR A 232 17.23 0.59 -31.31
C TYR A 232 17.61 1.04 -32.72
N TRP A 233 18.06 0.08 -33.50
CA TRP A 233 18.46 0.27 -34.90
C TRP A 233 17.56 -0.61 -35.77
N THR A 234 16.79 -0.01 -36.66
CA THR A 234 15.99 -0.84 -37.56
C THR A 234 17.00 -1.35 -38.58
N GLY A 235 16.74 -2.50 -39.19
CA GLY A 235 17.68 -3.00 -40.17
C GLY A 235 17.33 -4.39 -40.69
N THR A 236 18.37 -5.14 -41.04
CA THR A 236 18.19 -6.49 -41.56
C THR A 236 19.30 -7.41 -41.09
N TRP A 237 18.94 -8.66 -40.82
CA TRP A 237 19.91 -9.67 -40.40
C TRP A 237 19.92 -10.64 -41.58
N ASP A 238 21.08 -10.87 -42.17
CA ASP A 238 21.15 -11.74 -43.33
C ASP A 238 21.71 -13.14 -43.03
N GLY A 239 21.94 -13.44 -41.76
CA GLY A 239 22.46 -14.74 -41.39
C GLY A 239 23.94 -14.66 -41.06
N GLU A 240 24.56 -13.55 -41.45
CA GLU A 240 25.98 -13.32 -41.22
C GLU A 240 26.20 -12.07 -40.39
N GLN A 241 25.51 -10.99 -40.73
CA GLN A 241 25.65 -9.74 -40.01
C GLN A 241 24.39 -8.88 -40.02
N PHE A 242 24.29 -7.97 -39.06
CA PHE A 242 23.13 -7.08 -38.98
C PHE A 242 23.44 -5.75 -39.64
N HIS A 243 22.59 -5.36 -40.58
CA HIS A 243 22.74 -4.11 -41.30
C HIS A 243 21.75 -3.06 -40.79
N ALA A 244 22.27 -2.09 -40.04
CA ALA A 244 21.44 -1.01 -39.51
C ALA A 244 21.08 -0.04 -40.64
N ASP A 245 19.81 0.33 -40.76
CA ASP A 245 19.41 1.27 -41.81
C ASP A 245 20.14 2.60 -41.58
N ASP A 246 20.39 2.93 -40.33
CA ASP A 246 21.09 4.16 -39.97
C ASP A 246 21.83 3.82 -38.68
N LEU A 247 23.11 4.16 -38.61
CA LEU A 247 23.93 3.85 -37.43
C LEU A 247 23.61 4.67 -36.18
N THR A 248 22.87 5.77 -36.33
CA THR A 248 22.47 6.58 -35.18
C THR A 248 21.14 5.95 -34.75
N PRO A 249 21.11 5.36 -33.54
CA PRO A 249 19.87 4.73 -33.07
C PRO A 249 18.78 5.67 -32.59
N GLN A 250 17.56 5.13 -32.50
CA GLN A 250 16.39 5.84 -32.02
C GLN A 250 16.18 5.40 -30.56
N TRP A 251 15.40 6.15 -29.80
CA TRP A 251 15.16 5.81 -28.40
C TRP A 251 13.69 5.52 -28.08
N LEU A 252 13.46 4.62 -27.13
CA LEU A 252 12.11 4.24 -26.75
C LEU A 252 11.63 4.91 -25.45
N ASP A 253 12.54 5.52 -24.69
CA ASP A 253 12.16 6.22 -23.46
C ASP A 253 13.17 7.30 -23.10
N TRP A 254 12.68 8.46 -22.69
CA TRP A 254 13.54 9.57 -22.33
C TRP A 254 13.55 9.84 -20.82
N GLY A 255 12.98 8.93 -20.06
CA GLY A 255 12.96 9.11 -18.62
C GLY A 255 14.18 8.51 -17.96
N TRP A 256 14.25 8.62 -16.64
CA TRP A 256 15.37 8.09 -15.86
C TRP A 256 15.32 6.58 -15.65
N ASP A 257 14.11 6.04 -15.51
CA ASP A 257 13.97 4.63 -15.19
C ASP A 257 13.18 3.71 -16.13
N TRP A 258 13.89 3.14 -17.09
CA TRP A 258 13.31 2.19 -18.04
C TRP A 258 14.51 1.41 -18.52
N TYR A 259 15.05 0.59 -17.62
CA TYR A 259 16.25 -0.18 -17.94
C TYR A 259 16.02 -1.66 -18.22
N ALA A 260 16.94 -2.22 -19.01
CA ALA A 260 16.91 -3.63 -19.37
C ALA A 260 15.56 -4.04 -19.98
N ALA A 261 14.98 -3.15 -20.79
CA ALA A 261 13.70 -3.42 -21.41
C ALA A 261 13.73 -4.65 -22.30
N VAL A 262 12.60 -5.34 -22.37
CA VAL A 262 12.45 -6.52 -23.20
C VAL A 262 11.12 -6.41 -23.93
N THR A 263 11.07 -6.95 -25.14
CA THR A 263 9.86 -6.90 -25.93
C THR A 263 9.46 -8.33 -26.30
N TRP A 264 8.18 -8.53 -26.59
CA TRP A 264 7.71 -9.85 -26.99
C TRP A 264 6.46 -9.70 -27.86
N PRO A 265 6.24 -10.64 -28.79
CA PRO A 265 5.06 -10.53 -29.66
C PRO A 265 3.77 -10.73 -28.87
N SER A 266 2.76 -9.93 -29.19
CA SER A 266 1.47 -10.03 -28.51
C SER A 266 0.78 -11.29 -29.00
N ILE A 267 -0.21 -11.76 -28.25
CA ILE A 267 -0.95 -12.95 -28.63
C ILE A 267 -1.85 -12.71 -29.83
N ASP A 268 -2.61 -11.62 -29.78
CA ASP A 268 -3.55 -11.26 -30.82
C ASP A 268 -2.96 -10.82 -32.18
N ALA A 269 -1.71 -10.36 -32.19
CA ALA A 269 -1.09 -9.92 -33.43
C ALA A 269 0.42 -9.90 -33.25
N PRO A 270 1.05 -11.08 -33.20
CA PRO A 270 2.50 -11.23 -32.99
C PRO A 270 3.41 -10.56 -34.01
N GLU A 271 2.98 -10.45 -35.26
CA GLU A 271 3.81 -9.85 -36.29
C GLU A 271 3.75 -8.33 -36.38
N THR A 272 2.69 -7.71 -35.87
CA THR A 272 2.56 -6.26 -35.95
C THR A 272 2.58 -5.53 -34.61
N LYS A 273 2.14 -6.19 -33.55
CA LYS A 273 2.13 -5.57 -32.24
C LYS A 273 2.97 -6.32 -31.22
N ARG A 274 3.90 -5.62 -30.59
CA ARG A 274 4.73 -6.23 -29.57
C ARG A 274 4.45 -5.57 -28.23
N LEU A 275 4.69 -6.31 -27.16
CA LEU A 275 4.49 -5.77 -25.82
C LEU A 275 5.88 -5.54 -25.27
N ALA A 276 6.01 -4.62 -24.31
CA ALA A 276 7.30 -4.32 -23.74
C ALA A 276 7.17 -3.90 -22.28
N ILE A 277 8.15 -4.27 -21.48
CA ILE A 277 8.15 -3.92 -20.07
C ILE A 277 9.60 -3.71 -19.69
N ALA A 278 9.84 -2.89 -18.69
CA ALA A 278 11.21 -2.62 -18.26
C ALA A 278 11.32 -2.48 -16.75
N TRP A 279 12.53 -2.66 -16.25
CA TRP A 279 12.78 -2.50 -14.83
C TRP A 279 12.80 -0.99 -14.62
N MET A 280 12.03 -0.49 -13.65
CA MET A 280 12.02 0.94 -13.40
C MET A 280 13.07 1.32 -12.39
N ASN A 281 14.30 1.37 -12.84
CA ASN A 281 15.42 1.72 -11.99
C ASN A 281 16.55 2.21 -12.87
N ASN A 282 17.60 2.71 -12.25
CA ASN A 282 18.77 3.23 -12.98
C ASN A 282 20.00 2.90 -12.15
N TRP A 283 21.01 2.31 -12.79
CA TRP A 283 22.22 1.94 -12.07
C TRP A 283 22.99 3.08 -11.41
N LYS A 284 22.64 4.31 -11.73
CA LYS A 284 23.31 5.45 -11.10
C LYS A 284 23.01 5.44 -9.60
N TYR A 285 21.90 4.81 -9.23
CA TYR A 285 21.50 4.78 -7.84
C TYR A 285 20.73 3.52 -7.40
N ALA A 286 20.63 2.53 -8.28
CA ALA A 286 19.90 1.31 -7.96
C ALA A 286 20.38 0.60 -6.68
N ALA A 287 21.69 0.59 -6.47
CA ALA A 287 22.26 -0.07 -5.30
C ALA A 287 22.03 0.75 -4.03
N ARG A 288 20.83 0.65 -3.47
CA ARG A 288 20.49 1.40 -2.27
C ARG A 288 19.17 0.88 -1.76
N ASP A 289 18.81 1.26 -0.53
CA ASP A 289 17.53 0.84 0.01
C ASP A 289 16.50 1.86 -0.45
N VAL A 290 15.29 1.39 -0.67
CA VAL A 290 14.20 2.21 -1.15
C VAL A 290 13.09 2.24 -0.09
N PRO A 291 12.19 3.24 -0.14
CA PRO A 291 11.11 3.31 0.83
C PRO A 291 10.38 1.98 1.04
N THR A 292 10.06 1.29 -0.06
CA THR A 292 9.35 0.02 0.03
C THR A 292 10.12 -1.03 0.83
N ASP A 293 11.45 -0.89 0.91
CA ASP A 293 12.23 -1.84 1.68
C ASP A 293 11.70 -1.83 3.11
N ALA A 294 11.66 -0.63 3.71
CA ALA A 294 11.19 -0.47 5.08
C ALA A 294 9.69 -0.72 5.25
N SER A 295 8.89 -0.28 4.28
CA SER A 295 7.45 -0.43 4.37
C SER A 295 6.91 -1.80 3.97
N ASP A 296 7.57 -2.47 3.02
CA ASP A 296 7.07 -3.76 2.57
C ASP A 296 8.11 -4.85 2.35
N GLY A 297 9.38 -4.55 2.65
CA GLY A 297 10.41 -5.55 2.50
C GLY A 297 10.77 -5.95 1.07
N TYR A 298 10.56 -5.06 0.11
CA TYR A 298 10.91 -5.37 -1.28
C TYR A 298 11.51 -4.12 -1.94
N ASN A 299 12.30 -4.32 -2.98
CA ASN A 299 12.93 -3.19 -3.64
C ASN A 299 12.83 -3.31 -5.17
N GLY A 300 12.11 -2.38 -5.79
CA GLY A 300 11.97 -2.40 -7.23
C GLY A 300 10.64 -2.78 -7.83
N GLN A 301 10.30 -2.12 -8.93
CA GLN A 301 9.06 -2.41 -9.65
C GLN A 301 9.33 -2.32 -11.14
N ASN A 302 8.47 -2.94 -11.92
CA ASN A 302 8.60 -2.90 -13.36
C ASN A 302 7.74 -1.76 -13.88
N SER A 303 7.96 -1.38 -15.12
CA SER A 303 7.18 -0.30 -15.72
C SER A 303 5.82 -0.87 -16.11
N ILE A 304 4.95 0.01 -16.60
CA ILE A 304 3.66 -0.43 -17.07
C ILE A 304 4.03 -1.16 -18.35
N VAL A 305 3.20 -2.11 -18.77
CA VAL A 305 3.48 -2.80 -20.02
C VAL A 305 2.96 -1.88 -21.13
N ARG A 306 3.74 -1.74 -22.20
CA ARG A 306 3.34 -0.89 -23.31
C ARG A 306 3.23 -1.70 -24.59
N GLU A 307 2.49 -1.17 -25.55
CA GLU A 307 2.31 -1.80 -26.85
C GLU A 307 3.16 -1.02 -27.83
N LEU A 308 3.81 -1.74 -28.75
CA LEU A 308 4.68 -1.11 -29.75
C LEU A 308 4.25 -1.51 -31.15
N ARG A 309 4.44 -0.59 -32.10
CA ARG A 309 4.13 -0.85 -33.50
C ARG A 309 5.12 -0.02 -34.31
N LEU A 310 5.43 -0.47 -35.51
CA LEU A 310 6.39 0.22 -36.37
C LEU A 310 5.67 1.02 -37.44
N ALA A 311 5.87 2.33 -37.45
CA ALA A 311 5.23 3.22 -38.41
C ALA A 311 6.20 3.79 -39.43
N ARG A 312 5.80 3.76 -40.70
CA ARG A 312 6.64 4.30 -41.76
C ARG A 312 6.66 5.82 -41.68
N GLN A 313 7.81 6.40 -41.99
CA GLN A 313 7.99 7.86 -41.97
C GLN A 313 8.37 8.36 -43.36
N PRO A 314 8.08 9.63 -43.66
CA PRO A 314 8.44 10.14 -44.99
C PRO A 314 9.94 9.93 -45.18
N GLY A 315 10.34 9.53 -46.38
CA GLY A 315 11.75 9.30 -46.60
C GLY A 315 12.10 7.82 -46.60
N GLY A 316 11.17 6.99 -46.12
CA GLY A 316 11.41 5.56 -46.10
C GLY A 316 11.97 4.95 -44.84
N TRP A 317 12.04 5.69 -43.74
CA TRP A 317 12.52 5.10 -42.50
C TRP A 317 11.33 4.75 -41.60
N TYR A 318 11.57 3.96 -40.56
CA TYR A 318 10.52 3.53 -39.66
C TYR A 318 10.83 3.80 -38.21
N THR A 319 9.78 4.05 -37.42
CA THR A 319 9.97 4.33 -36.01
C THR A 319 8.90 3.65 -35.17
N LEU A 320 9.26 3.29 -33.94
CA LEU A 320 8.32 2.63 -33.04
C LEU A 320 7.46 3.64 -32.32
N LEU A 321 6.22 3.28 -32.05
CA LEU A 321 5.29 4.14 -31.32
C LEU A 321 4.86 3.37 -30.09
N SER A 322 4.67 4.07 -28.98
CA SER A 322 4.30 3.43 -27.71
C SER A 322 2.95 3.84 -27.14
N THR A 323 2.28 2.90 -26.51
CA THR A 323 1.02 3.18 -25.86
C THR A 323 0.78 2.18 -24.71
N PRO A 324 0.18 2.65 -23.60
CA PRO A 324 -0.08 1.77 -22.47
C PRO A 324 -0.93 0.58 -22.89
N VAL A 325 -0.65 -0.59 -22.33
CA VAL A 325 -1.42 -1.77 -22.71
C VAL A 325 -2.91 -1.45 -22.56
N ALA A 326 -3.68 -1.75 -23.61
CA ALA A 326 -5.10 -1.47 -23.63
C ALA A 326 -5.86 -2.03 -22.43
N ALA A 327 -5.47 -3.23 -21.99
CA ALA A 327 -6.11 -3.89 -20.86
C ALA A 327 -6.15 -3.06 -19.58
N LEU A 328 -5.28 -2.07 -19.46
CA LEU A 328 -5.26 -1.26 -18.25
C LEU A 328 -6.63 -0.64 -17.99
N THR A 329 -7.37 -0.41 -19.06
CA THR A 329 -8.68 0.19 -18.98
C THR A 329 -9.63 -0.63 -18.11
N ASN A 330 -9.38 -1.94 -18.02
CA ASN A 330 -10.23 -2.81 -17.22
C ASN A 330 -10.03 -2.65 -15.72
N TYR A 331 -9.08 -1.83 -15.31
CA TYR A 331 -8.85 -1.64 -13.89
C TYR A 331 -9.26 -0.25 -13.45
N VAL A 332 -9.93 0.48 -14.33
CA VAL A 332 -10.39 1.83 -14.02
C VAL A 332 -11.67 1.75 -13.16
N THR A 333 -11.59 2.27 -11.94
CA THR A 333 -12.72 2.23 -11.01
C THR A 333 -13.56 3.50 -10.96
N ALA A 334 -13.06 4.58 -11.54
CA ALA A 334 -13.80 5.84 -11.55
C ALA A 334 -13.22 6.76 -12.60
N THR A 335 -14.08 7.56 -13.22
CA THR A 335 -13.65 8.47 -14.27
C THR A 335 -14.16 9.88 -14.00
N THR A 336 -13.23 10.79 -13.79
CA THR A 336 -13.58 12.18 -13.50
C THR A 336 -13.18 13.15 -14.60
N THR A 337 -14.14 13.90 -15.11
CA THR A 337 -13.82 14.91 -16.12
C THR A 337 -13.94 16.25 -15.38
N LEU A 338 -13.07 17.18 -15.72
CA LEU A 338 -13.06 18.49 -15.12
C LEU A 338 -13.25 19.50 -16.24
N PRO A 339 -13.98 20.60 -15.98
CA PRO A 339 -14.25 21.65 -16.97
C PRO A 339 -12.98 22.25 -17.55
N ASP A 340 -13.00 22.60 -18.83
CA ASP A 340 -11.83 23.22 -19.45
C ASP A 340 -11.58 24.51 -18.69
N ARG A 341 -10.34 24.99 -18.72
CA ARG A 341 -10.04 26.22 -18.02
C ARG A 341 -8.77 26.86 -18.54
N THR A 342 -8.73 28.18 -18.46
CA THR A 342 -7.56 28.93 -18.88
C THR A 342 -6.86 29.33 -17.59
N VAL A 343 -5.54 29.19 -17.54
CA VAL A 343 -4.83 29.60 -16.35
C VAL A 343 -3.58 30.39 -16.74
N ASP A 344 -3.34 31.45 -15.97
CA ASP A 344 -2.18 32.31 -16.18
C ASP A 344 -1.53 32.37 -14.81
N GLY A 345 -0.48 31.57 -14.63
CA GLY A 345 0.19 31.51 -13.36
C GLY A 345 0.06 30.07 -12.88
N SER A 346 -0.90 29.80 -12.00
CA SER A 346 -1.11 28.45 -11.52
C SER A 346 -2.49 28.25 -10.91
N ALA A 347 -2.96 27.02 -10.91
CA ALA A 347 -4.27 26.67 -10.37
C ALA A 347 -4.25 25.24 -9.86
N VAL A 348 -4.88 25.01 -8.72
CA VAL A 348 -4.95 23.68 -8.15
C VAL A 348 -6.26 23.04 -8.59
N LEU A 349 -6.18 21.82 -9.13
CA LEU A 349 -7.37 21.12 -9.58
C LEU A 349 -8.10 20.53 -8.39
N PRO A 350 -9.44 20.52 -8.43
CA PRO A 350 -10.23 19.97 -7.32
C PRO A 350 -10.33 18.45 -7.39
N TRP A 351 -9.18 17.78 -7.27
CA TRP A 351 -9.12 16.32 -7.31
C TRP A 351 -7.83 15.84 -6.64
N ASN A 352 -7.90 14.69 -5.96
CA ASN A 352 -6.74 14.13 -5.29
C ASN A 352 -6.73 12.61 -5.45
N GLY A 353 -5.54 12.03 -5.51
CA GLY A 353 -5.42 10.60 -5.65
C GLY A 353 -3.97 10.19 -5.76
N ARG A 354 -3.69 8.90 -5.67
CA ARG A 354 -2.32 8.42 -5.75
C ARG A 354 -2.03 7.44 -6.90
N ALA A 355 -3.08 6.84 -7.46
CA ALA A 355 -2.91 5.88 -8.55
C ALA A 355 -3.97 6.15 -9.60
N TYR A 356 -3.56 6.76 -10.69
CA TYR A 356 -4.51 7.10 -11.72
C TYR A 356 -3.80 7.44 -13.01
N GLU A 357 -4.62 7.74 -14.01
CA GLU A 357 -4.12 8.14 -15.31
C GLU A 357 -4.82 9.45 -15.61
N ILE A 358 -4.07 10.47 -15.99
CA ILE A 358 -4.70 11.74 -16.33
C ILE A 358 -4.32 12.12 -17.76
N GLU A 359 -5.33 12.49 -18.54
CA GLU A 359 -5.13 12.90 -19.92
C GLU A 359 -5.64 14.33 -20.04
N LEU A 360 -4.99 15.11 -20.90
CA LEU A 360 -5.39 16.49 -21.10
C LEU A 360 -4.64 17.07 -22.28
N ASP A 361 -5.15 18.20 -22.77
CA ASP A 361 -4.53 18.91 -23.87
C ASP A 361 -4.19 20.28 -23.34
N ILE A 362 -3.10 20.84 -23.82
CA ILE A 362 -2.70 22.17 -23.40
C ILE A 362 -2.41 22.95 -24.67
N ALA A 363 -2.90 24.18 -24.72
CA ALA A 363 -2.66 25.04 -25.86
C ALA A 363 -2.28 26.42 -25.35
N TRP A 364 -1.30 27.05 -25.98
CA TRP A 364 -0.87 28.38 -25.55
C TRP A 364 -0.34 29.20 -26.71
N ASP A 365 0.17 30.39 -26.41
CA ASP A 365 0.71 31.25 -27.45
C ASP A 365 2.06 31.84 -27.08
N THR A 366 2.06 32.86 -26.23
CA THR A 366 3.28 33.51 -25.82
C THR A 366 3.96 32.87 -24.62
N ALA A 367 3.22 32.03 -23.89
CA ALA A 367 3.76 31.35 -22.71
C ALA A 367 5.08 30.65 -23.03
N THR A 368 6.07 30.81 -22.16
CA THR A 368 7.37 30.18 -22.36
C THR A 368 7.49 28.89 -21.57
N ASN A 369 6.45 28.58 -20.79
CA ASN A 369 6.46 27.35 -20.01
C ASN A 369 5.03 27.04 -19.56
N VAL A 370 4.60 25.81 -19.82
CA VAL A 370 3.27 25.36 -19.42
C VAL A 370 3.46 23.95 -18.91
N GLY A 371 2.61 23.54 -17.98
CA GLY A 371 2.73 22.20 -17.45
C GLY A 371 1.70 21.86 -16.40
N ILE A 372 1.86 20.66 -15.86
CA ILE A 372 0.97 20.15 -14.84
C ILE A 372 1.84 19.52 -13.76
N SER A 373 1.44 19.69 -12.50
CA SER A 373 2.18 19.12 -11.38
C SER A 373 1.36 18.02 -10.72
N VAL A 374 1.96 16.85 -10.56
CA VAL A 374 1.28 15.73 -9.92
C VAL A 374 1.97 15.40 -8.59
N GLY A 375 1.29 14.65 -7.74
CA GLY A 375 1.84 14.28 -6.45
C GLY A 375 2.07 15.51 -5.60
N ARG A 376 1.22 16.52 -5.80
CA ARG A 376 1.34 17.78 -5.07
C ARG A 376 0.84 17.69 -3.63
N SER A 377 1.72 18.00 -2.68
CA SER A 377 1.36 17.98 -1.27
C SER A 377 0.62 19.28 -0.97
N PRO A 378 -0.42 19.22 -0.13
CA PRO A 378 -1.14 20.47 0.17
C PRO A 378 -0.29 21.57 0.80
N ASP A 379 0.88 21.24 1.35
CA ASP A 379 1.71 22.27 1.96
C ASP A 379 2.44 23.04 0.85
N GLY A 380 2.31 22.56 -0.39
CA GLY A 380 2.93 23.21 -1.52
C GLY A 380 4.41 22.95 -1.78
N THR A 381 5.06 22.15 -0.93
CA THR A 381 6.48 21.89 -1.08
C THR A 381 6.86 20.73 -2.00
N ARG A 382 5.96 19.77 -2.17
CA ARG A 382 6.26 18.61 -3.00
C ARG A 382 5.39 18.47 -4.23
N HIS A 383 6.00 18.02 -5.32
CA HIS A 383 5.32 17.83 -6.58
C HIS A 383 6.29 17.48 -7.69
N THR A 384 5.77 16.85 -8.75
CA THR A 384 6.56 16.49 -9.92
C THR A 384 5.95 17.28 -11.07
N ASN A 385 6.80 18.03 -11.76
CA ASN A 385 6.37 18.89 -12.86
C ASN A 385 6.54 18.28 -14.24
N ILE A 386 5.48 18.32 -15.04
CA ILE A 386 5.51 17.79 -16.40
C ILE A 386 5.05 18.92 -17.30
N GLY A 387 5.93 19.39 -18.18
CA GLY A 387 5.54 20.47 -19.05
C GLY A 387 6.34 20.62 -20.33
N LYS A 388 6.11 21.73 -21.01
CA LYS A 388 6.80 22.02 -22.26
C LYS A 388 7.57 23.32 -22.10
N TYR A 389 8.85 23.28 -22.44
CA TYR A 389 9.72 24.46 -22.36
C TYR A 389 10.78 24.34 -23.45
N GLY A 390 10.89 25.36 -24.28
CA GLY A 390 11.87 25.34 -25.35
C GLY A 390 11.61 24.16 -26.28
N ALA A 391 12.62 23.31 -26.44
CA ALA A 391 12.46 22.14 -27.30
C ALA A 391 12.31 20.87 -26.46
N ASP A 392 11.92 21.05 -25.20
CA ASP A 392 11.77 19.93 -24.29
C ASP A 392 10.38 19.70 -23.72
N LEU A 393 10.00 18.43 -23.64
CA LEU A 393 8.75 18.03 -22.99
C LEU A 393 9.44 17.36 -21.81
N TYR A 394 9.50 18.08 -20.69
CA TYR A 394 10.21 17.60 -19.50
C TYR A 394 9.37 17.04 -18.38
N VAL A 395 10.03 16.27 -17.53
CA VAL A 395 9.42 15.71 -16.33
C VAL A 395 10.46 15.97 -15.25
N ASP A 396 10.13 16.88 -14.32
CA ASP A 396 11.04 17.25 -13.24
C ASP A 396 10.55 16.71 -11.90
N ARG A 397 11.20 15.65 -11.41
CA ARG A 397 10.83 15.05 -10.13
C ARG A 397 11.61 15.64 -8.95
N GLY A 398 12.44 16.65 -9.23
CA GLY A 398 13.22 17.26 -8.17
C GLY A 398 12.45 17.68 -6.93
N PRO A 399 11.34 18.41 -7.08
CA PRO A 399 10.55 18.84 -5.93
C PRO A 399 9.91 17.69 -5.16
N SER A 400 10.12 16.46 -5.65
CA SER A 400 9.56 15.28 -4.99
C SER A 400 10.63 14.46 -4.29
N ASP A 401 11.88 14.94 -4.35
CA ASP A 401 12.98 14.24 -3.69
C ASP A 401 12.55 14.01 -2.24
N LEU A 402 12.75 12.79 -1.76
CA LEU A 402 12.36 12.42 -0.42
C LEU A 402 13.60 12.26 0.46
N ALA A 403 13.58 12.91 1.63
CA ALA A 403 14.68 12.85 2.57
C ALA A 403 15.09 11.40 2.86
N GLY A 404 16.37 11.10 2.63
CA GLY A 404 16.86 9.76 2.88
C GLY A 404 16.76 8.87 1.64
N TYR A 405 16.22 9.41 0.56
CA TYR A 405 16.06 8.66 -0.68
C TYR A 405 16.14 9.55 -1.91
N SER A 406 16.75 10.73 -1.75
CA SER A 406 16.87 11.68 -2.84
C SER A 406 17.38 11.08 -4.14
N LEU A 407 16.76 11.48 -5.25
CA LEU A 407 17.17 11.00 -6.57
C LEU A 407 18.10 12.02 -7.20
N ALA A 408 18.37 13.11 -6.49
CA ALA A 408 19.27 14.15 -6.99
C ALA A 408 20.62 13.52 -7.33
N PRO A 409 21.31 14.05 -8.34
CA PRO A 409 20.97 15.20 -9.20
C PRO A 409 20.12 14.85 -10.41
N TYR A 410 19.68 13.60 -10.51
CA TYR A 410 18.88 13.17 -11.67
C TYR A 410 17.42 13.53 -11.49
N SER A 411 17.13 14.82 -11.66
CA SER A 411 15.78 15.34 -11.46
C SER A 411 14.97 15.69 -12.70
N ARG A 412 15.58 16.40 -13.64
CA ARG A 412 14.86 16.81 -14.85
C ARG A 412 15.16 15.98 -16.09
N ALA A 413 14.20 15.16 -16.49
CA ALA A 413 14.35 14.34 -17.67
C ALA A 413 13.65 15.10 -18.79
N ALA A 414 14.01 14.82 -20.04
CA ALA A 414 13.35 15.52 -21.13
C ALA A 414 13.39 14.80 -22.45
N ALA A 415 12.29 14.90 -23.18
CA ALA A 415 12.17 14.28 -24.49
C ALA A 415 12.14 15.44 -25.47
N PRO A 416 12.64 15.23 -26.69
CA PRO A 416 12.62 16.34 -27.65
C PRO A 416 11.21 16.60 -28.14
N ILE A 417 10.89 17.87 -28.34
CA ILE A 417 9.59 18.24 -28.85
C ILE A 417 9.82 19.47 -29.72
N ASP A 418 9.05 19.59 -30.80
CA ASP A 418 9.23 20.73 -31.69
C ASP A 418 9.11 22.04 -30.91
N PRO A 419 10.19 22.83 -30.92
CA PRO A 419 10.19 24.12 -30.20
C PRO A 419 9.07 25.05 -30.66
N GLY A 420 8.55 24.80 -31.87
CA GLY A 420 7.47 25.64 -32.37
C GLY A 420 6.09 25.16 -31.95
N ALA A 421 6.03 24.03 -31.25
CA ALA A 421 4.75 23.50 -30.81
C ALA A 421 4.04 24.49 -29.88
N ARG A 422 2.74 24.67 -30.08
CA ARG A 422 1.97 25.59 -29.26
C ARG A 422 0.81 24.87 -28.57
N SER A 423 0.86 23.54 -28.61
CA SER A 423 -0.14 22.70 -27.95
C SER A 423 0.48 21.32 -27.80
N VAL A 424 -0.07 20.52 -26.91
CA VAL A 424 0.45 19.17 -26.71
C VAL A 424 -0.59 18.33 -25.99
N HIS A 425 -0.56 17.03 -26.26
CA HIS A 425 -1.47 16.13 -25.60
C HIS A 425 -0.64 15.25 -24.68
N LEU A 426 -1.14 15.07 -23.45
CA LEU A 426 -0.42 14.28 -22.47
C LEU A 426 -1.30 13.22 -21.82
N ARG A 427 -0.71 12.04 -21.64
CA ARG A 427 -1.36 10.94 -20.97
C ARG A 427 -0.34 10.56 -19.90
N ILE A 428 -0.69 10.82 -18.65
CA ILE A 428 0.21 10.56 -17.55
C ILE A 428 -0.28 9.50 -16.58
N LEU A 429 0.54 8.48 -16.38
CA LEU A 429 0.22 7.40 -15.45
C LEU A 429 0.92 7.65 -14.12
N VAL A 430 0.13 7.85 -13.08
CA VAL A 430 0.66 8.09 -11.74
C VAL A 430 0.37 6.92 -10.80
N ASP A 431 1.40 6.42 -10.14
CA ASP A 431 1.22 5.34 -9.16
C ASP A 431 1.99 5.76 -7.90
N THR A 432 1.94 4.96 -6.85
CA THR A 432 2.60 5.35 -5.59
C THR A 432 4.11 5.62 -5.63
N GLN A 433 4.81 5.01 -6.58
CA GLN A 433 6.25 5.20 -6.65
C GLN A 433 6.74 5.48 -8.07
N SER A 434 5.86 6.03 -8.92
CA SER A 434 6.28 6.32 -10.29
C SER A 434 5.39 7.28 -11.08
N VAL A 435 5.94 7.78 -12.18
CA VAL A 435 5.26 8.68 -13.11
C VAL A 435 5.73 8.30 -14.51
N GLU A 436 4.78 7.98 -15.39
CA GLU A 436 5.09 7.62 -16.76
C GLU A 436 4.28 8.52 -17.68
N VAL A 437 5.00 9.28 -18.52
CA VAL A 437 4.38 10.23 -19.43
C VAL A 437 4.41 9.82 -20.90
N PHE A 438 3.24 9.59 -21.49
CA PHE A 438 3.16 9.26 -22.91
C PHE A 438 2.76 10.55 -23.62
N VAL A 439 3.69 11.06 -24.44
CA VAL A 439 3.48 12.32 -25.15
C VAL A 439 2.82 12.17 -26.51
N ASN A 440 1.81 13.00 -26.76
CA ASN A 440 1.12 12.99 -28.03
C ASN A 440 0.75 11.60 -28.53
N ALA A 441 1.26 11.22 -29.70
CA ALA A 441 0.95 9.91 -30.27
C ALA A 441 1.87 8.79 -29.82
N GLY A 442 2.61 9.01 -28.74
CA GLY A 442 3.48 7.98 -28.22
C GLY A 442 4.85 7.80 -28.86
N HIS A 443 5.33 8.78 -29.62
CA HIS A 443 6.66 8.64 -30.21
C HIS A 443 7.70 8.85 -29.10
N THR A 444 7.34 9.69 -28.12
CA THR A 444 8.22 9.96 -26.99
C THR A 444 7.49 9.60 -25.69
N VAL A 445 8.23 8.93 -24.80
CA VAL A 445 7.71 8.51 -23.51
C VAL A 445 8.76 8.80 -22.44
N LEU A 446 8.34 9.15 -21.24
CA LEU A 446 9.27 9.40 -20.14
C LEU A 446 8.81 8.63 -18.92
N SER A 447 9.63 7.66 -18.50
CA SER A 447 9.30 6.84 -17.33
C SER A 447 10.28 7.09 -16.21
N GLN A 448 9.77 7.33 -15.01
CA GLN A 448 10.64 7.59 -13.87
C GLN A 448 10.01 7.17 -12.57
N GLN A 449 10.82 6.70 -11.63
CA GLN A 449 10.29 6.36 -10.33
C GLN A 449 10.35 7.67 -9.55
N VAL A 450 9.33 7.90 -8.74
CA VAL A 450 9.27 9.10 -7.90
C VAL A 450 8.85 8.59 -6.53
N HIS A 451 9.53 9.03 -5.48
CA HIS A 451 9.18 8.58 -4.14
C HIS A 451 8.16 9.50 -3.49
N PHE A 452 6.90 9.31 -3.86
CA PHE A 452 5.82 10.12 -3.32
C PHE A 452 5.56 9.80 -1.85
N ALA A 453 5.14 10.81 -1.12
CA ALA A 453 4.82 10.64 0.30
C ALA A 453 3.32 10.41 0.36
N GLU A 454 2.84 9.90 1.49
CA GLU A 454 1.42 9.61 1.65
C GLU A 454 0.50 10.76 1.22
N GLY A 455 0.85 11.98 1.61
CA GLY A 455 0.03 13.13 1.26
C GLY A 455 0.26 13.79 -0.08
N ASP A 456 1.17 13.25 -0.91
CA ASP A 456 1.43 13.82 -2.24
C ASP A 456 0.30 13.36 -3.16
N THR A 457 -0.85 14.02 -3.06
CA THR A 457 -2.03 13.62 -3.83
C THR A 457 -2.65 14.63 -4.79
N GLY A 458 -2.30 15.91 -4.64
CA GLY A 458 -2.90 16.93 -5.49
C GLY A 458 -2.38 17.05 -6.91
N ILE A 459 -3.03 17.90 -7.68
CA ILE A 459 -2.66 18.18 -9.06
C ILE A 459 -2.88 19.67 -9.32
N SER A 460 -1.92 20.31 -9.97
CA SER A 460 -2.07 21.73 -10.29
C SER A 460 -1.63 22.00 -11.72
N LEU A 461 -2.10 23.13 -12.25
CA LEU A 461 -1.74 23.55 -13.60
C LEU A 461 -0.96 24.84 -13.48
N TYR A 462 0.01 25.05 -14.37
CA TYR A 462 0.81 26.26 -14.31
C TYR A 462 1.32 26.73 -15.67
N THR A 463 1.61 28.02 -15.76
CA THR A 463 2.13 28.63 -16.98
C THR A 463 3.10 29.74 -16.56
N ASP A 464 3.99 30.11 -17.47
CA ASP A 464 4.96 31.17 -17.26
C ASP A 464 5.02 31.97 -18.55
N GLY A 465 4.76 33.27 -18.48
CA GLY A 465 4.84 34.12 -19.65
C GLY A 465 3.58 34.24 -20.50
N GLY A 466 2.44 33.83 -19.95
CA GLY A 466 1.21 33.91 -20.71
C GLY A 466 0.21 32.85 -20.30
N PRO A 467 -1.07 33.02 -20.66
CA PRO A 467 -2.09 32.03 -20.29
C PRO A 467 -2.08 30.83 -21.22
N ALA A 468 -2.63 29.73 -20.74
CA ALA A 468 -2.73 28.52 -21.54
C ALA A 468 -4.12 27.96 -21.28
N HIS A 469 -4.67 27.29 -22.29
CA HIS A 469 -6.00 26.70 -22.18
C HIS A 469 -5.82 25.21 -21.95
N PHE A 470 -6.29 24.74 -20.80
CA PHE A 470 -6.22 23.32 -20.45
C PHE A 470 -7.58 22.69 -20.71
N THR A 471 -7.63 21.77 -21.68
CA THR A 471 -8.89 21.12 -22.04
C THR A 471 -8.85 19.60 -22.09
N GLY A 472 -10.04 19.00 -22.21
CA GLY A 472 -10.16 17.56 -22.28
C GLY A 472 -9.54 16.88 -21.07
N ILE A 473 -9.68 17.51 -19.92
CA ILE A 473 -9.12 16.96 -18.70
C ILE A 473 -9.96 15.80 -18.17
N VAL A 474 -9.37 14.61 -18.14
CA VAL A 474 -10.05 13.43 -17.62
C VAL A 474 -9.08 12.63 -16.76
N VAL A 475 -9.53 12.28 -15.56
CA VAL A 475 -8.71 11.53 -14.61
C VAL A 475 -9.35 10.15 -14.37
N ARG A 476 -8.61 9.09 -14.66
CA ARG A 476 -9.13 7.75 -14.45
C ARG A 476 -8.42 7.08 -13.29
N GLU A 477 -9.14 6.93 -12.18
CA GLU A 477 -8.58 6.29 -11.01
C GLU A 477 -8.41 4.81 -11.33
N ILE A 478 -7.30 4.23 -10.90
CA ILE A 478 -7.01 2.84 -11.17
C ILE A 478 -6.89 2.04 -9.88
N GLY A 479 -7.54 0.88 -9.88
CA GLY A 479 -7.49 0.00 -8.72
C GLY A 479 -6.73 -1.23 -9.16
N GLN A 480 -6.08 -1.92 -8.24
CA GLN A 480 -5.34 -3.11 -8.61
C GLN A 480 -6.31 -4.21 -9.02
N ALA A 481 -5.79 -5.40 -9.31
CA ALA A 481 -6.60 -6.55 -9.72
C ALA A 481 -8.11 -6.34 -9.54
N ALA B 2 1.81 -56.57 -9.40
CA ALA B 2 2.08 -56.91 -7.97
C ALA B 2 1.00 -56.31 -7.09
N VAL B 3 0.41 -57.11 -6.22
CA VAL B 3 -0.64 -56.62 -5.34
C VAL B 3 -0.10 -55.79 -4.18
N TYR B 4 0.95 -56.26 -3.52
CA TYR B 4 1.49 -55.50 -2.40
C TYR B 4 2.99 -55.27 -2.40
N HIS B 5 3.58 -55.14 -3.60
CA HIS B 5 5.00 -54.87 -3.74
C HIS B 5 5.14 -53.60 -4.57
N MET B 6 6.10 -52.76 -4.21
CA MET B 6 6.27 -51.53 -4.95
C MET B 6 6.69 -51.74 -6.39
N THR B 7 6.01 -51.03 -7.27
CA THR B 7 6.23 -51.08 -8.70
C THR B 7 6.19 -49.64 -9.23
N PRO B 8 6.99 -49.33 -10.26
CA PRO B 8 6.96 -47.96 -10.80
C PRO B 8 5.76 -47.85 -11.72
N PRO B 9 5.10 -46.67 -11.76
CA PRO B 9 3.94 -46.48 -12.63
C PRO B 9 4.18 -47.00 -14.04
N SER B 10 5.41 -46.81 -14.53
CA SER B 10 5.80 -47.28 -15.85
C SER B 10 7.32 -47.25 -15.97
N GLY B 11 7.85 -47.96 -16.97
CA GLY B 11 9.28 -47.97 -17.16
C GLY B 11 10.09 -48.98 -16.35
N TRP B 12 11.39 -48.73 -16.31
CA TRP B 12 12.35 -49.59 -15.64
C TRP B 12 12.73 -49.14 -14.24
N LEU B 13 12.43 -50.00 -13.27
CA LEU B 13 12.77 -49.74 -11.87
C LEU B 13 14.13 -50.38 -11.62
N CYS B 14 14.95 -49.71 -10.83
CA CYS B 14 16.28 -50.24 -10.50
C CYS B 14 16.60 -49.90 -9.04
N ASN B 15 17.88 -49.92 -8.69
CA ASN B 15 18.35 -49.65 -7.32
C ASN B 15 17.58 -48.67 -6.43
N PRO B 16 17.09 -49.14 -5.28
CA PRO B 16 16.37 -48.22 -4.39
C PRO B 16 17.44 -47.40 -3.68
N GLN B 17 17.09 -46.20 -3.23
CA GLN B 17 18.03 -45.35 -2.52
C GLN B 17 17.50 -45.19 -1.09
N ARG B 18 18.40 -45.22 -0.12
CA ARG B 18 18.00 -45.11 1.28
C ARG B 18 17.02 -43.97 1.55
N PRO B 19 15.83 -44.31 2.06
CA PRO B 19 14.79 -43.33 2.36
C PRO B 19 15.17 -42.36 3.46
N VAL B 20 14.67 -41.13 3.39
CA VAL B 20 14.91 -40.16 4.44
C VAL B 20 13.54 -39.96 5.11
N THR B 21 13.53 -39.48 6.34
CA THR B 21 12.26 -39.28 7.04
C THR B 21 11.87 -37.80 7.10
N THR B 22 10.84 -37.43 6.35
CA THR B 22 10.35 -36.05 6.36
C THR B 22 8.83 -36.03 6.24
N HIS B 23 8.23 -34.94 6.70
CA HIS B 23 6.78 -34.79 6.63
C HIS B 23 6.06 -36.02 7.15
N GLY B 24 6.54 -36.55 8.26
CA GLY B 24 5.93 -37.72 8.88
C GLY B 24 5.82 -38.98 8.03
N ALA B 25 6.77 -39.18 7.12
CA ALA B 25 6.75 -40.37 6.27
C ALA B 25 8.14 -40.69 5.73
N TYR B 26 8.26 -41.82 5.05
CA TYR B 26 9.53 -42.24 4.49
C TYR B 26 9.57 -41.81 3.03
N GLN B 27 10.59 -41.04 2.66
CA GLN B 27 10.73 -40.62 1.29
C GLN B 27 11.71 -41.57 0.61
N LEU B 28 11.19 -42.51 -0.17
CA LEU B 28 12.03 -43.47 -0.89
C LEU B 28 12.37 -42.94 -2.27
N TYR B 29 13.63 -43.11 -2.67
CA TYR B 29 14.04 -42.70 -4.01
C TYR B 29 14.50 -43.98 -4.68
N TYR B 30 14.54 -43.98 -6.00
CA TYR B 30 14.98 -45.17 -6.71
C TYR B 30 15.37 -44.85 -8.14
N LEU B 31 16.36 -45.58 -8.64
CA LEU B 31 16.81 -45.38 -10.01
C LEU B 31 15.68 -45.78 -10.94
N HIS B 32 15.46 -44.98 -11.96
CA HIS B 32 14.41 -45.26 -12.92
C HIS B 32 14.82 -44.78 -14.31
N SER B 33 14.51 -45.60 -15.32
CA SER B 33 14.83 -45.27 -16.70
C SER B 33 13.57 -45.49 -17.53
N ASP B 34 13.48 -44.83 -18.69
CA ASP B 34 12.31 -45.01 -19.54
C ASP B 34 12.51 -46.28 -20.35
N GLN B 35 13.76 -46.64 -20.59
CA GLN B 35 14.07 -47.85 -21.34
C GLN B 35 14.67 -48.87 -20.38
N ASN B 36 14.32 -50.14 -20.57
CA ASN B 36 14.84 -51.17 -19.70
C ASN B 36 16.36 -51.18 -19.79
N ASN B 37 17.01 -51.06 -18.65
CA ASN B 37 18.46 -51.05 -18.57
C ASN B 37 19.12 -49.88 -19.30
N GLY B 38 18.35 -48.80 -19.49
CA GLY B 38 18.88 -47.63 -20.17
C GLY B 38 19.27 -46.55 -19.17
N PRO B 39 19.74 -45.39 -19.63
CA PRO B 39 20.13 -44.29 -18.74
C PRO B 39 18.90 -43.71 -18.03
N GLY B 40 19.07 -43.28 -16.78
CA GLY B 40 17.95 -42.73 -16.05
C GLY B 40 18.39 -41.83 -14.90
N GLY B 41 17.53 -41.67 -13.92
CA GLY B 41 17.86 -40.83 -12.77
C GLY B 41 17.12 -41.30 -11.54
N TRP B 42 16.90 -40.40 -10.59
CA TRP B 42 16.19 -40.71 -9.34
C TRP B 42 14.72 -40.31 -9.36
N ASP B 43 13.85 -41.28 -9.10
CA ASP B 43 12.43 -41.02 -9.02
C ASP B 43 12.08 -41.04 -7.54
N HIS B 44 10.90 -40.52 -7.19
CA HIS B 44 10.49 -40.38 -5.79
C HIS B 44 9.15 -41.05 -5.44
N ALA B 45 9.09 -41.63 -4.25
CA ALA B 45 7.87 -42.26 -3.77
C ALA B 45 7.79 -42.11 -2.26
N SER B 46 6.58 -41.83 -1.77
CA SER B 46 6.38 -41.65 -0.34
C SER B 46 5.62 -42.83 0.25
N THR B 47 5.91 -43.14 1.50
CA THR B 47 5.23 -44.21 2.21
C THR B 47 5.23 -43.87 3.69
N THR B 48 4.08 -44.07 4.34
CA THR B 48 3.98 -43.79 5.75
C THR B 48 4.07 -45.07 6.58
N ASP B 49 3.75 -46.20 5.98
CA ASP B 49 3.80 -47.48 6.70
C ASP B 49 4.78 -48.51 6.16
N GLY B 50 5.42 -48.20 5.04
CA GLY B 50 6.37 -49.14 4.46
C GLY B 50 5.75 -50.20 3.57
N VAL B 51 4.45 -50.07 3.29
CA VAL B 51 3.75 -51.04 2.45
C VAL B 51 3.20 -50.37 1.20
N ALA B 52 2.35 -49.36 1.40
CA ALA B 52 1.74 -48.63 0.30
C ALA B 52 2.60 -47.42 -0.05
N PHE B 53 2.90 -47.27 -1.34
CA PHE B 53 3.72 -46.15 -1.81
C PHE B 53 2.96 -45.18 -2.72
N THR B 54 3.25 -43.90 -2.57
CA THR B 54 2.65 -42.86 -3.40
C THR B 54 3.78 -42.31 -4.26
N HIS B 55 3.68 -42.51 -5.57
CA HIS B 55 4.71 -42.06 -6.49
C HIS B 55 4.58 -40.59 -6.88
N HIS B 56 5.72 -39.89 -6.88
CA HIS B 56 5.77 -38.46 -7.20
C HIS B 56 6.57 -38.12 -8.44
N GLY B 57 7.10 -39.12 -9.13
CA GLY B 57 7.87 -38.83 -10.33
C GLY B 57 9.34 -38.55 -10.09
N THR B 58 10.00 -38.01 -11.12
CA THR B 58 11.43 -37.70 -11.08
C THR B 58 11.83 -36.51 -10.21
N VAL B 59 12.96 -36.62 -9.51
CA VAL B 59 13.47 -35.54 -8.67
C VAL B 59 14.90 -35.18 -9.06
N MET B 60 15.63 -36.14 -9.61
CA MET B 60 17.01 -35.93 -10.06
C MET B 60 17.10 -36.61 -11.42
N PRO B 61 16.62 -35.90 -12.46
CA PRO B 61 16.58 -36.34 -13.85
C PRO B 61 17.85 -36.66 -14.59
N LEU B 62 17.70 -37.51 -15.59
CA LEU B 62 18.77 -37.88 -16.47
C LEU B 62 18.96 -36.63 -17.31
N ARG B 63 20.20 -36.36 -17.72
CA ARG B 63 20.48 -35.21 -18.56
C ARG B 63 21.37 -35.75 -19.68
N PRO B 64 21.38 -35.09 -20.85
CA PRO B 64 22.19 -35.53 -21.98
C PRO B 64 23.58 -36.05 -21.60
N ASP B 65 23.84 -37.32 -21.91
CA ASP B 65 25.12 -37.95 -21.61
C ASP B 65 25.49 -37.78 -20.14
N PHE B 66 24.48 -37.67 -19.28
CA PHE B 66 24.76 -37.46 -17.87
C PHE B 66 23.71 -38.12 -16.99
N PRO B 67 23.74 -39.46 -16.89
CA PRO B 67 22.74 -40.13 -16.06
C PRO B 67 23.09 -39.98 -14.58
N VAL B 68 22.14 -40.33 -13.72
CA VAL B 68 22.36 -40.25 -12.28
C VAL B 68 22.30 -41.66 -11.73
N TRP B 69 23.36 -42.11 -11.07
CA TRP B 69 23.38 -43.44 -10.50
C TRP B 69 23.12 -43.38 -9.00
N SER B 70 23.39 -44.48 -8.30
CA SER B 70 23.15 -44.55 -6.86
C SER B 70 23.98 -43.65 -5.99
N GLY B 71 23.45 -43.42 -4.79
CA GLY B 71 24.09 -42.58 -3.80
C GLY B 71 23.28 -42.69 -2.53
N SER B 72 23.05 -41.57 -1.86
CA SER B 72 22.29 -41.57 -0.63
C SER B 72 21.93 -40.13 -0.26
N ALA B 73 21.02 -39.98 0.69
CA ALA B 73 20.60 -38.65 1.12
C ALA B 73 20.41 -38.59 2.62
N VAL B 74 20.66 -37.42 3.20
CA VAL B 74 20.49 -37.25 4.63
C VAL B 74 19.73 -35.97 4.90
N VAL B 75 19.12 -35.89 6.08
CA VAL B 75 18.41 -34.68 6.47
C VAL B 75 19.44 -33.91 7.30
N ASP B 76 19.89 -32.78 6.78
CA ASP B 76 20.90 -31.97 7.47
C ASP B 76 20.24 -31.09 8.53
N THR B 77 19.76 -31.74 9.59
CA THR B 77 19.08 -31.06 10.70
C THR B 77 19.81 -29.85 11.27
N ALA B 78 21.12 -29.98 11.49
CA ALA B 78 21.90 -28.88 12.05
C ALA B 78 22.44 -27.91 11.00
N ASN B 79 22.02 -28.08 9.75
CA ASN B 79 22.47 -27.21 8.66
C ASN B 79 23.99 -27.10 8.62
N THR B 80 24.66 -28.25 8.66
CA THR B 80 26.12 -28.29 8.62
C THR B 80 26.60 -27.97 7.21
N ALA B 81 25.76 -28.23 6.22
CA ALA B 81 26.10 -28.01 4.82
C ALA B 81 25.89 -26.57 4.35
N GLY B 82 25.03 -25.84 5.06
CA GLY B 82 24.78 -24.46 4.68
C GLY B 82 23.63 -24.24 3.69
N PHE B 83 22.87 -25.29 3.39
CA PHE B 83 21.75 -25.13 2.46
C PHE B 83 20.47 -24.90 3.25
N GLY B 84 20.61 -24.79 4.57
CA GLY B 84 19.45 -24.57 5.42
C GLY B 84 19.22 -25.74 6.38
N ALA B 85 18.77 -25.40 7.58
CA ALA B 85 18.51 -26.41 8.59
C ALA B 85 17.37 -27.30 8.11
N GLY B 86 17.60 -28.62 8.16
CA GLY B 86 16.57 -29.55 7.74
C GLY B 86 16.57 -29.83 6.25
N ALA B 87 17.50 -29.24 5.52
CA ALA B 87 17.58 -29.47 4.08
C ALA B 87 17.94 -30.93 3.82
N VAL B 88 17.40 -31.49 2.75
CA VAL B 88 17.71 -32.87 2.38
C VAL B 88 18.85 -32.82 1.37
N VAL B 89 20.01 -33.33 1.78
CA VAL B 89 21.19 -33.32 0.95
C VAL B 89 21.53 -34.72 0.47
N ALA B 90 21.72 -34.87 -0.84
CA ALA B 90 22.03 -36.16 -1.42
C ALA B 90 23.34 -36.13 -2.20
N LEU B 91 24.01 -37.28 -2.26
CA LEU B 91 25.24 -37.45 -3.00
C LEU B 91 24.96 -38.61 -3.95
N ALA B 92 25.24 -38.44 -5.23
CA ALA B 92 25.00 -39.47 -6.23
C ALA B 92 26.12 -39.51 -7.27
N THR B 93 26.43 -40.72 -7.73
CA THR B 93 27.47 -40.92 -8.73
C THR B 93 26.98 -40.64 -10.14
N GLN B 94 27.76 -39.87 -10.89
CA GLN B 94 27.42 -39.55 -12.26
C GLN B 94 28.70 -39.58 -13.11
N PRO B 95 28.59 -40.11 -14.33
CA PRO B 95 29.74 -40.19 -15.24
C PRO B 95 30.01 -38.84 -15.90
N THR B 96 30.92 -38.07 -15.32
CA THR B 96 31.27 -36.75 -15.87
C THR B 96 31.62 -36.85 -17.34
N ASP B 97 31.04 -35.96 -18.15
CA ASP B 97 31.30 -35.94 -19.58
C ASP B 97 30.83 -37.24 -20.22
N GLY B 98 30.07 -38.03 -19.48
CA GLY B 98 29.60 -39.30 -19.99
C GLY B 98 30.73 -40.30 -20.02
N VAL B 99 31.83 -39.98 -19.34
CA VAL B 99 33.00 -40.85 -19.30
C VAL B 99 32.94 -41.74 -18.06
N ARG B 100 32.97 -43.05 -18.28
CA ARG B 100 32.91 -44.01 -17.17
C ARG B 100 34.04 -43.87 -16.16
N LYS B 101 35.28 -43.74 -16.64
CA LYS B 101 36.40 -43.61 -15.73
C LYS B 101 36.39 -42.28 -14.99
N TYR B 102 35.37 -41.46 -15.25
CA TYR B 102 35.25 -40.17 -14.58
C TYR B 102 34.09 -40.16 -13.58
N GLN B 103 33.47 -41.31 -13.35
CA GLN B 103 32.36 -41.37 -12.41
C GLN B 103 32.79 -40.80 -11.06
N GLU B 104 32.03 -39.81 -10.60
CA GLU B 104 32.33 -39.17 -9.32
C GLU B 104 31.04 -38.72 -8.64
N GLN B 105 31.17 -38.15 -7.45
CA GLN B 105 30.01 -37.79 -6.66
C GLN B 105 29.50 -36.37 -6.70
N TYR B 106 28.28 -36.19 -7.20
CA TYR B 106 27.69 -34.85 -7.26
C TYR B 106 26.70 -34.67 -6.13
N LEU B 107 26.62 -33.44 -5.61
CA LEU B 107 25.71 -33.13 -4.52
C LEU B 107 24.45 -32.43 -5.03
N TYR B 108 23.32 -32.80 -4.43
CA TYR B 108 22.02 -32.23 -4.76
C TYR B 108 21.39 -31.86 -3.43
N TRP B 109 20.54 -30.83 -3.41
CA TRP B 109 19.90 -30.46 -2.16
C TRP B 109 18.46 -30.05 -2.36
N SER B 110 17.68 -30.25 -1.30
CA SER B 110 16.26 -29.93 -1.29
C SER B 110 15.93 -29.17 -0.03
N THR B 111 15.05 -28.18 -0.18
CA THR B 111 14.64 -27.38 0.97
C THR B 111 13.16 -27.58 1.26
N ASP B 112 12.55 -28.54 0.56
CA ASP B 112 11.14 -28.84 0.77
C ASP B 112 10.92 -30.28 1.18
N GLY B 113 11.80 -30.80 2.02
CA GLY B 113 11.67 -32.16 2.51
C GLY B 113 11.96 -33.26 1.51
N GLY B 114 12.72 -32.95 0.47
CA GLY B 114 13.07 -33.95 -0.52
C GLY B 114 12.12 -34.17 -1.69
N PHE B 115 11.30 -33.18 -2.00
CA PHE B 115 10.37 -33.31 -3.11
C PHE B 115 10.90 -32.68 -4.40
N THR B 116 11.76 -31.67 -4.25
CA THR B 116 12.38 -31.01 -5.39
C THR B 116 13.84 -30.78 -5.00
N PHE B 117 14.75 -31.02 -5.95
CA PHE B 117 16.18 -30.87 -5.68
C PHE B 117 16.88 -29.95 -6.66
N THR B 118 17.92 -29.28 -6.18
CA THR B 118 18.72 -28.41 -7.03
C THR B 118 20.10 -29.05 -7.11
N ALA B 119 20.73 -28.99 -8.27
CA ALA B 119 22.04 -29.59 -8.43
C ALA B 119 23.19 -28.65 -8.10
N LEU B 120 24.20 -29.17 -7.41
CA LEU B 120 25.40 -28.43 -7.07
C LEU B 120 26.31 -28.80 -8.24
N PRO B 121 26.66 -27.82 -9.11
CA PRO B 121 27.51 -27.99 -10.29
C PRO B 121 28.83 -28.74 -10.22
N ASP B 122 29.63 -28.50 -9.18
CA ASP B 122 30.93 -29.18 -9.07
C ASP B 122 30.91 -30.37 -8.09
N PRO B 123 31.49 -31.51 -8.51
CA PRO B 123 31.55 -32.73 -7.70
C PRO B 123 32.21 -32.49 -6.34
N VAL B 124 31.60 -32.99 -5.27
CA VAL B 124 32.17 -32.82 -3.94
C VAL B 124 33.27 -33.84 -3.69
N ILE B 125 33.24 -34.94 -4.43
CA ILE B 125 34.27 -35.99 -4.31
C ILE B 125 34.68 -36.37 -5.73
N VAL B 126 35.85 -35.90 -6.14
CA VAL B 126 36.37 -36.12 -7.50
C VAL B 126 37.12 -37.43 -7.74
N ASN B 127 36.82 -38.05 -8.89
CA ASN B 127 37.46 -39.29 -9.29
C ASN B 127 38.80 -38.89 -9.92
N THR B 128 39.78 -38.57 -9.06
CA THR B 128 41.10 -38.15 -9.51
C THR B 128 41.91 -39.20 -10.27
N ASP B 129 41.96 -40.44 -9.77
CA ASP B 129 42.74 -41.45 -10.47
C ASP B 129 42.21 -41.74 -11.88
N GLY B 130 40.92 -41.48 -12.10
CA GLY B 130 40.35 -41.73 -13.40
C GLY B 130 40.94 -40.81 -14.45
N ARG B 131 41.42 -39.66 -14.00
CA ARG B 131 42.01 -38.67 -14.89
C ARG B 131 43.43 -39.10 -15.27
N ALA B 132 44.15 -39.67 -14.31
CA ALA B 132 45.52 -40.10 -14.52
C ALA B 132 45.63 -41.60 -14.84
N ALA B 133 44.50 -42.26 -15.01
CA ALA B 133 44.50 -43.69 -15.30
C ALA B 133 44.82 -43.96 -16.76
N THR B 134 45.89 -44.73 -17.00
CA THR B 134 46.31 -45.05 -18.36
C THR B 134 46.39 -46.55 -18.61
N THR B 135 46.65 -47.30 -17.54
CA THR B 135 46.76 -48.76 -17.63
C THR B 135 45.38 -49.41 -17.60
N PRO B 136 45.20 -50.51 -18.34
CA PRO B 136 43.90 -51.18 -18.34
C PRO B 136 43.42 -51.44 -16.91
N ALA B 137 44.38 -51.61 -16.01
CA ALA B 137 44.08 -51.87 -14.61
C ALA B 137 43.64 -50.60 -13.90
N GLU B 138 44.41 -49.53 -14.07
CA GLU B 138 44.09 -48.25 -13.44
C GLU B 138 42.70 -47.81 -13.90
N ILE B 139 42.47 -47.92 -15.20
CA ILE B 139 41.19 -47.54 -15.78
C ILE B 139 40.05 -48.35 -15.18
N GLU B 140 40.23 -49.67 -15.11
CA GLU B 140 39.21 -50.54 -14.54
C GLU B 140 38.88 -50.07 -13.12
N ASN B 141 39.92 -49.71 -12.38
CA ASN B 141 39.77 -49.23 -11.01
C ASN B 141 39.01 -47.91 -10.97
N ALA B 142 39.41 -46.99 -11.85
CA ALA B 142 38.78 -45.68 -11.93
C ALA B 142 37.32 -45.81 -12.35
N GLU B 143 36.98 -46.95 -12.95
CA GLU B 143 35.62 -47.17 -13.41
C GLU B 143 34.74 -47.86 -12.36
N TRP B 144 35.20 -47.86 -11.12
CA TRP B 144 34.45 -48.44 -10.01
C TRP B 144 34.69 -47.53 -8.82
N PHE B 145 33.91 -46.45 -8.75
CA PHE B 145 34.01 -45.44 -7.70
C PHE B 145 32.60 -44.86 -7.58
N ARG B 146 31.67 -45.67 -7.09
CA ARG B 146 30.28 -45.25 -6.99
C ARG B 146 29.49 -45.64 -5.74
N ASP B 147 28.24 -45.20 -5.72
CA ASP B 147 27.28 -45.47 -4.66
C ASP B 147 27.66 -44.99 -3.25
N PRO B 148 27.85 -43.67 -3.08
CA PRO B 148 28.22 -43.17 -1.76
C PRO B 148 27.11 -43.22 -0.71
N LYS B 149 27.43 -43.79 0.46
CA LYS B 149 26.44 -43.88 1.54
C LYS B 149 26.94 -42.98 2.66
N ILE B 150 26.10 -42.00 3.01
CA ILE B 150 26.43 -41.02 4.05
C ILE B 150 25.85 -41.37 5.40
N HIS B 151 26.66 -41.19 6.45
CA HIS B 151 26.23 -41.49 7.81
C HIS B 151 26.74 -40.45 8.78
N TRP B 152 25.90 -40.04 9.71
CA TRP B 152 26.33 -39.07 10.71
C TRP B 152 26.94 -39.81 11.89
N ASP B 153 28.23 -39.61 12.09
CA ASP B 153 28.95 -40.22 13.19
C ASP B 153 28.71 -39.35 14.44
N THR B 154 27.82 -39.80 15.31
CA THR B 154 27.50 -39.04 16.52
C THR B 154 28.67 -38.87 17.48
N ALA B 155 29.38 -39.94 17.78
CA ALA B 155 30.51 -39.88 18.70
C ALA B 155 31.56 -38.86 18.27
N ARG B 156 31.78 -38.75 16.97
CA ARG B 156 32.78 -37.82 16.46
C ARG B 156 32.19 -36.51 15.91
N GLY B 157 30.87 -36.42 15.88
CA GLY B 157 30.20 -35.24 15.39
C GLY B 157 30.58 -34.81 13.98
N GLU B 158 30.61 -35.76 13.04
CA GLU B 158 30.98 -35.44 11.67
C GLU B 158 30.34 -36.45 10.72
N TRP B 159 30.36 -36.13 9.43
CA TRP B 159 29.81 -37.02 8.41
C TRP B 159 30.86 -38.00 7.91
N VAL B 160 30.45 -39.25 7.69
CA VAL B 160 31.35 -40.25 7.15
C VAL B 160 30.62 -40.81 5.95
N CYS B 161 31.37 -41.08 4.89
CA CYS B 161 30.79 -41.59 3.66
C CYS B 161 31.60 -42.76 3.12
N VAL B 162 30.92 -43.83 2.76
CA VAL B 162 31.59 -45.01 2.20
C VAL B 162 31.25 -45.12 0.71
N ILE B 163 32.27 -45.37 -0.10
CA ILE B 163 32.06 -45.49 -1.54
C ILE B 163 32.53 -46.86 -2.02
N GLY B 164 31.73 -47.48 -2.87
CA GLY B 164 32.08 -48.79 -3.37
C GLY B 164 33.12 -48.75 -4.47
N ARG B 165 34.11 -49.63 -4.37
CA ARG B 165 35.17 -49.69 -5.37
C ARG B 165 35.42 -51.16 -5.71
N LEU B 166 36.31 -51.43 -6.65
CA LEU B 166 36.59 -52.81 -7.06
C LEU B 166 37.19 -53.66 -5.94
N ARG B 167 36.37 -54.53 -5.39
CA ARG B 167 36.79 -55.44 -4.32
C ARG B 167 37.30 -54.77 -3.04
N TYR B 168 36.85 -53.54 -2.80
CA TYR B 168 37.23 -52.84 -1.58
C TYR B 168 36.33 -51.61 -1.44
N ALA B 169 36.35 -50.99 -0.26
CA ALA B 169 35.52 -49.82 -0.04
C ALA B 169 36.36 -48.66 0.47
N ALA B 170 36.07 -47.46 -0.03
CA ALA B 170 36.80 -46.26 0.36
C ALA B 170 35.95 -45.41 1.31
N PHE B 171 36.61 -44.74 2.25
CA PHE B 171 35.93 -43.90 3.23
C PHE B 171 36.41 -42.46 3.20
N TYR B 172 35.48 -41.54 3.48
CA TYR B 172 35.75 -40.12 3.52
C TYR B 172 34.97 -39.49 4.66
N THR B 173 35.54 -38.48 5.31
CA THR B 173 34.86 -37.79 6.38
C THR B 173 34.71 -36.34 5.97
N SER B 174 33.73 -35.67 6.57
CA SER B 174 33.47 -34.28 6.24
C SER B 174 32.59 -33.61 7.28
N PRO B 175 32.80 -32.32 7.51
CA PRO B 175 32.02 -31.56 8.48
C PRO B 175 30.79 -30.89 7.85
N ASN B 176 30.79 -30.77 6.53
CA ASN B 176 29.69 -30.07 5.86
C ASN B 176 29.06 -30.74 4.63
N LEU B 177 29.48 -31.98 4.34
CA LEU B 177 28.94 -32.72 3.18
C LEU B 177 29.47 -32.22 1.84
N ARG B 178 30.32 -31.18 1.87
CA ARG B 178 30.89 -30.62 0.65
C ARG B 178 32.40 -30.86 0.57
N ASP B 179 33.08 -30.64 1.69
CA ASP B 179 34.53 -30.83 1.78
C ASP B 179 34.83 -32.19 2.38
N TRP B 180 35.28 -33.13 1.54
CA TRP B 180 35.56 -34.49 2.01
C TRP B 180 37.04 -34.84 2.11
N THR B 181 37.40 -35.53 3.18
CA THR B 181 38.77 -35.95 3.43
C THR B 181 38.89 -37.47 3.30
N LEU B 182 39.76 -37.92 2.41
CA LEU B 182 39.97 -39.35 2.17
C LEU B 182 40.56 -40.07 3.38
N ARG B 183 39.97 -41.21 3.73
CA ARG B 183 40.44 -41.99 4.87
C ARG B 183 40.99 -43.35 4.42
N ARG B 184 41.09 -44.27 5.37
CA ARG B 184 41.63 -45.59 5.12
C ARG B 184 40.64 -46.54 4.45
N ASN B 185 41.09 -47.26 3.43
CA ASN B 185 40.23 -48.22 2.74
C ASN B 185 39.91 -49.41 3.63
N PHE B 186 38.86 -50.15 3.26
CA PHE B 186 38.48 -51.35 3.98
C PHE B 186 38.68 -52.49 2.99
N ASP B 187 39.49 -53.47 3.39
CA ASP B 187 39.73 -54.61 2.53
C ASP B 187 39.25 -55.88 3.21
N TYR B 188 38.90 -56.87 2.39
CA TYR B 188 38.45 -58.16 2.90
C TYR B 188 39.19 -59.24 2.11
N PRO B 189 39.54 -60.35 2.78
CA PRO B 189 40.26 -61.51 2.26
C PRO B 189 39.75 -62.23 1.01
N ASN B 190 38.47 -62.58 1.02
CA ASN B 190 37.88 -63.35 -0.08
C ASN B 190 37.26 -62.51 -1.21
N HIS B 191 38.06 -62.20 -2.23
CA HIS B 191 37.59 -61.40 -3.35
C HIS B 191 36.61 -62.09 -4.29
N ALA B 192 36.52 -63.41 -4.20
CA ALA B 192 35.58 -64.15 -5.05
C ALA B 192 34.16 -63.91 -4.53
N LEU B 193 34.06 -63.06 -3.51
CA LEU B 193 32.80 -62.69 -2.87
C LEU B 193 32.03 -61.61 -3.63
N GLY B 194 32.74 -60.72 -4.31
CA GLY B 194 32.07 -59.64 -5.03
C GLY B 194 32.80 -58.35 -4.70
N GLY B 195 32.69 -57.35 -5.58
CA GLY B 195 33.44 -56.11 -5.39
C GLY B 195 32.86 -54.85 -4.79
N ILE B 196 31.83 -54.94 -3.96
CA ILE B 196 31.27 -53.76 -3.30
C ILE B 196 30.52 -52.72 -4.14
N GLU B 197 29.20 -52.85 -4.19
CA GLU B 197 28.34 -51.89 -4.86
C GLU B 197 27.27 -51.58 -3.83
N CYS B 198 26.70 -50.38 -3.90
CA CYS B 198 25.66 -49.98 -2.95
C CYS B 198 26.05 -50.32 -1.51
N PRO B 199 27.20 -49.82 -1.06
CA PRO B 199 27.63 -50.11 0.32
C PRO B 199 26.67 -49.51 1.33
N ASP B 200 26.64 -50.11 2.52
CA ASP B 200 25.77 -49.62 3.57
C ASP B 200 26.64 -49.36 4.81
N LEU B 201 26.30 -48.33 5.56
CA LEU B 201 27.05 -48.00 6.76
C LEU B 201 26.07 -47.39 7.76
N PHE B 202 26.01 -47.98 8.95
CA PHE B 202 25.10 -47.48 9.98
C PHE B 202 25.47 -48.00 11.35
N GLU B 203 24.83 -47.41 12.35
CA GLU B 203 25.02 -47.81 13.73
C GLU B 203 23.68 -48.33 14.21
N ILE B 204 23.71 -49.38 15.01
CA ILE B 204 22.49 -49.97 15.53
C ILE B 204 22.77 -50.52 16.92
N THR B 205 21.75 -50.51 17.78
CA THR B 205 21.88 -51.03 19.14
C THR B 205 21.31 -52.43 19.20
N ALA B 206 22.06 -53.35 19.82
CA ALA B 206 21.62 -54.73 19.94
C ALA B 206 20.63 -54.94 21.07
N ASP B 207 20.11 -56.16 21.17
CA ASP B 207 19.12 -56.50 22.20
C ASP B 207 19.72 -56.53 23.62
N ASP B 208 21.02 -56.30 23.73
CA ASP B 208 21.67 -56.28 25.04
C ASP B 208 22.07 -54.85 25.38
N GLY B 209 21.66 -53.90 24.52
CA GLY B 209 21.96 -52.51 24.78
C GLY B 209 23.29 -52.00 24.24
N THR B 210 24.11 -52.89 23.68
CA THR B 210 25.40 -52.46 23.14
C THR B 210 25.27 -51.85 21.74
N ARG B 211 26.13 -50.87 21.44
CA ARG B 211 26.14 -50.19 20.15
C ARG B 211 27.14 -50.83 19.21
N HIS B 212 26.80 -50.87 17.92
CA HIS B 212 27.66 -51.49 16.92
C HIS B 212 27.54 -50.80 15.57
N TRP B 213 28.62 -50.91 14.78
CA TRP B 213 28.62 -50.34 13.43
C TRP B 213 28.43 -51.53 12.50
N VAL B 214 27.83 -51.27 11.35
CA VAL B 214 27.65 -52.31 10.36
C VAL B 214 28.08 -51.75 9.03
N LEU B 215 28.92 -52.50 8.33
CA LEU B 215 29.38 -52.11 6.99
C LEU B 215 28.83 -53.23 6.12
N ALA B 216 28.11 -52.87 5.06
CA ALA B 216 27.56 -53.89 4.20
C ALA B 216 27.64 -53.47 2.74
N ALA B 217 27.22 -54.37 1.84
CA ALA B 217 27.26 -54.08 0.42
C ALA B 217 26.60 -55.18 -0.42
N SER B 218 26.24 -54.84 -1.66
CA SER B 218 25.67 -55.84 -2.57
C SER B 218 26.85 -56.59 -3.16
N MET B 219 26.74 -57.92 -3.17
CA MET B 219 27.83 -58.76 -3.65
C MET B 219 27.44 -59.69 -4.79
N ASP B 220 28.37 -60.56 -5.15
CA ASP B 220 28.19 -61.56 -6.20
C ASP B 220 29.10 -62.73 -5.85
N ALA B 221 28.65 -63.60 -4.97
CA ALA B 221 29.45 -64.74 -4.55
C ALA B 221 28.93 -66.06 -5.14
N TYR B 222 28.24 -65.96 -6.27
CA TYR B 222 27.70 -67.13 -6.93
C TYR B 222 28.78 -68.14 -7.29
N GLY B 223 29.95 -67.64 -7.66
CA GLY B 223 31.07 -68.48 -8.05
C GLY B 223 31.51 -69.44 -6.96
N ILE B 224 31.38 -69.03 -5.70
CA ILE B 224 31.77 -69.88 -4.59
C ILE B 224 30.56 -70.41 -3.86
N GLY B 225 29.45 -70.53 -4.60
CA GLY B 225 28.22 -71.06 -4.02
C GLY B 225 27.54 -70.22 -2.96
N LEU B 226 27.83 -68.92 -2.90
CA LEU B 226 27.21 -68.06 -1.92
C LEU B 226 26.23 -67.10 -2.62
N PRO B 227 25.43 -66.35 -1.84
CA PRO B 227 24.46 -65.41 -2.43
C PRO B 227 24.99 -64.24 -3.27
N MET B 228 24.09 -63.66 -4.05
CA MET B 228 24.37 -62.50 -4.89
C MET B 228 23.48 -61.39 -4.35
N THR B 229 23.41 -61.29 -3.02
CA THR B 229 22.55 -60.29 -2.42
C THR B 229 23.27 -59.26 -1.56
N TYR B 230 23.03 -59.30 -0.26
CA TYR B 230 23.60 -58.33 0.66
C TYR B 230 24.36 -59.00 1.81
N ALA B 231 25.63 -58.65 1.95
CA ALA B 231 26.47 -59.21 2.99
C ALA B 231 26.94 -58.07 3.90
N TYR B 232 27.09 -58.35 5.18
CA TYR B 232 27.53 -57.30 6.11
C TYR B 232 28.58 -57.75 7.10
N TRP B 233 29.35 -56.78 7.59
CA TRP B 233 30.41 -57.01 8.59
C TRP B 233 30.10 -56.14 9.79
N THR B 234 29.79 -56.73 10.94
CA THR B 234 29.57 -55.87 12.11
C THR B 234 30.98 -55.42 12.46
N GLY B 235 31.11 -54.22 13.04
CA GLY B 235 32.43 -53.74 13.40
C GLY B 235 32.43 -52.37 14.04
N THR B 236 33.51 -51.63 13.82
CA THR B 236 33.64 -50.28 14.37
C THR B 236 34.32 -49.34 13.39
N TRP B 237 33.89 -48.09 13.40
CA TRP B 237 34.49 -47.06 12.57
C TRP B 237 35.08 -46.07 13.58
N ASP B 238 36.38 -45.83 13.50
CA ASP B 238 37.01 -44.91 14.45
C ASP B 238 37.32 -43.54 13.85
N GLY B 239 36.68 -43.21 12.74
CA GLY B 239 36.91 -41.92 12.13
C GLY B 239 38.02 -41.95 11.11
N GLU B 240 38.77 -43.04 11.07
CA GLU B 240 39.86 -43.16 10.12
C GLU B 240 39.82 -44.48 9.37
N GLN B 241 39.35 -45.52 10.03
CA GLN B 241 39.31 -46.84 9.44
C GLN B 241 38.18 -47.70 10.01
N PHE B 242 37.68 -48.64 9.22
CA PHE B 242 36.62 -49.52 9.70
C PHE B 242 37.21 -50.87 10.11
N HIS B 243 36.92 -51.26 11.35
CA HIS B 243 37.41 -52.54 11.88
C HIS B 243 36.30 -53.58 11.93
N ALA B 244 36.40 -54.62 11.11
CA ALA B 244 35.39 -55.67 11.10
C ALA B 244 35.66 -56.65 12.25
N ASP B 245 34.60 -57.07 12.94
CA ASP B 245 34.75 -58.03 14.03
C ASP B 245 35.22 -59.37 13.46
N ASP B 246 34.83 -59.63 12.22
CA ASP B 246 35.20 -60.87 11.52
C ASP B 246 35.24 -60.52 10.04
N LEU B 247 36.31 -60.93 9.36
CA LEU B 247 36.46 -60.62 7.94
C LEU B 247 35.57 -61.41 6.98
N THR B 248 34.90 -62.44 7.49
CA THR B 248 33.97 -63.23 6.68
C THR B 248 32.60 -62.64 7.01
N PRO B 249 31.98 -61.95 6.05
CA PRO B 249 30.67 -61.33 6.26
C PRO B 249 29.53 -62.34 6.40
N GLN B 250 28.40 -61.83 6.89
CA GLN B 250 27.18 -62.63 7.06
C GLN B 250 26.22 -62.17 5.96
N TRP B 251 25.25 -63.01 5.62
CA TRP B 251 24.29 -62.69 4.56
C TRP B 251 22.89 -62.38 5.07
N LEU B 252 22.22 -61.43 4.42
CA LEU B 252 20.88 -61.02 4.82
C LEU B 252 19.78 -61.67 3.96
N ASP B 253 20.16 -62.34 2.88
CA ASP B 253 19.18 -63.02 2.02
C ASP B 253 19.89 -64.05 1.19
N TRP B 254 19.26 -65.20 1.01
CA TRP B 254 19.85 -66.29 0.26
C TRP B 254 19.11 -66.56 -1.04
N GLY B 255 18.15 -65.72 -1.36
CA GLY B 255 17.39 -65.90 -2.59
C GLY B 255 18.15 -65.37 -3.79
N TRP B 256 17.50 -65.42 -4.95
CA TRP B 256 18.09 -64.96 -6.20
C TRP B 256 17.99 -63.46 -6.40
N ASP B 257 16.90 -62.86 -5.92
CA ASP B 257 16.64 -61.44 -6.14
C ASP B 257 16.41 -60.53 -4.94
N TRP B 258 17.50 -59.99 -4.40
CA TRP B 258 17.44 -59.05 -3.28
C TRP B 258 18.73 -58.25 -3.43
N TYR B 259 18.74 -57.43 -4.47
CA TYR B 259 19.91 -56.64 -4.81
C TYR B 259 19.80 -55.15 -4.53
N ALA B 260 20.96 -54.52 -4.35
CA ALA B 260 21.06 -53.09 -4.07
C ALA B 260 20.21 -52.72 -2.87
N ALA B 261 20.18 -53.59 -1.87
CA ALA B 261 19.37 -53.33 -0.68
C ALA B 261 19.87 -52.12 0.11
N VAL B 262 18.93 -51.41 0.72
CA VAL B 262 19.26 -50.25 1.54
C VAL B 262 18.50 -50.39 2.87
N THR B 263 19.06 -49.82 3.93
CA THR B 263 18.41 -49.88 5.23
C THR B 263 18.28 -48.47 5.76
N TRP B 264 17.28 -48.23 6.60
CA TRP B 264 17.11 -46.92 7.20
C TRP B 264 16.50 -47.08 8.60
N PRO B 265 16.75 -46.12 9.49
CA PRO B 265 16.21 -46.20 10.86
C PRO B 265 14.69 -46.05 10.85
N SER B 266 14.00 -46.85 11.66
CA SER B 266 12.54 -46.78 11.72
C SER B 266 12.18 -45.55 12.52
N ILE B 267 10.98 -45.02 12.29
CA ILE B 267 10.53 -43.83 12.98
C ILE B 267 10.30 -44.07 14.47
N ASP B 268 9.66 -45.17 14.82
CA ASP B 268 9.36 -45.50 16.21
C ASP B 268 10.53 -46.00 17.08
N ALA B 269 11.55 -46.57 16.47
CA ALA B 269 12.70 -47.07 17.23
C ALA B 269 13.96 -47.01 16.37
N PRO B 270 14.39 -45.80 15.99
CA PRO B 270 15.56 -45.56 15.15
C PRO B 270 16.87 -46.23 15.52
N GLU B 271 17.15 -46.36 16.81
CA GLU B 271 18.41 -46.96 17.27
C GLU B 271 18.47 -48.49 17.29
N THR B 272 17.31 -49.13 17.46
CA THR B 272 17.26 -50.58 17.56
C THR B 272 16.51 -51.30 16.44
N LYS B 273 15.69 -50.58 15.70
CA LYS B 273 14.94 -51.19 14.61
C LYS B 273 15.10 -50.45 13.29
N ARG B 274 15.64 -51.14 12.30
CA ARG B 274 15.82 -50.54 10.99
C ARG B 274 14.88 -51.22 10.01
N LEU B 275 14.64 -50.56 8.88
CA LEU B 275 13.79 -51.12 7.86
C LEU B 275 14.71 -51.33 6.69
N ALA B 276 14.35 -52.28 5.83
CA ALA B 276 15.17 -52.56 4.67
C ALA B 276 14.29 -52.92 3.48
N ILE B 277 14.77 -52.58 2.30
CA ILE B 277 14.04 -52.92 1.08
C ILE B 277 15.09 -53.11 0.00
N ALA B 278 14.77 -53.92 -1.01
CA ALA B 278 15.72 -54.14 -2.08
C ALA B 278 15.03 -54.31 -3.42
N TRP B 279 15.81 -54.19 -4.48
CA TRP B 279 15.32 -54.38 -5.83
C TRP B 279 15.27 -55.89 -6.04
N MET B 280 14.13 -56.42 -6.45
CA MET B 280 14.02 -57.86 -6.67
C MET B 280 14.43 -58.22 -8.08
N ASN B 281 15.74 -58.22 -8.31
CA ASN B 281 16.27 -58.55 -9.61
C ASN B 281 17.70 -59.02 -9.42
N ASN B 282 18.28 -59.54 -10.49
CA ASN B 282 19.63 -60.05 -10.47
C ASN B 282 20.25 -59.69 -11.82
N TRP B 283 21.44 -59.11 -11.80
CA TRP B 283 22.08 -58.69 -13.04
C TRP B 283 22.44 -59.81 -14.00
N LYS B 284 22.35 -61.05 -13.55
CA LYS B 284 22.64 -62.15 -14.46
C LYS B 284 21.52 -62.26 -15.48
N TYR B 285 20.43 -61.53 -15.26
CA TYR B 285 19.31 -61.55 -16.20
C TYR B 285 18.39 -60.33 -16.14
N ALA B 286 18.75 -59.32 -15.36
CA ALA B 286 17.92 -58.13 -15.25
C ALA B 286 17.74 -57.40 -16.58
N ALA B 287 18.78 -57.36 -17.39
CA ALA B 287 18.74 -56.69 -18.70
C ALA B 287 17.93 -57.51 -19.70
N ARG B 288 16.61 -57.44 -19.57
CA ARG B 288 15.71 -58.19 -20.45
C ARG B 288 14.29 -57.68 -20.26
N ASP B 289 13.38 -58.18 -21.09
CA ASP B 289 11.98 -57.82 -20.99
C ASP B 289 11.28 -58.80 -20.06
N VAL B 290 10.37 -58.27 -19.26
CA VAL B 290 9.63 -59.04 -18.29
C VAL B 290 8.15 -59.09 -18.65
N PRO B 291 7.43 -60.13 -18.19
CA PRO B 291 6.00 -60.26 -18.48
C PRO B 291 5.22 -58.96 -18.23
N THR B 292 5.60 -58.22 -17.19
CA THR B 292 4.92 -56.97 -16.87
C THR B 292 5.18 -55.87 -17.91
N ASP B 293 6.17 -56.06 -18.77
CA ASP B 293 6.48 -55.08 -19.80
C ASP B 293 5.34 -55.06 -20.80
N ALA B 294 4.99 -56.24 -21.31
CA ALA B 294 3.93 -56.37 -22.28
C ALA B 294 2.56 -56.15 -21.66
N SER B 295 2.38 -56.64 -20.44
CA SER B 295 1.09 -56.51 -19.76
C SER B 295 0.79 -55.15 -19.15
N ASP B 296 1.79 -54.53 -18.53
CA ASP B 296 1.57 -53.24 -17.88
C ASP B 296 2.57 -52.13 -18.16
N GLY B 297 3.49 -52.36 -19.09
CA GLY B 297 4.45 -51.33 -19.44
C GLY B 297 5.52 -50.93 -18.43
N TYR B 298 5.88 -51.84 -17.53
CA TYR B 298 6.91 -51.54 -16.54
C TYR B 298 7.72 -52.82 -16.30
N ASN B 299 8.94 -52.64 -15.82
CA ASN B 299 9.83 -53.77 -15.57
C ASN B 299 10.49 -53.57 -14.20
N GLY B 300 10.23 -54.50 -13.28
CA GLY B 300 10.84 -54.42 -11.97
C GLY B 300 9.96 -54.08 -10.77
N GLN B 301 10.26 -54.71 -9.64
CA GLN B 301 9.54 -54.46 -8.40
C GLN B 301 10.53 -54.55 -7.25
N ASN B 302 10.16 -53.95 -6.12
CA ASN B 302 11.00 -53.99 -4.93
C ASN B 302 10.50 -55.14 -4.05
N SER B 303 11.29 -55.50 -3.06
CA SER B 303 10.93 -56.57 -2.16
C SER B 303 9.97 -56.00 -1.13
N ILE B 304 9.41 -56.86 -0.29
CA ILE B 304 8.54 -56.39 0.77
C ILE B 304 9.51 -55.66 1.70
N VAL B 305 9.03 -54.75 2.52
CA VAL B 305 9.93 -54.06 3.45
C VAL B 305 10.04 -54.98 4.67
N ARG B 306 11.26 -55.14 5.16
CA ARG B 306 11.48 -55.98 6.32
C ARG B 306 12.07 -55.15 7.46
N GLU B 307 11.89 -55.65 8.67
CA GLU B 307 12.42 -55.01 9.88
C GLU B 307 13.68 -55.75 10.29
N LEU B 308 14.70 -55.02 10.74
CA LEU B 308 15.94 -55.64 11.15
C LEU B 308 16.28 -55.28 12.60
N ARG B 309 16.88 -56.23 13.31
CA ARG B 309 17.31 -55.98 14.69
C ARG B 309 18.59 -56.78 14.87
N LEU B 310 19.49 -56.27 15.70
CA LEU B 310 20.76 -56.96 15.93
C LEU B 310 20.69 -57.76 17.23
N ALA B 311 20.94 -59.06 17.15
CA ALA B 311 20.87 -59.92 18.33
C ALA B 311 22.20 -60.52 18.75
N ARG B 312 22.48 -60.47 20.05
CA ARG B 312 23.72 -61.01 20.59
C ARG B 312 23.68 -62.54 20.48
N GLN B 313 24.83 -63.14 20.18
CA GLN B 313 24.95 -64.60 20.06
C GLN B 313 26.00 -65.07 21.05
N PRO B 314 25.94 -66.34 21.49
CA PRO B 314 26.93 -66.84 22.44
C PRO B 314 28.31 -66.62 21.84
N GLY B 315 29.25 -66.14 22.65
CA GLY B 315 30.58 -65.89 22.15
C GLY B 315 30.81 -64.41 21.92
N GLY B 316 29.75 -63.61 22.09
CA GLY B 316 29.88 -62.18 21.93
C GLY B 316 29.75 -61.60 20.53
N TRP B 317 29.31 -62.38 19.54
CA TRP B 317 29.14 -61.80 18.22
C TRP B 317 27.68 -61.42 18.03
N TYR B 318 27.40 -60.71 16.94
CA TYR B 318 26.03 -60.25 16.68
C TYR B 318 25.56 -60.55 15.28
N THR B 319 24.26 -60.80 15.13
CA THR B 319 23.71 -61.12 13.82
C THR B 319 22.36 -60.43 13.65
N LEU B 320 22.01 -60.11 12.41
CA LEU B 320 20.74 -59.44 12.14
C LEU B 320 19.62 -60.44 11.97
N LEU B 321 18.40 -60.01 12.31
CA LEU B 321 17.21 -60.85 12.19
C LEU B 321 16.19 -60.07 11.37
N SER B 322 15.53 -60.77 10.45
CA SER B 322 14.53 -60.16 9.57
C SER B 322 13.11 -60.63 9.82
N THR B 323 12.16 -59.74 9.56
CA THR B 323 10.74 -60.06 9.71
C THR B 323 9.98 -59.06 8.83
N PRO B 324 8.90 -59.53 8.18
CA PRO B 324 8.13 -58.61 7.33
C PRO B 324 7.63 -57.42 8.12
N VAL B 325 7.61 -56.25 7.49
CA VAL B 325 7.12 -55.05 8.16
C VAL B 325 5.77 -55.39 8.82
N ALA B 326 5.61 -54.97 10.07
CA ALA B 326 4.39 -55.26 10.82
C ALA B 326 3.10 -54.71 10.21
N ALA B 327 3.17 -53.52 9.63
CA ALA B 327 2.00 -52.89 9.03
C ALA B 327 1.32 -53.73 7.94
N LEU B 328 2.05 -54.70 7.37
CA LEU B 328 1.48 -55.54 6.31
C LEU B 328 0.20 -56.20 6.79
N THR B 329 0.08 -56.35 8.10
CA THR B 329 -1.10 -56.97 8.71
C THR B 329 -2.38 -56.19 8.41
N ASN B 330 -2.23 -54.88 8.19
CA ASN B 330 -3.39 -54.03 7.93
C ASN B 330 -3.95 -54.20 6.53
N TYR B 331 -3.28 -54.99 5.70
CA TYR B 331 -3.75 -55.19 4.34
C TYR B 331 -4.38 -56.57 4.16
N VAL B 332 -4.45 -57.32 5.25
CA VAL B 332 -5.05 -58.65 5.21
C VAL B 332 -6.57 -58.51 5.02
N THR B 333 -7.11 -59.19 4.01
CA THR B 333 -8.53 -59.11 3.71
C THR B 333 -9.30 -60.36 4.10
N ALA B 334 -8.56 -61.42 4.47
CA ALA B 334 -9.19 -62.66 4.87
C ALA B 334 -8.14 -63.56 5.51
N THR B 335 -8.56 -64.30 6.53
CA THR B 335 -7.67 -65.22 7.24
C THR B 335 -8.30 -66.61 7.22
N THR B 336 -7.61 -67.55 6.60
CA THR B 336 -8.10 -68.91 6.48
C THR B 336 -7.16 -69.90 7.16
N THR B 337 -7.71 -70.69 8.08
CA THR B 337 -6.91 -71.70 8.75
C THR B 337 -7.38 -73.04 8.18
N LEU B 338 -6.44 -73.96 8.02
CA LEU B 338 -6.77 -75.27 7.51
C LEU B 338 -6.29 -76.31 8.52
N PRO B 339 -7.08 -77.37 8.72
CA PRO B 339 -6.81 -78.46 9.67
C PRO B 339 -5.40 -79.04 9.57
N ASP B 340 -4.82 -79.39 10.71
CA ASP B 340 -3.50 -80.00 10.72
C ASP B 340 -3.66 -81.27 9.91
N ARG B 341 -2.57 -81.75 9.32
CA ARG B 341 -2.66 -82.96 8.54
C ARG B 341 -1.30 -83.62 8.37
N THR B 342 -1.32 -84.93 8.19
CA THR B 342 -0.10 -85.69 7.99
C THR B 342 -0.17 -86.15 6.55
N VAL B 343 0.91 -85.98 5.80
CA VAL B 343 0.90 -86.43 4.42
C VAL B 343 2.15 -87.26 4.15
N ASP B 344 1.99 -88.29 3.33
CA ASP B 344 3.09 -89.16 2.95
C ASP B 344 2.97 -89.29 1.44
N GLY B 345 3.70 -88.44 0.72
CA GLY B 345 3.64 -88.41 -0.72
C GLY B 345 3.31 -86.98 -1.09
N SER B 346 2.03 -86.71 -1.34
CA SER B 346 1.61 -85.35 -1.67
C SER B 346 0.14 -85.14 -1.40
N ALA B 347 -0.27 -83.87 -1.34
CA ALA B 347 -1.65 -83.53 -1.08
C ALA B 347 -1.91 -82.08 -1.46
N VAL B 348 -2.98 -81.86 -2.22
CA VAL B 348 -3.35 -80.52 -2.63
C VAL B 348 -4.21 -79.90 -1.54
N LEU B 349 -3.93 -78.65 -1.17
CA LEU B 349 -4.72 -77.98 -0.15
C LEU B 349 -5.94 -77.32 -0.77
N PRO B 350 -7.08 -77.36 -0.07
CA PRO B 350 -8.32 -76.76 -0.58
C PRO B 350 -8.32 -75.24 -0.45
N TRP B 351 -7.39 -74.60 -1.17
CA TRP B 351 -7.29 -73.15 -1.14
C TRP B 351 -6.54 -72.67 -2.38
N ASN B 352 -6.95 -71.52 -2.92
CA ASN B 352 -6.34 -70.95 -4.10
C ASN B 352 -6.27 -69.44 -3.96
N GLY B 353 -5.19 -68.84 -4.46
CA GLY B 353 -5.03 -67.40 -4.39
C GLY B 353 -3.73 -67.00 -5.04
N ARG B 354 -3.50 -65.70 -5.23
CA ARG B 354 -2.28 -65.22 -5.87
C ARG B 354 -1.45 -64.20 -5.07
N ALA B 355 -2.06 -63.60 -4.05
CA ALA B 355 -1.39 -62.62 -3.20
C ALA B 355 -1.78 -62.91 -1.76
N TYR B 356 -0.87 -63.52 -1.03
CA TYR B 356 -1.16 -63.89 0.34
C TYR B 356 0.12 -64.23 1.06
N GLU B 357 -0.03 -64.49 2.35
CA GLU B 357 1.06 -64.88 3.22
C GLU B 357 0.57 -66.21 3.82
N ILE B 358 1.42 -67.23 3.81
CA ILE B 358 1.02 -68.49 4.42
C ILE B 358 2.08 -68.90 5.44
N GLU B 359 1.63 -69.25 6.64
CA GLU B 359 2.53 -69.69 7.70
C GLU B 359 2.19 -71.12 8.07
N LEU B 360 3.22 -71.88 8.43
CA LEU B 360 2.99 -73.25 8.83
C LEU B 360 4.21 -73.87 9.47
N ASP B 361 3.99 -75.01 10.12
CA ASP B 361 5.05 -75.76 10.76
C ASP B 361 5.05 -77.14 10.14
N ILE B 362 6.24 -77.72 10.04
CA ILE B 362 6.36 -79.05 9.49
C ILE B 362 7.25 -79.84 10.45
N ALA B 363 6.83 -81.07 10.75
CA ALA B 363 7.59 -81.93 11.63
C ALA B 363 7.63 -83.28 10.98
N TRP B 364 8.79 -83.95 11.05
CA TRP B 364 8.92 -85.25 10.43
C TRP B 364 9.93 -86.11 11.19
N ASP B 365 10.22 -87.28 10.64
CA ASP B 365 11.17 -88.17 11.27
C ASP B 365 12.14 -88.76 10.24
N THR B 366 11.74 -89.82 9.54
CA THR B 366 12.61 -90.44 8.55
C THR B 366 12.59 -89.75 7.19
N ALA B 367 11.55 -88.95 6.93
CA ALA B 367 11.42 -88.23 5.66
C ALA B 367 12.73 -87.54 5.31
N THR B 368 13.15 -87.65 4.06
CA THR B 368 14.40 -87.01 3.61
C THR B 368 14.15 -85.70 2.89
N ASN B 369 12.89 -85.46 2.55
CA ASN B 369 12.51 -84.22 1.87
C ASN B 369 11.08 -83.90 2.26
N VAL B 370 10.84 -82.64 2.66
CA VAL B 370 9.50 -82.19 3.02
C VAL B 370 9.36 -80.78 2.46
N GLY B 371 8.14 -80.35 2.21
CA GLY B 371 7.96 -79.02 1.69
C GLY B 371 6.55 -78.69 1.26
N ILE B 372 6.42 -77.50 0.68
CA ILE B 372 5.14 -77.00 0.22
C ILE B 372 5.34 -76.33 -1.13
N SER B 373 4.40 -76.53 -2.05
CA SER B 373 4.46 -75.90 -3.36
C SER B 373 3.42 -74.80 -3.45
N VAL B 374 3.84 -73.64 -3.97
CA VAL B 374 2.94 -72.51 -4.12
C VAL B 374 2.83 -72.20 -5.62
N GLY B 375 1.81 -71.41 -5.99
CA GLY B 375 1.62 -71.09 -7.40
C GLY B 375 1.47 -72.35 -8.23
N ARG B 376 0.75 -73.33 -7.70
CA ARG B 376 0.53 -74.59 -8.41
C ARG B 376 -0.64 -74.51 -9.38
N SER B 377 -0.38 -74.87 -10.65
CA SER B 377 -1.41 -74.85 -11.67
C SER B 377 -2.19 -76.17 -11.55
N PRO B 378 -3.51 -76.13 -11.77
CA PRO B 378 -4.26 -77.38 -11.67
C PRO B 378 -3.82 -78.47 -12.66
N ASP B 379 -3.13 -78.11 -13.74
CA ASP B 379 -2.68 -79.14 -14.68
C ASP B 379 -1.50 -79.87 -14.06
N GLY B 380 -1.00 -79.31 -12.95
CA GLY B 380 0.10 -79.91 -12.21
C GLY B 380 1.50 -79.71 -12.75
N THR B 381 1.66 -78.89 -13.78
CA THR B 381 2.98 -78.68 -14.36
C THR B 381 3.79 -77.50 -13.80
N ARG B 382 3.11 -76.53 -13.19
CA ARG B 382 3.80 -75.36 -12.66
C ARG B 382 3.65 -75.22 -11.15
N HIS B 383 4.73 -74.80 -10.50
CA HIS B 383 4.74 -74.62 -9.06
C HIS B 383 6.15 -74.28 -8.58
N THR B 384 6.21 -73.61 -7.43
CA THR B 384 7.50 -73.25 -6.83
C THR B 384 7.54 -74.03 -5.53
N ASN B 385 8.59 -74.82 -5.36
CA ASN B 385 8.76 -75.66 -4.18
C ASN B 385 9.58 -75.01 -3.08
N ILE B 386 9.11 -75.14 -1.85
CA ILE B 386 9.80 -74.59 -0.69
C ILE B 386 9.90 -75.73 0.32
N GLY B 387 11.12 -76.14 0.62
CA GLY B 387 11.27 -77.24 1.56
C GLY B 387 12.60 -77.40 2.24
N LYS B 388 12.76 -78.53 2.92
CA LYS B 388 13.98 -78.82 3.66
C LYS B 388 14.54 -80.13 3.16
N TYR B 389 15.80 -80.09 2.72
CA TYR B 389 16.49 -81.27 2.22
C TYR B 389 17.95 -81.17 2.62
N GLY B 390 18.44 -82.17 3.34
CA GLY B 390 19.82 -82.15 3.79
C GLY B 390 20.08 -80.94 4.68
N ALA B 391 21.08 -80.15 4.33
CA ALA B 391 21.41 -78.96 5.11
C ALA B 391 20.86 -77.71 4.44
N ASP B 392 19.90 -77.91 3.54
CA ASP B 392 19.28 -76.84 2.76
C ASP B 392 17.82 -76.54 3.04
N LEU B 393 17.50 -75.25 3.16
CA LEU B 393 16.11 -74.84 3.27
C LEU B 393 16.08 -74.18 1.89
N TYR B 394 15.50 -74.89 0.93
CA TYR B 394 15.49 -74.42 -0.44
C TYR B 394 14.19 -73.85 -1.00
N VAL B 395 14.34 -73.05 -2.05
CA VAL B 395 13.21 -72.49 -2.77
C VAL B 395 13.55 -72.79 -4.23
N ASP B 396 12.78 -73.67 -4.84
CA ASP B 396 13.03 -74.07 -6.23
C ASP B 396 11.94 -73.54 -7.14
N ARG B 397 12.27 -72.50 -7.90
CA ARG B 397 11.30 -71.89 -8.82
C ARG B 397 11.41 -72.51 -10.22
N GLY B 398 12.28 -73.49 -10.38
CA GLY B 398 12.45 -74.13 -11.66
C GLY B 398 11.15 -74.54 -12.32
N PRO B 399 10.26 -75.26 -11.61
CA PRO B 399 8.99 -75.67 -12.22
C PRO B 399 8.06 -74.51 -12.54
N SER B 400 8.49 -73.28 -12.27
CA SER B 400 7.67 -72.12 -12.57
C SER B 400 8.23 -71.31 -13.74
N ASP B 401 9.32 -71.80 -14.35
CA ASP B 401 9.90 -71.10 -15.49
C ASP B 401 8.79 -70.85 -16.51
N LEU B 402 8.78 -69.65 -17.06
CA LEU B 402 7.75 -69.26 -18.03
C LEU B 402 8.36 -69.12 -19.42
N ALA B 403 7.74 -69.77 -20.40
CA ALA B 403 8.20 -69.73 -21.78
C ALA B 403 8.41 -68.29 -22.25
N GLY B 404 9.64 -67.99 -22.69
CA GLY B 404 9.95 -66.66 -23.16
C GLY B 404 10.44 -65.73 -22.07
N TYR B 405 10.49 -66.22 -20.83
CA TYR B 405 10.95 -65.43 -19.71
C TYR B 405 11.64 -66.32 -18.69
N SER B 406 12.05 -67.50 -19.13
CA SER B 406 12.71 -68.47 -18.26
C SER B 406 13.84 -67.90 -17.41
N LEU B 407 13.91 -68.33 -16.15
CA LEU B 407 14.95 -67.88 -15.23
C LEU B 407 16.08 -68.90 -15.12
N ALA B 408 15.89 -70.07 -15.72
CA ALA B 408 16.91 -71.10 -15.68
C ALA B 408 18.21 -70.48 -16.17
N PRO B 409 19.37 -70.98 -15.68
CA PRO B 409 19.60 -72.06 -14.72
C PRO B 409 19.53 -71.64 -13.25
N TYR B 410 19.01 -70.44 -12.98
CA TYR B 410 18.93 -69.95 -11.61
C TYR B 410 17.58 -70.33 -11.03
N SER B 411 17.46 -71.59 -10.61
CA SER B 411 16.19 -72.10 -10.11
C SER B 411 16.10 -72.43 -8.63
N ARG B 412 17.11 -73.15 -8.14
CA ARG B 412 17.14 -73.59 -6.75
C ARG B 412 17.98 -72.74 -5.82
N ALA B 413 17.32 -71.90 -5.03
CA ALA B 413 18.02 -71.08 -4.06
C ALA B 413 18.02 -71.92 -2.78
N ALA B 414 18.97 -71.67 -1.88
CA ALA B 414 19.01 -72.43 -0.65
C ALA B 414 19.69 -71.68 0.47
N ALA B 415 19.08 -71.73 1.65
CA ALA B 415 19.64 -71.09 2.83
C ALA B 415 20.11 -72.26 3.69
N PRO B 416 21.12 -72.03 4.53
CA PRO B 416 21.58 -73.15 5.35
C PRO B 416 20.62 -73.39 6.51
N ILE B 417 20.44 -74.66 6.84
CA ILE B 417 19.59 -75.05 7.95
C ILE B 417 20.23 -76.27 8.58
N ASP B 418 20.05 -76.43 9.89
CA ASP B 418 20.64 -77.56 10.59
C ASP B 418 20.17 -78.90 10.01
N PRO B 419 21.10 -79.69 9.45
CA PRO B 419 20.69 -80.98 8.89
C PRO B 419 19.94 -81.86 9.89
N GLY B 420 20.21 -81.66 11.17
CA GLY B 420 19.55 -82.45 12.19
C GLY B 420 18.14 -81.99 12.51
N ALA B 421 17.75 -80.82 11.99
CA ALA B 421 16.42 -80.30 12.23
C ALA B 421 15.35 -81.31 11.78
N ARG B 422 14.33 -81.50 12.61
CA ARG B 422 13.26 -82.42 12.29
C ARG B 422 11.91 -81.68 12.26
N SER B 423 11.99 -80.36 12.33
CA SER B 423 10.81 -79.52 12.25
C SER B 423 11.29 -78.16 11.78
N VAL B 424 10.39 -77.37 11.20
CA VAL B 424 10.74 -76.05 10.71
C VAL B 424 9.50 -75.18 10.62
N HIS B 425 9.69 -73.88 10.79
CA HIS B 425 8.58 -72.95 10.69
C HIS B 425 8.80 -72.11 9.44
N LEU B 426 7.72 -71.89 8.70
CA LEU B 426 7.81 -71.10 7.49
C LEU B 426 6.75 -70.02 7.41
N ARG B 427 7.17 -68.84 6.97
CA ARG B 427 6.28 -67.72 6.75
C ARG B 427 6.60 -67.35 5.31
N ILE B 428 5.64 -67.58 4.42
CA ILE B 428 5.85 -67.36 3.00
C ILE B 428 4.95 -66.32 2.36
N LEU B 429 5.57 -65.29 1.79
CA LEU B 429 4.83 -64.22 1.11
C LEU B 429 4.81 -64.47 -0.40
N VAL B 430 3.60 -64.65 -0.93
CA VAL B 430 3.41 -64.91 -2.35
C VAL B 430 2.67 -63.74 -3.00
N ASP B 431 3.20 -63.26 -4.12
CA ASP B 431 2.55 -62.18 -4.86
C ASP B 431 2.62 -62.61 -6.32
N THR B 432 1.95 -61.87 -7.20
CA THR B 432 1.89 -62.24 -8.63
C THR B 432 3.21 -62.44 -9.38
N GLN B 433 4.30 -61.89 -8.87
CA GLN B 433 5.59 -62.04 -9.53
C GLN B 433 6.71 -62.34 -8.54
N SER B 434 6.37 -62.88 -7.37
CA SER B 434 7.40 -63.16 -6.37
C SER B 434 7.00 -64.09 -5.23
N VAL B 435 8.02 -64.56 -4.54
CA VAL B 435 7.88 -65.44 -3.39
C VAL B 435 9.01 -65.06 -2.44
N GLU B 436 8.66 -64.80 -1.19
CA GLU B 436 9.64 -64.45 -0.17
C GLU B 436 9.43 -65.34 1.04
N VAL B 437 10.49 -66.05 1.41
CA VAL B 437 10.44 -66.98 2.52
C VAL B 437 11.24 -66.58 3.75
N PHE B 438 10.55 -66.38 4.86
CA PHE B 438 11.20 -66.06 6.12
C PHE B 438 11.19 -67.35 6.92
N VAL B 439 12.38 -67.90 7.14
CA VAL B 439 12.51 -69.15 7.85
C VAL B 439 12.64 -69.00 9.35
N ASN B 440 11.96 -69.87 10.09
CA ASN B 440 12.00 -69.86 11.54
C ASN B 440 11.92 -68.47 12.17
N ALA B 441 12.96 -68.07 12.91
CA ALA B 441 12.97 -66.78 13.57
C ALA B 441 13.51 -65.66 12.68
N GLY B 442 13.60 -65.92 11.39
CA GLY B 442 14.08 -64.89 10.47
C GLY B 442 15.57 -64.68 10.33
N HIS B 443 16.38 -65.62 10.79
CA HIS B 443 17.82 -65.45 10.63
C HIS B 443 18.16 -65.63 9.15
N THR B 444 17.39 -66.47 8.46
CA THR B 444 17.59 -66.72 7.03
C THR B 444 16.31 -66.39 6.27
N VAL B 445 16.49 -65.68 5.14
CA VAL B 445 15.37 -65.29 4.29
C VAL B 445 15.77 -65.57 2.84
N LEU B 446 14.80 -65.93 2.01
CA LEU B 446 15.06 -66.17 0.58
C LEU B 446 14.04 -65.40 -0.23
N SER B 447 14.52 -64.47 -1.04
CA SER B 447 13.67 -63.65 -1.88
C SER B 447 13.99 -63.89 -3.35
N GLN B 448 12.95 -64.02 -4.17
CA GLN B 448 13.16 -64.24 -5.58
C GLN B 448 11.91 -63.94 -6.39
N GLN B 449 12.08 -63.46 -7.61
CA GLN B 449 10.93 -63.20 -8.44
C GLN B 449 10.56 -64.53 -9.08
N VAL B 450 9.29 -64.67 -9.42
CA VAL B 450 8.79 -65.87 -10.06
C VAL B 450 7.71 -65.39 -11.01
N HIS B 451 7.79 -65.80 -12.27
CA HIS B 451 6.82 -65.39 -13.25
C HIS B 451 5.63 -66.34 -13.28
N PHE B 452 4.72 -66.15 -12.33
CA PHE B 452 3.53 -66.97 -12.22
C PHE B 452 2.56 -66.63 -13.35
N ALA B 453 1.84 -67.63 -13.82
CA ALA B 453 0.84 -67.43 -14.86
C ALA B 453 -0.45 -67.17 -14.09
N GLU B 454 -1.49 -66.70 -14.80
CA GLU B 454 -2.76 -66.40 -14.13
C GLU B 454 -3.37 -67.58 -13.38
N GLY B 455 -3.16 -68.80 -13.88
CA GLY B 455 -3.72 -69.97 -13.24
C GLY B 455 -2.90 -70.66 -12.18
N ASP B 456 -1.72 -70.13 -11.87
CA ASP B 456 -0.87 -70.74 -10.83
C ASP B 456 -1.38 -70.26 -9.46
N THR B 457 -2.40 -70.93 -8.94
CA THR B 457 -2.99 -70.48 -7.68
C THR B 457 -3.10 -71.48 -6.54
N GLY B 458 -2.84 -72.75 -6.83
CA GLY B 458 -2.96 -73.77 -5.80
C GLY B 458 -1.77 -73.89 -4.87
N ILE B 459 -1.95 -74.75 -3.86
CA ILE B 459 -0.92 -75.02 -2.87
C ILE B 459 -0.99 -76.51 -2.57
N SER B 460 0.16 -77.15 -2.48
CA SER B 460 0.19 -78.57 -2.17
C SER B 460 1.33 -78.87 -1.19
N LEU B 461 1.21 -79.96 -0.45
CA LEU B 461 2.22 -80.37 0.52
C LEU B 461 2.85 -81.67 0.04
N TYR B 462 4.12 -81.91 0.39
CA TYR B 462 4.78 -83.13 -0.07
C TYR B 462 5.90 -83.60 0.83
N THR B 463 6.15 -84.90 0.80
CA THR B 463 7.22 -85.51 1.58
C THR B 463 7.92 -86.57 0.74
N ASP B 464 9.09 -86.99 1.19
CA ASP B 464 9.90 -88.01 0.52
C ASP B 464 10.57 -88.86 1.59
N GLY B 465 10.26 -90.15 1.60
CA GLY B 465 10.89 -91.05 2.56
C GLY B 465 10.23 -91.09 3.92
N GLY B 466 8.96 -90.66 3.98
CA GLY B 466 8.27 -90.70 5.26
C GLY B 466 7.21 -89.63 5.41
N PRO B 467 6.27 -89.83 6.34
CA PRO B 467 5.20 -88.88 6.58
C PRO B 467 5.69 -87.63 7.32
N ALA B 468 4.95 -86.54 7.19
CA ALA B 468 5.31 -85.30 7.87
C ALA B 468 4.02 -84.67 8.37
N HIS B 469 4.08 -84.03 9.52
CA HIS B 469 2.91 -83.40 10.10
C HIS B 469 2.96 -81.90 9.80
N PHE B 470 1.97 -81.43 9.04
CA PHE B 470 1.86 -80.02 8.68
C PHE B 470 0.82 -79.42 9.62
N THR B 471 1.25 -78.48 10.45
CA THR B 471 0.35 -77.86 11.41
C THR B 471 0.43 -76.34 11.47
N GLY B 472 -0.55 -75.74 12.14
CA GLY B 472 -0.61 -74.30 12.28
C GLY B 472 -0.72 -73.62 10.92
N ILE B 473 -1.44 -74.25 10.01
CA ILE B 473 -1.60 -73.70 8.67
C ILE B 473 -2.60 -72.56 8.65
N VAL B 474 -2.11 -71.37 8.31
CA VAL B 474 -2.96 -70.20 8.22
C VAL B 474 -2.56 -69.41 6.98
N VAL B 475 -3.55 -69.01 6.20
CA VAL B 475 -3.33 -68.25 4.99
C VAL B 475 -4.02 -66.90 5.08
N ARG B 476 -3.26 -65.83 5.00
CA ARG B 476 -3.82 -64.49 5.07
C ARG B 476 -3.76 -63.87 3.69
N GLU B 477 -4.93 -63.68 3.08
CA GLU B 477 -5.00 -63.09 1.75
C GLU B 477 -4.68 -61.60 1.88
N ILE B 478 -3.90 -61.08 0.94
CA ILE B 478 -3.52 -59.67 0.97
C ILE B 478 -4.05 -58.88 -0.22
N GLY B 479 -4.49 -57.67 0.08
CA GLY B 479 -5.02 -56.78 -0.94
C GLY B 479 -4.65 -55.36 -0.55
N GLN B 480 -4.19 -54.55 -1.50
CA GLN B 480 -3.80 -53.17 -1.20
C GLN B 480 -4.98 -52.41 -0.57
N ALA B 481 -4.64 -51.47 0.32
CA ALA B 481 -5.61 -50.65 1.05
C ALA B 481 -6.13 -51.40 2.27
N ALA C 2 -5.48 28.69 17.14
CA ALA C 2 -4.85 28.56 18.49
C ALA C 2 -5.70 29.28 19.54
N VAL C 3 -6.09 28.55 20.58
CA VAL C 3 -6.92 29.13 21.62
C VAL C 3 -6.21 30.11 22.55
N TYR C 4 -4.97 29.80 22.96
CA TYR C 4 -4.26 30.71 23.85
C TYR C 4 -2.82 31.00 23.47
N HIS C 5 -2.53 30.94 22.18
CA HIS C 5 -1.21 31.26 21.67
C HIS C 5 -1.38 32.41 20.70
N MET C 6 -0.43 33.33 20.68
CA MET C 6 -0.53 34.47 19.79
C MET C 6 -0.35 34.07 18.33
N THR C 7 -1.22 34.60 17.48
CA THR C 7 -1.16 34.35 16.05
C THR C 7 -1.48 35.68 15.38
N PRO C 8 -0.94 35.92 14.18
CA PRO C 8 -1.22 37.17 13.49
C PRO C 8 -2.64 37.18 12.93
N PRO C 9 -3.30 38.36 12.93
CA PRO C 9 -4.66 38.44 12.41
C PRO C 9 -4.76 37.76 11.04
N SER C 10 -3.69 37.87 10.26
CA SER C 10 -3.62 37.24 8.94
C SER C 10 -2.17 37.26 8.48
N GLY C 11 -1.85 36.46 7.47
CA GLY C 11 -0.50 36.44 6.94
C GLY C 11 0.53 35.60 7.67
N TRP C 12 1.78 35.87 7.34
CA TRP C 12 2.94 35.17 7.88
C TRP C 12 3.58 35.86 9.08
N LEU C 13 3.68 35.10 10.16
CA LEU C 13 4.30 35.55 11.40
C LEU C 13 5.71 34.98 11.48
N CYS C 14 6.64 35.78 12.00
CA CYS C 14 8.01 35.34 12.12
C CYS C 14 8.64 35.85 13.43
N ASN C 15 9.97 35.90 13.48
CA ASN C 15 10.72 36.34 14.67
C ASN C 15 10.09 37.40 15.56
N PRO C 16 9.89 37.09 16.85
CA PRO C 16 9.31 38.10 17.74
C PRO C 16 10.47 39.04 18.11
N GLN C 17 10.18 40.28 18.48
CA GLN C 17 11.22 41.23 18.87
C GLN C 17 11.06 41.53 20.36
N ARG C 18 12.17 41.61 21.08
CA ARG C 18 12.12 41.86 22.52
C ARG C 18 11.18 42.99 22.84
N PRO C 19 10.16 42.73 23.66
CA PRO C 19 9.24 43.84 23.96
C PRO C 19 9.82 44.88 24.91
N VAL C 20 9.22 46.06 24.88
CA VAL C 20 9.62 47.15 25.76
C VAL C 20 8.40 47.41 26.63
N THR C 21 8.60 48.03 27.78
CA THR C 21 7.50 48.32 28.68
C THR C 21 7.10 49.78 28.65
N THR C 22 5.90 50.06 28.16
CA THR C 22 5.37 51.42 28.11
C THR C 22 3.85 51.33 28.29
N HIS C 23 3.24 52.43 28.70
CA HIS C 23 1.80 52.48 28.92
C HIS C 23 1.31 51.32 29.76
N GLY C 24 2.06 51.01 30.82
CA GLY C 24 1.68 49.94 31.73
C GLY C 24 1.66 48.53 31.16
N ALA C 25 2.03 48.37 29.89
CA ALA C 25 2.01 47.05 29.28
C ALA C 25 3.30 46.72 28.53
N TYR C 26 3.40 45.49 28.07
CA TYR C 26 4.55 45.06 27.31
C TYR C 26 4.22 45.30 25.84
N GLN C 27 5.11 45.97 25.12
CA GLN C 27 4.89 46.21 23.70
C GLN C 27 5.73 45.19 22.95
N LEU C 28 5.06 44.18 22.40
CA LEU C 28 5.76 43.15 21.66
C LEU C 28 5.73 43.49 20.17
N TYR C 29 6.85 43.27 19.49
CA TYR C 29 6.92 43.50 18.05
C TYR C 29 7.25 42.13 17.43
N TYR C 30 6.99 41.99 16.15
CA TYR C 30 7.30 40.74 15.47
C TYR C 30 7.35 40.91 13.97
N LEU C 31 8.18 40.11 13.32
CA LEU C 31 8.29 40.18 11.88
C LEU C 31 7.01 39.63 11.28
N HIS C 32 6.47 40.35 10.30
CA HIS C 32 5.24 39.95 9.64
C HIS C 32 5.32 40.21 8.15
N SER C 33 4.85 39.25 7.35
CA SER C 33 4.84 39.37 5.90
C SER C 33 3.45 39.01 5.37
N ASP C 34 3.09 39.59 4.24
CA ASP C 34 1.80 39.31 3.61
C ASP C 34 1.82 37.93 2.97
N GLN C 35 2.99 37.52 2.50
CA GLN C 35 3.16 36.22 1.89
C GLN C 35 4.04 35.35 2.78
N ASN C 36 3.77 34.05 2.79
CA ASN C 36 4.54 33.14 3.59
C ASN C 36 6.02 33.19 3.19
N ASN C 37 6.87 33.46 4.17
CA ASN C 37 8.31 33.56 3.97
C ASN C 37 8.66 34.67 2.97
N GLY C 38 7.79 35.68 2.88
CA GLY C 38 8.03 36.77 1.97
C GLY C 38 8.57 38.00 2.70
N PRO C 39 8.80 39.11 1.98
CA PRO C 39 9.32 40.36 2.54
C PRO C 39 8.32 41.00 3.50
N GLY C 40 8.82 41.56 4.59
CA GLY C 40 7.91 42.19 5.54
C GLY C 40 8.55 43.26 6.41
N GLY C 41 7.93 43.48 7.57
CA GLY C 41 8.44 44.47 8.49
C GLY C 41 8.04 44.11 9.92
N TRP C 42 8.07 45.10 10.80
CA TRP C 42 7.70 44.90 12.19
C TRP C 42 6.23 45.27 12.43
N ASP C 43 5.48 44.34 13.04
CA ASP C 43 4.10 44.61 13.40
C ASP C 43 4.12 44.78 14.92
N HIS C 44 3.05 45.31 15.49
CA HIS C 44 3.00 45.59 16.93
C HIS C 44 1.78 44.96 17.60
N ALA C 45 1.99 44.50 18.84
CA ALA C 45 0.93 43.90 19.63
C ALA C 45 1.22 44.21 21.10
N SER C 46 0.17 44.55 21.85
CA SER C 46 0.33 44.85 23.26
C SER C 46 -0.24 43.74 24.13
N THR C 47 0.38 43.54 25.29
CA THR C 47 -0.08 42.55 26.23
C THR C 47 0.22 43.06 27.63
N THR C 48 -0.74 42.91 28.53
CA THR C 48 -0.55 43.35 29.89
C THR C 48 -0.24 42.18 30.81
N ASP C 49 -0.72 40.99 30.48
CA ASP C 49 -0.48 39.83 31.32
C ASP C 49 0.46 38.79 30.71
N GLY C 50 0.79 38.95 29.43
CA GLY C 50 1.67 37.99 28.79
C GLY C 50 0.92 36.80 28.20
N VAL C 51 -0.41 36.87 28.18
CA VAL C 51 -1.20 35.79 27.62
C VAL C 51 -2.02 36.30 26.44
N ALA C 52 -2.84 37.32 26.68
CA ALA C 52 -3.69 37.89 25.62
C ALA C 52 -3.01 39.08 24.95
N PHE C 53 -3.10 39.15 23.63
CA PHE C 53 -2.48 40.22 22.87
C PHE C 53 -3.44 41.08 22.07
N THR C 54 -3.16 42.37 22.01
CA THR C 54 -3.96 43.31 21.24
C THR C 54 -3.07 43.73 20.07
N HIS C 55 -3.48 43.36 18.86
CA HIS C 55 -2.70 43.67 17.66
C HIS C 55 -2.95 45.09 17.17
N HIS C 56 -1.86 45.78 16.82
CA HIS C 56 -1.94 47.17 16.36
C HIS C 56 -1.48 47.42 14.93
N GLY C 57 -1.17 46.36 14.20
CA GLY C 57 -0.73 46.54 12.83
C GLY C 57 0.76 46.82 12.68
N THR C 58 1.14 47.23 11.46
CA THR C 58 2.53 47.51 11.13
C THR C 58 3.07 48.78 11.78
N VAL C 59 4.33 48.75 12.18
CA VAL C 59 4.92 49.92 12.82
C VAL C 59 6.21 50.32 12.08
N MET C 60 6.88 49.33 11.48
CA MET C 60 8.09 49.54 10.70
C MET C 60 7.89 48.74 9.42
N PRO C 61 7.18 49.35 8.46
CA PRO C 61 6.83 48.76 7.16
C PRO C 61 7.92 48.35 6.19
N LEU C 62 7.54 47.42 5.32
CA LEU C 62 8.39 46.94 4.26
C LEU C 62 8.40 48.06 3.22
N ARG C 63 9.48 48.16 2.46
CA ARG C 63 9.60 49.16 1.40
C ARG C 63 10.18 48.41 0.21
N PRO C 64 9.84 48.86 -1.02
CA PRO C 64 10.35 48.19 -2.22
C PRO C 64 11.79 47.73 -2.08
N ASP C 65 12.01 46.43 -2.12
CA ASP C 65 13.34 45.84 -1.98
C ASP C 65 14.06 46.34 -0.74
N PHE C 66 13.28 46.64 0.30
CA PHE C 66 13.85 47.12 1.54
C PHE C 66 13.01 46.67 2.72
N PRO C 67 13.05 45.36 3.04
CA PRO C 67 12.31 44.78 4.15
C PRO C 67 13.00 45.07 5.49
N VAL C 68 12.27 44.87 6.58
CA VAL C 68 12.84 45.09 7.90
C VAL C 68 13.00 43.76 8.61
N TRP C 69 14.23 43.38 8.91
CA TRP C 69 14.51 42.15 9.61
C TRP C 69 14.54 42.38 11.12
N SER C 70 15.12 41.44 11.88
CA SER C 70 15.15 41.54 13.33
C SER C 70 16.08 42.58 13.91
N GLY C 71 15.78 42.94 15.15
CA GLY C 71 16.56 43.90 15.90
C GLY C 71 16.08 43.93 17.34
N SER C 72 16.01 45.12 17.92
CA SER C 72 15.54 45.25 19.30
C SER C 72 15.30 46.73 19.58
N ALA C 73 14.52 47.00 20.62
CA ALA C 73 14.19 48.36 20.99
C ALA C 73 14.49 48.59 22.48
N VAL C 74 14.62 49.85 22.87
CA VAL C 74 14.87 50.20 24.27
C VAL C 74 14.21 51.53 24.60
N VAL C 75 13.81 51.69 25.85
CA VAL C 75 13.21 52.94 26.30
C VAL C 75 14.40 53.78 26.74
N ASP C 76 14.67 54.86 25.99
CA ASP C 76 15.79 55.74 26.28
C ASP C 76 15.34 56.80 27.28
N THR C 77 15.16 56.38 28.54
CA THR C 77 14.69 57.26 29.60
C THR C 77 15.57 58.47 29.90
N ALA C 78 16.89 58.30 29.80
CA ALA C 78 17.80 59.42 30.08
C ALA C 78 18.02 60.29 28.86
N ASN C 79 17.37 59.94 27.75
CA ASN C 79 17.50 60.67 26.50
C ASN C 79 18.96 60.77 26.06
N THR C 80 19.66 59.64 26.09
CA THR C 80 21.06 59.60 25.68
C THR C 80 21.16 59.70 24.16
N ALA C 81 20.06 59.40 23.46
CA ALA C 81 20.05 59.43 22.00
C ALA C 81 19.65 60.78 21.41
N GLY C 82 18.98 61.61 22.21
CA GLY C 82 18.57 62.92 21.75
C GLY C 82 17.23 62.95 21.02
N PHE C 83 16.41 61.92 21.19
CA PHE C 83 15.11 61.89 20.53
C PHE C 83 14.05 62.23 21.56
N GLY C 84 14.50 62.47 22.79
CA GLY C 84 13.59 62.79 23.87
C GLY C 84 13.61 61.73 24.96
N ALA C 85 13.50 62.17 26.20
CA ALA C 85 13.49 61.25 27.33
C ALA C 85 12.28 60.33 27.19
N GLY C 86 12.51 59.03 27.36
CA GLY C 86 11.42 58.08 27.25
C GLY C 86 11.15 57.61 25.84
N ALA C 87 11.84 58.20 24.87
CA ALA C 87 11.64 57.79 23.50
C ALA C 87 12.03 56.32 23.35
N VAL C 88 11.31 55.61 22.50
CA VAL C 88 11.61 54.21 22.27
C VAL C 88 12.49 54.19 21.02
N VAL C 89 13.73 53.75 21.18
CA VAL C 89 14.67 53.69 20.08
C VAL C 89 14.96 52.24 19.71
N ALA C 90 14.84 51.94 18.41
CA ALA C 90 15.08 50.60 17.92
C ALA C 90 16.12 50.52 16.82
N LEU C 91 16.80 49.38 16.76
CA LEU C 91 17.80 49.08 15.74
C LEU C 91 17.30 47.80 15.05
N ALA C 92 17.27 47.81 13.73
CA ALA C 92 16.83 46.66 12.96
C ALA C 92 17.70 46.50 11.74
N THR C 93 17.97 45.25 11.37
CA THR C 93 18.79 44.96 10.22
C THR C 93 17.94 45.11 8.96
N GLN C 94 18.57 45.60 7.90
CA GLN C 94 17.89 45.80 6.62
C GLN C 94 18.92 45.62 5.50
N PRO C 95 18.53 44.93 4.42
CA PRO C 95 19.44 44.74 3.30
C PRO C 95 19.44 45.98 2.41
N THR C 96 20.39 46.88 2.66
CA THR C 96 20.49 48.12 1.89
C THR C 96 20.55 47.81 0.40
N ASP C 97 19.81 48.57 -0.39
CA ASP C 97 19.73 48.36 -1.84
C ASP C 97 19.21 46.96 -2.19
N GLY C 98 18.69 46.25 -1.19
CA GLY C 98 18.18 44.91 -1.43
C GLY C 98 19.31 43.89 -1.55
N VAL C 99 20.54 44.34 -1.28
CA VAL C 99 21.71 43.47 -1.36
C VAL C 99 21.96 42.78 -0.03
N ARG C 100 21.89 41.45 -0.04
CA ARG C 100 22.10 40.69 1.17
C ARG C 100 23.44 40.94 1.85
N LYS C 101 24.51 41.11 1.06
CA LYS C 101 25.81 41.34 1.66
C LYS C 101 25.96 42.75 2.23
N TYR C 102 24.92 43.57 2.08
CA TYR C 102 24.93 44.93 2.62
C TYR C 102 24.00 45.07 3.83
N GLN C 103 23.51 43.96 4.37
CA GLN C 103 22.62 44.04 5.54
C GLN C 103 23.35 44.78 6.65
N GLU C 104 22.72 45.83 7.15
CA GLU C 104 23.30 46.66 8.19
C GLU C 104 22.20 47.19 9.12
N GLN C 105 22.61 47.89 10.17
CA GLN C 105 21.67 48.35 11.18
C GLN C 105 21.11 49.77 11.08
N TYR C 106 19.79 49.86 10.94
CA TYR C 106 19.11 51.14 10.84
C TYR C 106 18.40 51.44 12.15
N LEU C 107 18.35 52.73 12.50
CA LEU C 107 17.71 53.14 13.73
C LEU C 107 16.34 53.76 13.49
N TYR C 108 15.38 53.40 14.35
CA TYR C 108 14.02 53.92 14.28
C TYR C 108 13.73 54.45 15.67
N TRP C 109 12.91 55.50 15.78
CA TRP C 109 12.60 56.02 17.11
C TRP C 109 11.13 56.40 17.20
N SER C 110 10.59 56.29 18.40
CA SER C 110 9.20 56.61 18.65
C SER C 110 9.09 57.52 19.86
N THR C 111 8.21 58.50 19.80
CA THR C 111 8.02 59.41 20.91
C THR C 111 6.65 59.24 21.54
N ASP C 112 5.92 58.22 21.10
CA ASP C 112 4.59 57.96 21.67
C ASP C 112 4.53 56.61 22.38
N GLY C 113 5.68 56.16 22.87
CA GLY C 113 5.71 54.89 23.58
C GLY C 113 5.80 53.66 22.70
N GLY C 114 6.28 53.81 21.47
CA GLY C 114 6.41 52.67 20.58
C GLY C 114 5.19 52.27 19.78
N PHE C 115 4.33 53.22 19.46
CA PHE C 115 3.14 52.95 18.67
C PHE C 115 3.33 53.42 17.23
N THR C 116 4.10 54.50 17.08
CA THR C 116 4.44 55.04 15.76
C THR C 116 5.94 55.28 15.78
N PHE C 117 6.63 54.91 14.71
CA PHE C 117 8.08 55.07 14.60
C PHE C 117 8.47 55.86 13.36
N THR C 118 9.59 56.59 13.46
CA THR C 118 10.14 57.37 12.35
C THR C 118 11.52 56.77 12.08
N ALA C 119 11.91 56.68 10.82
CA ALA C 119 13.19 56.10 10.47
C ALA C 119 14.31 57.12 10.28
N LEU C 120 15.49 56.77 10.80
CA LEU C 120 16.66 57.62 10.64
C LEU C 120 17.20 57.10 9.30
N PRO C 121 17.28 57.98 8.28
CA PRO C 121 17.77 57.59 6.96
C PRO C 121 19.05 56.77 6.85
N ASP C 122 20.16 57.23 7.43
CA ASP C 122 21.43 56.49 7.34
C ASP C 122 21.65 55.52 8.48
N PRO C 123 22.05 54.28 8.16
CA PRO C 123 22.32 53.23 9.15
C PRO C 123 23.38 53.65 10.16
N VAL C 124 23.18 53.28 11.42
CA VAL C 124 24.11 53.63 12.50
C VAL C 124 25.26 52.64 12.67
N ILE C 125 25.13 51.46 12.08
CA ILE C 125 26.20 50.46 12.11
C ILE C 125 26.24 49.91 10.69
N VAL C 126 27.18 50.45 9.92
CA VAL C 126 27.37 50.10 8.51
C VAL C 126 28.12 48.78 8.31
N ASN C 127 27.71 48.04 7.28
CA ASN C 127 28.33 46.77 6.93
C ASN C 127 29.38 47.10 5.86
N THR C 128 30.52 47.63 6.28
CA THR C 128 31.58 47.97 5.34
C THR C 128 32.21 46.71 4.77
N ASP C 129 32.18 45.62 5.54
CA ASP C 129 32.74 44.35 5.08
C ASP C 129 32.05 43.94 3.78
N GLY C 130 30.77 44.25 3.68
CA GLY C 130 29.99 43.90 2.51
C GLY C 130 30.46 44.56 1.23
N ARG C 131 30.90 45.82 1.32
CA ARG C 131 31.38 46.53 0.13
C ARG C 131 32.79 46.09 -0.25
N ALA C 132 33.40 45.26 0.60
CA ALA C 132 34.75 44.78 0.34
C ALA C 132 34.77 43.28 0.05
N ALA C 133 33.66 42.61 0.30
CA ALA C 133 33.57 41.17 0.09
C ALA C 133 33.77 40.78 -1.37
N THR C 134 34.70 39.86 -1.61
CA THR C 134 35.01 39.39 -2.97
C THR C 134 34.79 37.89 -3.10
N THR C 135 35.57 37.13 -2.35
CA THR C 135 35.49 35.68 -2.36
C THR C 135 34.16 35.18 -1.77
N PRO C 136 33.84 33.89 -1.99
CA PRO C 136 32.60 33.31 -1.47
C PRO C 136 32.57 33.35 0.06
N ALA C 137 33.71 33.10 0.67
CA ALA C 137 33.81 33.12 2.13
C ALA C 137 33.55 34.52 2.66
N GLU C 138 34.13 35.52 2.00
CA GLU C 138 33.93 36.90 2.40
C GLU C 138 32.47 37.32 2.28
N ILE C 139 31.86 36.99 1.15
CA ILE C 139 30.47 37.33 0.90
C ILE C 139 29.55 36.65 1.92
N GLU C 140 29.78 35.38 2.16
CA GLU C 140 28.98 34.63 3.11
C GLU C 140 29.00 35.30 4.48
N ASN C 141 30.17 35.75 4.91
CA ASN C 141 30.31 36.41 6.20
C ASN C 141 29.62 37.76 6.25
N ALA C 142 29.68 38.50 5.15
CA ALA C 142 29.04 39.82 5.09
C ALA C 142 27.53 39.64 5.04
N GLU C 143 27.09 38.45 4.61
CA GLU C 143 25.68 38.13 4.51
C GLU C 143 25.13 37.59 5.84
N TRP C 144 25.91 37.77 6.91
CA TRP C 144 25.49 37.36 8.25
C TRP C 144 26.05 38.41 9.22
N PHE C 145 25.26 39.47 9.39
CA PHE C 145 25.60 40.61 10.23
C PHE C 145 24.23 41.19 10.57
N ARG C 146 23.52 40.53 11.49
CA ARG C 146 22.17 40.95 11.81
C ARG C 146 21.66 40.69 13.23
N ASP C 147 20.44 41.17 13.45
CA ASP C 147 19.73 41.00 14.72
C ASP C 147 20.38 41.66 15.94
N PRO C 148 20.58 43.00 15.90
CA PRO C 148 21.20 43.69 17.02
C PRO C 148 20.33 43.71 18.28
N LYS C 149 20.90 43.25 19.39
CA LYS C 149 20.22 43.21 20.68
C LYS C 149 20.91 44.25 21.56
N ILE C 150 20.13 45.23 22.02
CA ILE C 150 20.67 46.31 22.83
C ILE C 150 20.46 46.18 24.33
N HIS C 151 21.52 46.44 25.09
CA HIS C 151 21.47 46.36 26.55
C HIS C 151 22.18 47.55 27.17
N TRP C 152 21.59 48.10 28.23
CA TRP C 152 22.20 49.21 28.92
C TRP C 152 23.07 48.62 30.03
N ASP C 153 24.37 48.89 29.95
CA ASP C 153 25.33 48.40 30.93
C ASP C 153 25.40 49.46 32.04
N THR C 154 24.73 49.20 33.15
CA THR C 154 24.72 50.15 34.25
C THR C 154 26.12 50.36 34.83
N ALA C 155 26.90 49.27 34.91
CA ALA C 155 28.25 49.33 35.44
C ALA C 155 29.15 50.33 34.72
N ARG C 156 28.97 50.45 33.41
CA ARG C 156 29.82 51.37 32.65
C ARG C 156 29.06 52.57 32.10
N GLY C 157 27.78 52.65 32.44
CA GLY C 157 26.94 53.76 31.98
C GLY C 157 26.93 53.94 30.48
N GLU C 158 26.77 52.85 29.73
CA GLU C 158 26.77 52.93 28.28
C GLU C 158 25.95 51.80 27.68
N TRP C 159 25.65 51.93 26.39
CA TRP C 159 24.89 50.89 25.70
C TRP C 159 25.85 49.89 25.08
N VAL C 160 25.47 48.61 25.12
CA VAL C 160 26.26 47.56 24.51
C VAL C 160 25.30 46.78 23.62
N CYS C 161 25.72 46.55 22.38
CA CYS C 161 24.89 45.86 21.42
C CYS C 161 25.61 44.61 20.90
N VAL C 162 24.88 43.48 20.86
CA VAL C 162 25.45 42.24 20.36
C VAL C 162 24.77 41.94 19.02
N ILE C 163 25.58 41.62 18.01
CA ILE C 163 25.07 41.33 16.68
C ILE C 163 25.48 39.93 16.25
N GLY C 164 24.56 39.22 15.62
CA GLY C 164 24.87 37.86 15.20
C GLY C 164 25.60 37.76 13.88
N ARG C 165 26.60 36.89 13.83
CA ARG C 165 27.38 36.69 12.63
C ARG C 165 27.57 35.20 12.40
N LEU C 166 28.30 34.83 11.36
CA LEU C 166 28.54 33.42 11.04
C LEU C 166 29.41 32.71 12.06
N ARG C 167 28.78 31.94 12.93
CA ARG C 167 29.45 31.19 13.98
C ARG C 167 30.20 32.03 15.02
N TYR C 168 29.74 33.26 15.23
CA TYR C 168 30.33 34.12 16.26
C TYR C 168 29.45 35.35 16.47
N ALA C 169 29.67 36.05 17.57
CA ALA C 169 28.88 37.25 17.85
C ALA C 169 29.79 38.47 17.97
N ALA C 170 29.34 39.58 17.43
CA ALA C 170 30.11 40.82 17.47
C ALA C 170 29.47 41.77 18.48
N PHE C 171 30.29 42.60 19.11
CA PHE C 171 29.80 43.53 20.11
C PHE C 171 30.21 44.96 19.81
N TYR C 172 29.30 45.88 20.13
CA TYR C 172 29.55 47.32 19.95
C TYR C 172 29.02 48.04 21.18
N THR C 173 29.63 49.17 21.51
CA THR C 173 29.18 49.97 22.65
C THR C 173 28.91 51.37 22.14
N SER C 174 28.05 52.10 22.83
CA SER C 174 27.69 53.43 22.42
C SER C 174 27.09 54.24 23.56
N PRO C 175 27.35 55.55 23.57
CA PRO C 175 26.79 56.39 24.63
C PRO C 175 25.44 56.97 24.21
N ASN C 176 25.14 56.90 22.92
CA ASN C 176 23.91 57.50 22.42
C ASN C 176 23.09 56.70 21.40
N LEU C 177 23.37 55.40 21.26
CA LEU C 177 22.65 54.54 20.32
C LEU C 177 22.86 54.89 18.85
N ARG C 178 23.69 55.90 18.56
CA ARG C 178 23.95 56.30 17.19
C ARG C 178 25.42 56.10 16.80
N ASP C 179 26.31 56.42 17.72
CA ASP C 179 27.75 56.29 17.47
C ASP C 179 28.24 55.01 18.15
N TRP C 180 28.55 54.00 17.35
CA TRP C 180 28.97 52.72 17.89
C TRP C 180 30.44 52.41 17.67
N THR C 181 31.04 51.73 18.63
CA THR C 181 32.44 51.35 18.58
C THR C 181 32.56 49.84 18.66
N LEU C 182 33.26 49.25 17.70
CA LEU C 182 33.46 47.81 17.66
C LEU C 182 34.29 47.32 18.84
N ARG C 183 33.90 46.18 19.41
CA ARG C 183 34.62 45.58 20.52
C ARG C 183 35.11 44.20 20.10
N ARG C 184 35.40 43.34 21.07
CA ARG C 184 35.88 41.99 20.75
C ARG C 184 34.75 40.99 20.50
N ASN C 185 34.97 40.11 19.52
CA ASN C 185 33.99 39.11 19.19
C ASN C 185 33.97 38.04 20.27
N PHE C 186 32.87 37.27 20.29
CA PHE C 186 32.74 36.16 21.20
C PHE C 186 32.81 34.95 20.30
N ASP C 187 33.76 34.07 20.56
CA ASP C 187 33.89 32.85 19.78
C ASP C 187 33.63 31.65 20.67
N TYR C 188 33.18 30.56 20.05
CA TYR C 188 32.92 29.32 20.77
C TYR C 188 33.52 28.21 19.92
N PRO C 189 34.12 27.21 20.56
CA PRO C 189 34.76 26.07 19.89
C PRO C 189 33.94 25.14 18.98
N ASN C 190 32.69 24.88 19.35
CA ASN C 190 31.88 23.95 18.57
C ASN C 190 31.01 24.63 17.51
N HIS C 191 31.54 24.81 16.30
CA HIS C 191 30.76 25.46 15.26
C HIS C 191 29.61 24.63 14.69
N ALA C 192 29.65 23.32 14.95
CA ALA C 192 28.60 22.42 14.49
C ALA C 192 27.33 22.72 15.29
N LEU C 193 27.44 23.68 16.20
CA LEU C 193 26.34 24.10 17.06
C LEU C 193 25.45 25.09 16.27
N GLY C 194 26.00 25.66 15.20
CA GLY C 194 25.25 26.62 14.40
C GLY C 194 25.70 28.05 14.62
N GLY C 195 25.49 28.89 13.60
CA GLY C 195 25.88 30.30 13.63
C GLY C 195 25.07 31.03 14.67
N ILE C 196 25.17 32.36 14.71
CA ILE C 196 24.43 33.14 15.70
C ILE C 196 23.32 34.00 15.12
N GLU C 197 22.08 33.67 15.43
CA GLU C 197 20.94 34.45 14.96
C GLU C 197 20.18 34.92 16.19
N CYS C 198 19.59 36.10 16.11
CA CYS C 198 18.81 36.65 17.22
C CYS C 198 19.52 36.52 18.57
N PRO C 199 20.76 37.04 18.66
CA PRO C 199 21.48 36.94 19.93
C PRO C 199 20.72 37.63 21.07
N ASP C 200 21.02 37.24 22.29
CA ASP C 200 20.38 37.83 23.46
C ASP C 200 21.48 38.19 24.44
N LEU C 201 21.34 39.31 25.13
CA LEU C 201 22.35 39.71 26.08
C LEU C 201 21.68 40.47 27.23
N PHE C 202 21.76 39.92 28.43
CA PHE C 202 21.15 40.58 29.57
C PHE C 202 21.86 40.24 30.87
N GLU C 203 21.45 40.93 31.92
CA GLU C 203 22.01 40.71 33.25
C GLU C 203 20.87 40.18 34.09
N ILE C 204 21.18 39.31 35.03
CA ILE C 204 20.14 38.76 35.89
C ILE C 204 20.78 38.33 37.20
N THR C 205 20.00 38.43 38.28
CA THR C 205 20.48 38.04 39.60
C THR C 205 19.91 36.67 39.93
N ALA C 206 20.81 35.76 40.31
CA ALA C 206 20.42 34.40 40.66
C ALA C 206 19.66 34.34 41.99
N ASP C 207 19.09 33.18 42.30
CA ASP C 207 18.34 33.01 43.55
C ASP C 207 19.24 33.13 44.78
N ASP C 208 20.56 32.99 44.62
CA ASP C 208 21.46 33.10 45.76
C ASP C 208 22.00 34.52 45.90
N GLY C 209 21.49 35.42 45.09
CA GLY C 209 21.90 36.81 45.16
C GLY C 209 23.12 37.18 44.33
N THR C 210 23.76 36.21 43.70
CA THR C 210 24.93 36.50 42.87
C THR C 210 24.49 37.10 41.54
N ARG C 211 25.32 37.98 40.99
CA ARG C 211 25.00 38.66 39.73
C ARG C 211 25.65 38.02 38.51
N HIS C 212 24.92 37.96 37.41
CA HIS C 212 25.44 37.35 36.20
C HIS C 212 25.01 38.04 34.91
N TRP C 213 25.68 37.67 33.83
CA TRP C 213 25.33 38.17 32.52
C TRP C 213 24.98 36.91 31.77
N VAL C 214 24.19 37.04 30.73
CA VAL C 214 23.83 35.90 29.92
C VAL C 214 23.91 36.28 28.45
N LEU C 215 24.62 35.47 27.67
CA LEU C 215 24.74 35.67 26.23
C LEU C 215 24.04 34.45 25.62
N ALA C 216 23.13 34.68 24.68
CA ALA C 216 22.41 33.56 24.08
C ALA C 216 22.17 33.78 22.60
N ALA C 217 21.61 32.77 21.93
CA ALA C 217 21.32 32.90 20.50
C ALA C 217 20.54 31.70 19.95
N SER C 218 19.88 31.91 18.81
CA SER C 218 19.16 30.83 18.16
C SER C 218 20.22 30.06 17.40
N MET C 219 20.16 28.73 17.48
CA MET C 219 21.16 27.88 16.84
C MET C 219 20.56 26.80 15.94
N ASP C 220 21.44 25.91 15.49
CA ASP C 220 21.07 24.78 14.66
C ASP C 220 22.11 23.70 14.92
N ALA C 221 21.88 22.91 15.97
CA ALA C 221 22.81 21.84 16.33
C ALA C 221 22.25 20.47 16.02
N TYR C 222 21.26 20.40 15.12
CA TYR C 222 20.66 19.13 14.75
C TYR C 222 21.73 18.14 14.29
N GLY C 223 22.66 18.63 13.49
CA GLY C 223 23.73 17.81 12.96
C GLY C 223 24.47 16.99 14.00
N ILE C 224 24.54 17.50 15.22
CA ILE C 224 25.22 16.78 16.29
C ILE C 224 24.25 16.37 17.39
N GLY C 225 22.99 16.20 17.02
CA GLY C 225 21.98 15.75 17.96
C GLY C 225 21.52 16.70 19.05
N LEU C 226 21.73 18.00 18.86
CA LEU C 226 21.29 18.97 19.86
C LEU C 226 20.17 19.82 19.23
N PRO C 227 19.46 20.61 20.05
CA PRO C 227 18.36 21.46 19.59
C PRO C 227 18.67 22.50 18.50
N MET C 228 17.60 23.03 17.92
CA MET C 228 17.67 24.08 16.91
C MET C 228 16.89 25.22 17.53
N THR C 229 17.15 25.44 18.80
CA THR C 229 16.43 26.47 19.55
C THR C 229 17.25 27.63 20.09
N TYR C 230 17.25 27.76 21.41
CA TYR C 230 17.95 28.86 22.07
C TYR C 230 19.01 28.33 23.01
N ALA C 231 20.27 28.63 22.72
CA ALA C 231 21.38 28.18 23.57
C ALA C 231 21.92 29.40 24.30
N TYR C 232 22.42 29.20 25.51
CA TYR C 232 22.95 30.33 26.28
C TYR C 232 24.20 30.03 27.10
N TRP C 233 25.03 31.05 27.27
CA TRP C 233 26.27 30.98 28.03
C TRP C 233 26.20 31.96 29.21
N THR C 234 26.21 31.46 30.45
CA THR C 234 26.22 32.38 31.59
C THR C 234 27.64 32.95 31.60
N GLY C 235 27.80 34.17 32.11
CA GLY C 235 29.14 34.74 32.15
C GLY C 235 29.14 36.20 32.54
N THR C 236 30.09 36.95 31.98
CA THR C 236 30.18 38.38 32.28
C THR C 236 30.72 39.19 31.11
N TRP C 237 30.27 40.43 31.02
CA TRP C 237 30.71 41.37 29.99
C TRP C 237 31.58 42.39 30.71
N ASP C 238 32.83 42.55 30.25
CA ASP C 238 33.73 43.49 30.91
C ASP C 238 33.89 44.81 30.17
N GLY C 239 32.97 45.10 29.25
CA GLY C 239 33.03 46.33 28.49
C GLY C 239 33.86 46.19 27.22
N GLU C 240 34.59 45.09 27.11
CA GLU C 240 35.45 44.84 25.94
C GLU C 240 35.09 43.53 25.25
N GLN C 241 34.82 42.50 26.04
CA GLN C 241 34.45 41.20 25.49
C GLN C 241 33.61 40.40 26.47
N PHE C 242 33.00 39.32 25.98
CA PHE C 242 32.19 38.48 26.83
C PHE C 242 32.92 37.22 27.24
N HIS C 243 32.94 36.96 28.54
CA HIS C 243 33.61 35.77 29.07
C HIS C 243 32.57 34.76 29.52
N ALA C 244 32.51 33.63 28.84
CA ALA C 244 31.56 32.59 29.19
C ALA C 244 32.17 31.79 30.33
N ASP C 245 31.34 31.35 31.28
CA ASP C 245 31.85 30.55 32.39
C ASP C 245 32.30 29.19 31.83
N ASP C 246 31.56 28.70 30.84
CA ASP C 246 31.86 27.43 30.19
C ASP C 246 31.51 27.56 28.71
N LEU C 247 32.42 27.11 27.84
CA LEU C 247 32.22 27.22 26.40
C LEU C 247 31.12 26.37 25.77
N THR C 248 30.66 25.33 26.48
CA THR C 248 29.57 24.51 25.97
C THR C 248 28.29 25.17 26.52
N PRO C 249 27.43 25.67 25.64
CA PRO C 249 26.20 26.33 26.09
C PRO C 249 25.12 25.40 26.66
N GLN C 250 24.18 26.00 27.38
CA GLN C 250 23.06 25.27 27.94
C GLN C 250 21.91 25.54 26.96
N TRP C 251 20.83 24.78 27.06
CA TRP C 251 19.69 24.98 26.17
C TRP C 251 18.42 25.33 26.94
N LEU C 252 17.63 26.24 26.38
CA LEU C 252 16.39 26.67 27.00
C LEU C 252 15.17 25.83 26.54
N ASP C 253 15.30 25.13 25.43
CA ASP C 253 14.22 24.28 24.93
C ASP C 253 14.79 23.12 24.12
N TRP C 254 14.22 21.95 24.29
CA TRP C 254 14.70 20.77 23.58
C TRP C 254 13.71 20.26 22.54
N GLY C 255 12.67 21.05 22.30
CA GLY C 255 11.67 20.67 21.31
C GLY C 255 12.08 21.12 19.92
N TRP C 256 11.22 20.92 18.94
CA TRP C 256 11.49 21.30 17.56
C TRP C 256 11.20 22.77 17.22
N ASP C 257 10.23 23.35 17.91
CA ASP C 257 9.80 24.70 17.57
C ASP C 257 9.82 25.78 18.64
N TRP C 258 10.98 26.39 18.82
CA TRP C 258 11.16 27.48 19.78
C TRP C 258 12.32 28.27 19.18
N TYR C 259 12.02 29.02 18.13
CA TYR C 259 13.04 29.77 17.42
C TYR C 259 12.96 31.28 17.58
N ALA C 260 14.11 31.94 17.41
CA ALA C 260 14.22 33.39 17.52
C ALA C 260 13.65 33.86 18.86
N ALA C 261 13.91 33.11 19.90
CA ALA C 261 13.40 33.48 21.22
C ALA C 261 13.99 34.78 21.73
N VAL C 262 13.16 35.54 22.46
CA VAL C 262 13.58 36.79 23.07
C VAL C 262 13.14 36.78 24.52
N THR C 263 13.89 37.46 25.38
CA THR C 263 13.55 37.54 26.78
C THR C 263 13.49 39.02 27.15
N TRP C 264 12.75 39.34 28.19
CA TRP C 264 12.65 40.73 28.64
C TRP C 264 12.39 40.72 30.14
N PRO C 265 12.78 41.79 30.86
CA PRO C 265 12.56 41.83 32.30
C PRO C 265 11.09 42.00 32.68
N SER C 266 10.66 41.26 33.69
CA SER C 266 9.28 41.36 34.17
C SER C 266 9.12 42.70 34.86
N ILE C 267 7.90 43.23 34.90
CA ILE C 267 7.65 44.50 35.55
C ILE C 267 7.80 44.39 37.06
N ASP C 268 7.34 43.28 37.63
CA ASP C 268 7.39 43.05 39.07
C ASP C 268 8.76 42.77 39.70
N ALA C 269 9.66 42.13 38.95
CA ALA C 269 11.01 41.82 39.46
C ALA C 269 12.00 41.76 38.30
N PRO C 270 12.27 42.93 37.67
CA PRO C 270 13.19 43.04 36.54
C PRO C 270 14.60 42.49 36.69
N GLU C 271 15.11 42.35 37.91
CA GLU C 271 16.46 41.84 38.05
C GLU C 271 16.61 40.34 38.32
N THR C 272 15.52 39.70 38.72
CA THR C 272 15.57 38.27 39.03
C THR C 272 14.60 37.43 38.21
N LYS C 273 13.60 38.07 37.60
CA LYS C 273 12.62 37.35 36.82
C LYS C 273 12.42 37.95 35.44
N ARG C 274 12.54 37.12 34.41
CA ARG C 274 12.36 37.60 33.04
C ARG C 274 11.25 36.79 32.41
N LEU C 275 10.78 37.27 31.27
CA LEU C 275 9.75 36.57 30.51
C LEU C 275 10.40 36.23 29.19
N ALA C 276 9.86 35.24 28.50
CA ALA C 276 10.43 34.84 27.22
C ALA C 276 9.33 34.29 26.34
N ILE C 277 9.50 34.48 25.03
CA ILE C 277 8.54 33.98 24.07
C ILE C 277 9.32 33.68 22.80
N ALA C 278 8.85 32.72 22.02
CA ALA C 278 9.54 32.35 20.80
C ALA C 278 8.58 32.04 19.66
N TRP C 279 9.11 32.04 18.45
CA TRP C 279 8.32 31.72 17.27
C TRP C 279 8.27 30.19 17.23
N MET C 280 7.07 29.62 17.15
CA MET C 280 6.97 28.17 17.11
C MET C 280 7.09 27.64 15.69
N ASN C 281 8.31 27.65 15.18
CA ASN C 281 8.59 27.17 13.85
C ASN C 281 10.05 26.73 13.79
N ASN C 282 10.47 26.15 12.67
CA ASN C 282 11.84 25.68 12.49
C ASN C 282 12.17 25.84 11.01
N TRP C 283 13.31 26.45 10.70
CA TRP C 283 13.65 26.65 9.30
C TRP C 283 13.85 25.39 8.47
N LYS C 284 13.85 24.23 9.12
CA LYS C 284 13.98 22.98 8.37
C LYS C 284 12.72 22.80 7.53
N TYR C 285 11.64 23.48 7.89
CA TYR C 285 10.40 23.33 7.15
C TYR C 285 9.44 24.52 7.23
N ALA C 286 9.87 25.63 7.84
CA ALA C 286 9.02 26.79 7.99
C ALA C 286 8.50 27.38 6.66
N ALA C 287 9.28 27.26 5.60
CA ALA C 287 8.89 27.81 4.30
C ALA C 287 7.88 26.88 3.63
N ARG C 288 6.61 27.04 3.98
CA ARG C 288 5.57 26.19 3.41
C ARG C 288 4.21 26.70 3.84
N ASP C 289 3.17 26.10 3.28
CA ASP C 289 1.81 26.45 3.67
C ASP C 289 1.45 25.53 4.82
N VAL C 290 0.68 26.05 5.77
CA VAL C 290 0.29 25.30 6.94
C VAL C 290 -1.23 25.15 6.99
N PRO C 291 -1.75 24.18 7.75
CA PRO C 291 -3.20 24.01 7.81
C PRO C 291 -3.96 25.31 8.08
N THR C 292 -3.42 26.18 8.94
CA THR C 292 -4.08 27.44 9.24
C THR C 292 -4.15 28.38 8.03
N ASP C 293 -3.26 28.18 7.06
CA ASP C 293 -3.30 29.01 5.86
C ASP C 293 -4.66 28.80 5.18
N ALA C 294 -5.03 27.54 4.99
CA ALA C 294 -6.29 27.21 4.34
C ALA C 294 -7.51 27.50 5.22
N SER C 295 -7.43 27.15 6.50
CA SER C 295 -8.54 27.34 7.41
C SER C 295 -8.73 28.76 7.96
N ASP C 296 -7.65 29.54 8.02
CA ASP C 296 -7.75 30.88 8.57
C ASP C 296 -6.89 31.96 7.92
N GLY C 297 -6.25 31.63 6.80
CA GLY C 297 -5.43 32.62 6.13
C GLY C 297 -4.25 33.18 6.90
N TYR C 298 -3.67 32.40 7.80
CA TYR C 298 -2.50 32.88 8.54
C TYR C 298 -1.53 31.73 8.73
N ASN C 299 -0.26 32.06 8.93
CA ASN C 299 0.77 31.03 9.08
C ASN C 299 1.73 31.41 10.20
N GLY C 300 1.71 30.65 11.29
CA GLY C 300 2.62 30.92 12.39
C GLY C 300 1.99 31.29 13.72
N GLN C 301 2.58 30.77 14.79
CA GLN C 301 2.09 31.08 16.13
C GLN C 301 3.30 31.18 17.05
N ASN C 302 3.15 31.99 18.09
CA ASN C 302 4.22 32.16 19.07
C ASN C 302 3.98 31.14 20.17
N SER C 303 5.03 30.86 20.92
CA SER C 303 4.96 29.90 22.03
C SER C 303 4.22 30.56 23.17
N ILE C 304 4.00 29.80 24.24
CA ILE C 304 3.38 30.34 25.42
C ILE C 304 4.47 31.24 26.02
N VAL C 305 4.08 32.31 26.72
CA VAL C 305 5.08 33.16 27.34
C VAL C 305 5.53 32.43 28.61
N ARG C 306 6.83 32.28 28.81
CA ARG C 306 7.32 31.59 30.00
C ARG C 306 8.08 32.56 30.88
N GLU C 307 8.19 32.22 32.17
CA GLU C 307 8.94 33.05 33.13
C GLU C 307 10.28 32.36 33.32
N LEU C 308 11.34 33.17 33.44
CA LEU C 308 12.69 32.66 33.62
C LEU C 308 13.34 33.25 34.86
N ARG C 309 14.12 32.41 35.55
CA ARG C 309 14.84 32.84 36.73
C ARG C 309 16.16 32.05 36.72
N LEU C 310 17.25 32.65 37.19
CA LEU C 310 18.53 31.96 37.21
C LEU C 310 18.72 31.28 38.57
N ALA C 311 18.76 29.95 38.57
CA ALA C 311 18.89 29.18 39.80
C ALA C 311 20.24 28.52 39.96
N ARG C 312 20.76 28.56 41.19
CA ARG C 312 22.03 27.95 41.51
C ARG C 312 21.84 26.43 41.53
N GLN C 313 22.69 25.69 40.83
CA GLN C 313 22.57 24.24 40.82
C GLN C 313 23.60 23.64 41.77
N PRO C 314 23.32 22.45 42.31
CA PRO C 314 24.26 21.79 43.25
C PRO C 314 25.65 21.66 42.67
N GLY C 315 26.63 22.24 43.35
CA GLY C 315 28.00 22.16 42.87
C GLY C 315 28.53 23.53 42.52
N GLY C 316 27.64 24.48 42.27
CA GLY C 316 28.09 25.82 41.98
C GLY C 316 27.86 26.38 40.59
N TRP C 317 27.00 25.78 39.79
CA TRP C 317 26.75 26.34 38.46
C TRP C 317 25.33 26.91 38.39
N TYR C 318 25.03 27.64 37.33
CA TYR C 318 23.72 28.28 37.19
C TYR C 318 22.99 27.96 35.90
N THR C 319 21.68 27.74 36.02
CA THR C 319 20.87 27.42 34.86
C THR C 319 19.56 28.20 34.93
N LEU C 320 18.94 28.43 33.77
CA LEU C 320 17.68 29.17 33.71
C LEU C 320 16.52 28.18 33.84
N LEU C 321 15.64 28.43 34.80
CA LEU C 321 14.50 27.57 35.02
C LEU C 321 13.28 28.20 34.35
N SER C 322 12.51 27.38 33.64
CA SER C 322 11.33 27.89 32.94
C SER C 322 10.02 27.40 33.51
N THR C 323 9.03 28.27 33.51
CA THR C 323 7.69 27.93 33.97
C THR C 323 6.67 28.76 33.17
N PRO C 324 5.49 28.18 32.88
CA PRO C 324 4.49 28.95 32.11
C PRO C 324 4.16 30.24 32.87
N VAL C 325 3.85 31.31 32.15
CA VAL C 325 3.52 32.57 32.79
C VAL C 325 2.34 32.35 33.75
N ALA C 326 2.49 32.82 34.98
CA ALA C 326 1.47 32.63 36.01
C ALA C 326 0.08 33.09 35.60
N ALA C 327 0.00 34.16 34.81
CA ALA C 327 -1.29 34.71 34.40
C ALA C 327 -2.17 33.75 33.61
N LEU C 328 -1.59 32.67 33.07
CA LEU C 328 -2.38 31.72 32.30
C LEU C 328 -3.49 31.11 33.14
N THR C 329 -3.31 31.10 34.46
CA THR C 329 -4.31 30.56 35.37
C THR C 329 -5.64 31.28 35.23
N ASN C 330 -5.58 32.55 34.82
CA ASN C 330 -6.80 33.34 34.68
C ASN C 330 -7.64 32.97 33.46
N TYR C 331 -7.09 32.16 32.57
CA TYR C 331 -7.83 31.75 31.37
C TYR C 331 -8.41 30.35 31.53
N VAL C 332 -8.18 29.74 32.68
CA VAL C 332 -8.70 28.41 32.96
C VAL C 332 -10.22 28.49 33.17
N THR C 333 -10.97 27.66 32.46
CA THR C 333 -12.43 27.66 32.54
C THR C 333 -13.00 26.49 33.33
N ALA C 334 -12.17 25.46 33.52
CA ALA C 334 -12.60 24.28 34.26
C ALA C 334 -11.37 23.48 34.70
N THR C 335 -11.40 23.00 35.94
CA THR C 335 -10.31 22.21 36.48
C THR C 335 -10.85 20.84 36.85
N THR C 336 -10.36 19.83 36.14
CA THR C 336 -10.81 18.47 36.38
C THR C 336 -9.69 17.61 36.95
N THR C 337 -9.95 16.99 38.10
CA THR C 337 -8.97 16.10 38.70
C THR C 337 -9.47 14.69 38.49
N LEU C 338 -8.54 13.77 38.23
CA LEU C 338 -8.88 12.37 38.01
C LEU C 338 -8.15 11.55 39.08
N PRO C 339 -8.82 10.54 39.63
CA PRO C 339 -8.18 9.72 40.67
C PRO C 339 -6.91 9.01 40.20
N ASP C 340 -5.95 8.85 41.12
CA ASP C 340 -4.68 8.18 40.82
C ASP C 340 -5.00 6.82 40.27
N ARG C 341 -4.06 6.25 39.53
CA ARG C 341 -4.27 4.94 38.96
C ARG C 341 -2.96 4.32 38.53
N THR C 342 -2.92 3.01 38.56
CA THR C 342 -1.75 2.25 38.17
C THR C 342 -2.06 1.60 36.86
N VAL C 343 -1.18 1.77 35.87
CA VAL C 343 -1.41 1.15 34.58
C VAL C 343 -0.20 0.30 34.23
N ASP C 344 -0.47 -0.81 33.56
CA ASP C 344 0.57 -1.73 33.13
C ASP C 344 0.15 -2.05 31.71
N GLY C 345 0.63 -1.24 30.77
CA GLY C 345 0.28 -1.41 29.39
C GLY C 345 -0.24 -0.05 28.94
N SER C 346 -1.56 0.13 28.97
CA SER C 346 -2.15 1.40 28.58
C SER C 346 -3.59 1.56 29.05
N ALA C 347 -4.00 2.81 29.27
CA ALA C 347 -5.35 3.11 29.72
C ALA C 347 -5.76 4.47 29.16
N VAL C 348 -7.00 4.58 28.72
CA VAL C 348 -7.49 5.84 28.18
C VAL C 348 -8.12 6.64 29.30
N LEU C 349 -7.84 7.94 29.35
CA LEU C 349 -8.41 8.78 30.38
C LEU C 349 -9.78 9.27 29.96
N PRO C 350 -10.73 9.32 30.90
CA PRO C 350 -12.08 9.76 30.60
C PRO C 350 -12.19 11.26 30.38
N TRP C 351 -11.39 11.80 29.48
CA TRP C 351 -11.42 13.23 29.20
C TRP C 351 -11.03 13.49 27.74
N ASN C 352 -11.58 14.55 27.16
CA ASN C 352 -11.25 14.96 25.79
C ASN C 352 -11.27 16.47 25.67
N GLY C 353 -10.34 17.01 24.88
CA GLY C 353 -10.26 18.45 24.69
C GLY C 353 -9.18 18.84 23.71
N ARG C 354 -9.18 20.10 23.26
CA ARG C 354 -8.18 20.58 22.32
C ARG C 354 -7.27 21.67 22.88
N ALA C 355 -7.75 22.39 23.89
CA ALA C 355 -6.97 23.45 24.50
C ALA C 355 -6.99 23.27 26.01
N TYR C 356 -5.87 22.86 26.57
CA TYR C 356 -5.81 22.61 27.99
C TYR C 356 -4.40 22.41 28.48
N GLU C 357 -4.29 22.31 29.79
CA GLU C 357 -3.04 22.09 30.47
C GLU C 357 -3.27 20.85 31.34
N ILE C 358 -2.39 19.87 31.27
CA ILE C 358 -2.55 18.69 32.11
C ILE C 358 -1.27 18.45 32.91
N GLU C 359 -1.44 18.23 34.20
CA GLU C 359 -0.32 17.96 35.09
C GLU C 359 -0.48 16.60 35.72
N LEU C 360 0.63 15.91 35.93
CA LEU C 360 0.58 14.61 36.56
C LEU C 360 1.97 14.16 36.98
N ASP C 361 2.00 13.15 37.84
CA ASP C 361 3.26 12.58 38.31
C ASP C 361 3.22 11.13 37.92
N ILE C 362 4.39 10.59 37.61
CA ILE C 362 4.50 9.19 37.23
C ILE C 362 5.61 8.59 38.08
N ALA C 363 5.39 7.38 38.58
CA ALA C 363 6.39 6.69 39.39
C ALA C 363 6.42 5.26 38.90
N TRP C 364 7.61 4.69 38.84
CA TRP C 364 7.72 3.33 38.36
C TRP C 364 8.95 2.64 38.91
N ASP C 365 9.11 1.36 38.56
CA ASP C 365 10.23 0.57 39.04
C ASP C 365 10.94 -0.08 37.86
N THR C 366 10.45 -1.25 37.45
CA THR C 366 11.06 -1.99 36.34
C THR C 366 10.70 -1.46 34.95
N ALA C 367 9.61 -0.71 34.85
CA ALA C 367 9.18 -0.17 33.56
C ALA C 367 10.35 0.52 32.85
N THR C 368 10.53 0.20 31.58
CA THR C 368 11.59 0.78 30.78
C THR C 368 11.03 1.91 29.91
N ASN C 369 9.71 2.08 29.94
CA ASN C 369 9.07 3.14 29.18
C ASN C 369 7.74 3.50 29.81
N VAL C 370 7.55 4.78 30.11
CA VAL C 370 6.32 5.27 30.70
C VAL C 370 6.00 6.62 30.06
N GLY C 371 4.72 6.99 30.04
CA GLY C 371 4.34 8.26 29.46
C GLY C 371 2.85 8.48 29.31
N ILE C 372 2.52 9.54 28.58
CA ILE C 372 1.15 9.92 28.32
C ILE C 372 1.04 10.31 26.85
N SER C 373 -0.12 10.04 26.25
CA SER C 373 -0.37 10.36 24.85
C SER C 373 -1.46 11.42 24.82
N VAL C 374 -1.27 12.46 24.02
CA VAL C 374 -2.28 13.51 23.91
C VAL C 374 -2.71 13.61 22.45
N GLY C 375 -3.84 14.26 22.20
CA GLY C 375 -4.32 14.38 20.82
C GLY C 375 -4.64 13.01 20.26
N ARG C 376 -5.06 12.10 21.13
CA ARG C 376 -5.40 10.73 20.73
C ARG C 376 -6.69 10.69 19.93
N SER C 377 -6.61 10.05 18.75
CA SER C 377 -7.77 9.91 17.88
C SER C 377 -8.65 8.80 18.45
N PRO C 378 -9.94 8.79 18.09
CA PRO C 378 -10.86 7.76 18.60
C PRO C 378 -10.37 6.32 18.46
N ASP C 379 -9.66 6.02 17.38
CA ASP C 379 -9.14 4.66 17.19
C ASP C 379 -7.74 4.52 17.78
N GLY C 380 -7.26 5.59 18.41
CA GLY C 380 -5.94 5.58 19.02
C GLY C 380 -4.74 5.46 18.10
N THR C 381 -4.93 5.57 16.79
CA THR C 381 -3.80 5.45 15.86
C THR C 381 -2.99 6.74 15.78
N ARG C 382 -3.64 7.87 16.09
CA ARG C 382 -2.95 9.15 16.07
C ARG C 382 -2.79 9.68 17.48
N HIS C 383 -1.60 10.21 17.77
CA HIS C 383 -1.29 10.79 19.08
C HIS C 383 0.15 11.25 19.17
N THR C 384 0.43 12.07 20.17
CA THR C 384 1.77 12.56 20.43
C THR C 384 2.11 11.99 21.79
N ASN C 385 3.24 11.28 21.85
CA ASN C 385 3.68 10.66 23.10
C ASN C 385 4.68 11.50 23.87
N ILE C 386 4.46 11.60 25.17
CA ILE C 386 5.34 12.35 26.06
C ILE C 386 5.73 11.36 27.14
N GLY C 387 6.99 10.94 27.16
CA GLY C 387 7.41 9.98 28.16
C GLY C 387 8.87 9.97 28.53
N LYS C 388 9.24 8.97 29.34
CA LYS C 388 10.59 8.81 29.84
C LYS C 388 11.11 7.45 29.41
N TYR C 389 12.24 7.45 28.71
CA TYR C 389 12.86 6.23 28.23
C TYR C 389 14.38 6.38 28.22
N GLY C 390 15.06 5.50 28.96
CA GLY C 390 16.51 5.60 29.04
C GLY C 390 16.90 6.94 29.63
N ALA C 391 17.76 7.68 28.93
CA ALA C 391 18.20 8.98 29.41
C ALA C 391 17.44 10.12 28.72
N ASP C 392 16.29 9.80 28.12
CA ASP C 392 15.48 10.80 27.42
C ASP C 392 14.11 11.07 28.03
N LEU C 393 13.70 12.33 27.96
CA LEU C 393 12.36 12.75 28.36
C LEU C 393 11.93 13.22 26.98
N TYR C 394 11.28 12.33 26.24
CA TYR C 394 10.89 12.62 24.87
C TYR C 394 9.47 13.08 24.61
N VAL C 395 9.29 13.63 23.42
CA VAL C 395 8.00 14.07 22.91
C VAL C 395 8.06 13.60 21.47
N ASP C 396 7.25 12.60 21.17
CA ASP C 396 7.18 12.01 19.85
C ASP C 396 5.91 12.42 19.13
N ARG C 397 6.00 13.42 18.25
CA ARG C 397 4.83 13.88 17.51
C ARG C 397 4.65 13.04 16.25
N GLY C 398 5.51 12.05 16.08
CA GLY C 398 5.45 11.19 14.92
C GLY C 398 4.06 10.67 14.60
N PRO C 399 3.40 9.99 15.57
CA PRO C 399 2.06 9.46 15.31
C PRO C 399 1.01 10.51 15.01
N SER C 400 1.35 11.78 15.22
CA SER C 400 0.40 12.86 14.93
C SER C 400 0.71 13.51 13.59
N ASP C 401 1.72 12.99 12.90
CA ASP C 401 2.11 13.54 11.61
C ASP C 401 0.89 13.63 10.69
N LEU C 402 0.75 14.76 10.01
CA LEU C 402 -0.38 14.99 9.11
C LEU C 402 0.07 14.87 7.66
N ALA C 403 -0.48 13.89 6.95
CA ALA C 403 -0.14 13.67 5.54
C ALA C 403 -0.40 14.92 4.72
N GLY C 404 0.56 15.27 3.86
CA GLY C 404 0.42 16.46 3.05
C GLY C 404 1.06 17.68 3.70
N TYR C 405 1.27 17.60 5.01
CA TYR C 405 1.89 18.67 5.79
C TYR C 405 2.83 17.98 6.76
N SER C 406 3.53 16.98 6.27
CA SER C 406 4.44 16.18 7.09
C SER C 406 5.65 16.90 7.66
N LEU C 407 5.99 16.55 8.90
CA LEU C 407 7.15 17.12 9.58
C LEU C 407 8.29 16.10 9.67
N ALA C 408 8.09 14.92 9.11
CA ALA C 408 9.14 13.88 9.13
C ALA C 408 10.41 14.43 8.48
N PRO C 409 11.59 14.01 8.93
CA PRO C 409 11.91 13.07 10.00
C PRO C 409 12.04 13.71 11.40
N TYR C 410 11.57 14.94 11.55
CA TYR C 410 11.66 15.64 12.84
C TYR C 410 10.45 15.33 13.69
N SER C 411 10.44 14.15 14.31
CA SER C 411 9.31 13.75 15.12
C SER C 411 9.59 13.46 16.59
N ARG C 412 10.70 12.82 16.89
CA ARG C 412 11.00 12.50 18.27
C ARG C 412 12.01 13.46 18.90
N ALA C 413 11.51 14.44 19.65
CA ALA C 413 12.37 15.40 20.32
C ALA C 413 12.71 14.78 21.67
N ALA C 414 13.82 15.19 22.28
CA ALA C 414 14.19 14.63 23.57
C ALA C 414 15.10 15.54 24.39
N ALA C 415 14.83 15.59 25.69
CA ALA C 415 15.64 16.37 26.60
C ALA C 415 16.33 15.36 27.49
N PRO C 416 17.52 15.71 28.00
CA PRO C 416 18.24 14.79 28.88
C PRO C 416 17.58 14.69 30.24
N ILE C 417 17.59 13.49 30.81
CA ILE C 417 17.04 13.24 32.14
C ILE C 417 17.88 12.13 32.76
N ASP C 418 18.08 12.18 34.08
CA ASP C 418 18.85 11.15 34.77
C ASP C 418 18.23 9.79 34.45
N PRO C 419 18.98 8.90 33.78
CA PRO C 419 18.42 7.58 33.45
C PRO C 419 17.99 6.81 34.69
N GLY C 420 18.57 7.15 35.83
CA GLY C 420 18.20 6.48 37.07
C GLY C 420 16.90 7.00 37.63
N ALA C 421 16.35 8.06 37.03
CA ALA C 421 15.10 8.64 37.51
C ALA C 421 13.98 7.60 37.49
N ARG C 422 13.20 7.54 38.56
CA ARG C 422 12.10 6.58 38.63
C ARG C 422 10.76 7.27 38.92
N SER C 423 10.75 8.57 38.73
CA SER C 423 9.56 9.37 38.91
C SER C 423 9.78 10.63 38.10
N VAL C 424 8.68 11.31 37.75
CA VAL C 424 8.80 12.54 36.97
C VAL C 424 7.50 13.32 37.06
N HIS C 425 7.62 14.64 37.07
CA HIS C 425 6.46 15.50 37.11
C HIS C 425 6.36 16.17 35.76
N LEU C 426 5.18 16.14 35.16
CA LEU C 426 4.96 16.73 33.85
C LEU C 426 3.82 17.74 33.86
N ARG C 427 4.02 18.84 33.18
CA ARG C 427 3.00 19.87 33.04
C ARG C 427 2.99 20.11 31.54
N ILE C 428 1.91 19.66 30.90
CA ILE C 428 1.79 19.74 29.44
C ILE C 428 0.70 20.68 28.95
N LEU C 429 1.09 21.65 28.14
CA LEU C 429 0.16 22.61 27.55
C LEU C 429 -0.19 22.17 26.13
N VAL C 430 -1.46 21.90 25.91
CA VAL C 430 -1.92 21.47 24.61
C VAL C 430 -2.83 22.52 24.00
N ASP C 431 -2.63 22.82 22.73
CA ASP C 431 -3.49 23.77 22.03
C ASP C 431 -3.78 23.16 20.66
N THR C 432 -4.61 23.82 19.87
CA THR C 432 -4.98 23.28 18.56
C THR C 432 -3.86 22.85 17.63
N GLN C 433 -2.73 23.56 17.66
CA GLN C 433 -1.63 23.20 16.79
C GLN C 433 -0.27 23.12 17.50
N SER C 434 -0.28 22.81 18.79
CA SER C 434 0.97 22.73 19.55
C SER C 434 0.92 21.94 20.85
N VAL C 435 2.10 21.54 21.30
CA VAL C 435 2.30 20.83 22.55
C VAL C 435 3.58 21.37 23.20
N GLU C 436 3.46 21.81 24.45
CA GLU C 436 4.59 22.35 25.20
C GLU C 436 4.72 21.60 26.53
N VAL C 437 5.87 20.95 26.73
CA VAL C 437 6.11 20.16 27.93
C VAL C 437 7.13 20.76 28.89
N PHE C 438 6.69 21.00 30.13
CA PHE C 438 7.55 21.54 31.17
C PHE C 438 7.82 20.39 32.16
N VAL C 439 9.06 19.95 32.20
CA VAL C 439 9.48 18.84 33.04
C VAL C 439 9.95 19.22 34.43
N ASN C 440 9.41 18.56 35.44
CA ASN C 440 9.80 18.81 36.83
C ASN C 440 9.83 20.29 37.17
N ALA C 441 10.97 20.78 37.68
CA ALA C 441 11.11 22.17 38.07
C ALA C 441 11.47 23.13 36.94
N GLY C 442 11.32 22.68 35.70
CA GLY C 442 11.61 23.56 34.57
C GLY C 442 13.01 23.61 34.02
N HIS C 443 13.87 22.65 34.37
CA HIS C 443 15.24 22.65 33.83
C HIS C 443 15.12 22.38 32.34
N THR C 444 14.27 21.43 32.00
CA THR C 444 14.06 21.06 30.61
C THR C 444 12.63 21.34 30.17
N VAL C 445 12.50 21.86 28.96
CA VAL C 445 11.21 22.19 28.35
C VAL C 445 11.29 21.74 26.91
N LEU C 446 10.17 21.24 26.37
CA LEU C 446 10.12 20.82 24.96
C LEU C 446 8.90 21.46 24.33
N SER C 447 9.15 22.25 23.28
CA SER C 447 8.09 22.94 22.57
C SER C 447 8.00 22.47 21.12
N GLN C 448 6.80 22.16 20.65
CA GLN C 448 6.61 21.68 19.29
C GLN C 448 5.25 21.99 18.73
N GLN C 449 5.21 22.32 17.45
CA GLN C 449 3.92 22.53 16.84
C GLN C 449 3.48 21.12 16.43
N VAL C 450 2.19 20.83 16.52
CA VAL C 450 1.67 19.52 16.13
C VAL C 450 0.36 19.78 15.40
N HIS C 451 0.24 19.28 14.17
CA HIS C 451 -0.98 19.49 13.40
C HIS C 451 -2.04 18.47 13.76
N PHE C 452 -2.69 18.68 14.90
CA PHE C 452 -3.74 17.80 15.36
C PHE C 452 -4.91 17.86 14.40
N ALA C 453 -5.57 16.73 14.21
CA ALA C 453 -6.74 16.65 13.34
C ALA C 453 -8.00 16.86 14.18
N GLU C 454 -9.11 17.06 13.46
CA GLU C 454 -10.43 17.28 14.06
C GLU C 454 -10.69 16.44 15.31
N GLY C 455 -10.56 15.12 15.17
CA GLY C 455 -10.83 14.24 16.28
C GLY C 455 -9.72 13.91 17.26
N ASP C 456 -8.53 14.46 17.06
CA ASP C 456 -7.41 14.18 17.97
C ASP C 456 -7.59 14.97 19.27
N THR C 457 -8.43 14.44 20.17
CA THR C 457 -8.72 15.11 21.43
C THR C 457 -8.57 14.27 22.69
N GLY C 458 -8.20 13.00 22.53
CA GLY C 458 -8.07 12.13 23.70
C GLY C 458 -6.73 12.10 24.41
N ILE C 459 -6.73 11.44 25.56
CA ILE C 459 -5.52 11.30 26.38
C ILE C 459 -5.49 9.88 26.94
N SER C 460 -4.33 9.23 26.85
CA SER C 460 -4.19 7.88 27.38
C SER C 460 -2.87 7.81 28.12
N LEU C 461 -2.71 6.77 28.93
CA LEU C 461 -1.50 6.56 29.71
C LEU C 461 -0.89 5.22 29.27
N TYR C 462 0.41 5.07 29.41
CA TYR C 462 1.04 3.81 28.98
C TYR C 462 2.36 3.51 29.67
N THR C 463 2.71 2.23 29.71
CA THR C 463 3.97 1.79 30.30
C THR C 463 4.47 0.57 29.52
N ASP C 464 5.74 0.23 29.74
CA ASP C 464 6.38 -0.90 29.10
C ASP C 464 7.41 -1.48 30.06
N GLY C 465 7.28 -2.76 30.37
CA GLY C 465 8.22 -3.40 31.27
C GLY C 465 7.80 -3.39 32.74
N GLY C 466 6.57 -2.97 33.01
CA GLY C 466 6.10 -2.94 34.37
C GLY C 466 5.04 -1.89 34.62
N PRO C 467 4.43 -1.90 35.81
CA PRO C 467 3.38 -0.94 36.15
C PRO C 467 3.95 0.43 36.53
N ALA C 468 3.10 1.45 36.48
CA ALA C 468 3.51 2.80 36.85
C ALA C 468 2.33 3.41 37.57
N HIS C 469 2.60 4.24 38.57
CA HIS C 469 1.55 4.89 39.33
C HIS C 469 1.43 6.34 38.84
N PHE C 470 0.31 6.64 38.19
CA PHE C 470 0.05 7.99 37.70
C PHE C 470 -0.78 8.69 38.78
N THR C 471 -0.22 9.74 39.37
CA THR C 471 -0.90 10.45 40.45
C THR C 471 -1.01 11.96 40.23
N GLY C 472 -1.83 12.60 41.06
CA GLY C 472 -2.02 14.04 40.94
C GLY C 472 -2.46 14.49 39.56
N ILE C 473 -3.27 13.67 38.89
CA ILE C 473 -3.73 14.00 37.55
C ILE C 473 -4.77 15.11 37.56
N VAL C 474 -4.43 16.23 36.92
CA VAL C 474 -5.35 17.36 36.86
C VAL C 474 -5.31 18.00 35.48
N VAL C 475 -6.49 18.20 34.91
CA VAL C 475 -6.60 18.80 33.58
C VAL C 475 -7.30 20.14 33.70
N ARG C 476 -6.61 21.20 33.28
CA ARG C 476 -7.16 22.55 33.32
C ARG C 476 -7.50 23.00 31.91
N GLU C 477 -8.79 23.06 31.61
CA GLU C 477 -9.23 23.46 30.29
C GLU C 477 -9.09 24.97 30.15
N ILE C 478 -8.55 25.41 29.01
CA ILE C 478 -8.33 26.82 28.77
C ILE C 478 -9.25 27.41 27.70
N GLY C 479 -9.69 28.65 27.95
CA GLY C 479 -10.54 29.34 27.01
C GLY C 479 -9.78 30.57 26.51
N GLN C 480 -10.44 31.40 25.72
CA GLN C 480 -9.79 32.60 25.20
C GLN C 480 -10.04 33.81 26.10
N ALA C 481 -11.09 33.72 26.93
CA ALA C 481 -11.46 34.80 27.84
C ALA C 481 -11.04 34.47 29.27
N ALA D 2 -23.72 26.16 4.06
CA ALA D 2 -24.26 25.59 2.79
C ALA D 2 -23.45 26.07 1.60
N VAL D 3 -22.96 25.13 0.80
CA VAL D 3 -22.16 25.46 -0.37
C VAL D 3 -22.95 26.10 -1.51
N TYR D 4 -24.13 25.58 -1.80
CA TYR D 4 -24.92 26.16 -2.89
C TYR D 4 -26.39 26.41 -2.62
N HIS D 5 -26.74 26.66 -1.36
CA HIS D 5 -28.11 26.96 -0.97
C HIS D 5 -28.08 28.36 -0.35
N MET D 6 -29.09 29.18 -0.60
CA MET D 6 -29.09 30.52 -0.03
C MET D 6 -29.25 30.52 1.48
N THR D 7 -28.45 31.35 2.14
CA THR D 7 -28.50 31.52 3.60
C THR D 7 -28.31 33.00 3.88
N PRO D 8 -28.88 33.50 4.98
CA PRO D 8 -28.73 34.93 5.29
C PRO D 8 -27.32 35.20 5.85
N PRO D 9 -26.74 36.36 5.54
CA PRO D 9 -25.40 36.69 6.06
C PRO D 9 -25.31 36.40 7.56
N SER D 10 -26.38 36.68 8.29
CA SER D 10 -26.42 36.42 9.72
C SER D 10 -27.87 36.44 10.17
N GLY D 11 -28.14 35.91 11.35
CA GLY D 11 -29.50 35.92 11.85
C GLY D 11 -30.47 34.83 11.42
N TRP D 12 -31.76 35.13 11.62
CA TRP D 12 -32.83 34.20 11.33
C TRP D 12 -33.50 34.43 9.99
N LEU D 13 -33.48 33.38 9.17
CA LEU D 13 -34.10 33.38 7.84
C LEU D 13 -35.47 32.72 7.99
N CYS D 14 -36.45 33.21 7.24
CA CYS D 14 -37.80 32.67 7.29
C CYS D 14 -38.45 32.74 5.89
N ASN D 15 -39.78 32.70 5.84
CA ASN D 15 -40.55 32.73 4.58
C ASN D 15 -40.01 33.55 3.41
N PRO D 16 -39.77 32.91 2.26
CA PRO D 16 -39.28 33.72 1.13
C PRO D 16 -40.54 34.41 0.60
N GLN D 17 -40.38 35.48 -0.19
CA GLN D 17 -41.50 36.19 -0.78
C GLN D 17 -41.31 36.08 -2.29
N ARG D 18 -42.39 35.90 -3.03
CA ARG D 18 -42.30 35.77 -4.49
C ARG D 18 -41.42 36.83 -5.13
N PRO D 19 -40.41 36.41 -5.89
CA PRO D 19 -39.50 37.35 -6.56
C PRO D 19 -40.18 38.14 -7.68
N VAL D 20 -39.68 39.36 -7.93
CA VAL D 20 -40.19 40.16 -9.04
C VAL D 20 -38.98 40.26 -9.96
N THR D 21 -39.22 40.49 -11.24
CA THR D 21 -38.12 40.59 -12.19
C THR D 21 -37.85 42.03 -12.59
N THR D 22 -36.69 42.55 -12.20
CA THR D 22 -36.31 43.92 -12.54
C THR D 22 -34.80 43.94 -12.70
N HIS D 23 -34.30 44.95 -13.41
CA HIS D 23 -32.86 45.11 -13.63
C HIS D 23 -32.22 43.81 -14.13
N GLY D 24 -32.93 43.11 -15.01
CA GLY D 24 -32.42 41.87 -15.57
C GLY D 24 -32.13 40.74 -14.62
N ALA D 25 -32.76 40.77 -13.43
CA ALA D 25 -32.54 39.71 -12.45
C ALA D 25 -33.78 39.49 -11.59
N TYR D 26 -33.77 38.42 -10.80
CA TYR D 26 -34.89 38.12 -9.92
C TYR D 26 -34.63 38.77 -8.56
N GLN D 27 -35.57 39.58 -8.09
CA GLN D 27 -35.41 40.23 -6.79
C GLN D 27 -36.17 39.39 -5.77
N LEU D 28 -35.43 38.69 -4.92
CA LEU D 28 -36.06 37.86 -3.90
C LEU D 28 -36.09 38.60 -2.57
N TYR D 29 -37.20 38.48 -1.87
CA TYR D 29 -37.34 39.09 -0.56
C TYR D 29 -37.64 37.91 0.37
N TYR D 30 -37.33 38.08 1.64
CA TYR D 30 -37.57 37.01 2.59
C TYR D 30 -37.66 37.58 3.98
N LEU D 31 -38.40 36.91 4.85
CA LEU D 31 -38.54 37.36 6.22
C LEU D 31 -37.22 37.14 6.92
N HIS D 32 -36.78 38.14 7.68
CA HIS D 32 -35.53 38.03 8.40
C HIS D 32 -35.68 38.66 9.77
N SER D 33 -35.04 38.06 10.77
CA SER D 33 -35.08 38.57 12.14
C SER D 33 -33.68 38.49 12.73
N ASP D 34 -33.39 39.37 13.69
CA ASP D 34 -32.09 39.34 14.33
C ASP D 34 -32.07 38.22 15.36
N GLN D 35 -33.23 37.89 15.91
CA GLN D 35 -33.35 36.80 16.89
C GLN D 35 -34.12 35.64 16.29
N ASN D 36 -33.73 34.42 16.63
CA ASN D 36 -34.41 33.24 16.10
C ASN D 36 -35.88 33.26 16.49
N ASN D 37 -36.73 33.13 15.50
CA ASN D 37 -38.17 33.16 15.69
C ASN D 37 -38.60 34.46 16.35
N GLY D 38 -37.83 35.53 16.12
CA GLY D 38 -38.15 36.82 16.69
C GLY D 38 -38.82 37.72 15.67
N PRO D 39 -39.29 38.92 16.07
CA PRO D 39 -39.95 39.83 15.14
C PRO D 39 -38.97 40.31 14.07
N GLY D 40 -39.45 40.50 12.85
CA GLY D 40 -38.56 40.95 11.80
C GLY D 40 -39.22 41.71 10.67
N GLY D 41 -38.61 41.66 9.50
CA GLY D 41 -39.15 42.34 8.34
C GLY D 41 -38.66 41.68 7.06
N TRP D 42 -38.82 42.38 5.94
CA TRP D 42 -38.39 41.86 4.64
C TRP D 42 -36.97 42.27 4.30
N ASP D 43 -36.16 41.28 3.93
CA ASP D 43 -34.79 41.54 3.50
C ASP D 43 -34.77 41.23 2.00
N HIS D 44 -33.79 41.79 1.31
CA HIS D 44 -33.71 41.67 -0.13
C HIS D 44 -32.41 41.05 -0.65
N ALA D 45 -32.55 40.16 -1.63
CA ALA D 45 -31.43 39.51 -2.26
C ALA D 45 -31.77 39.34 -3.75
N SER D 46 -30.78 39.50 -4.62
CA SER D 46 -31.04 39.36 -6.03
C SER D 46 -30.24 38.23 -6.63
N THR D 47 -30.81 37.58 -7.65
CA THR D 47 -30.15 36.48 -8.31
C THR D 47 -30.48 36.54 -9.80
N THR D 48 -29.45 36.39 -10.63
CA THR D 48 -29.65 36.41 -12.07
C THR D 48 -29.84 34.99 -12.63
N ASP D 49 -29.24 34.00 -12.00
CA ASP D 49 -29.39 32.62 -12.49
C ASP D 49 -30.23 31.71 -11.60
N GLY D 50 -30.61 32.19 -10.42
CA GLY D 50 -31.41 31.38 -9.53
C GLY D 50 -30.60 30.47 -8.63
N VAL D 51 -29.27 30.57 -8.69
CA VAL D 51 -28.40 29.76 -7.86
C VAL D 51 -27.63 30.61 -6.86
N ALA D 52 -26.91 31.61 -7.36
CA ALA D 52 -26.14 32.52 -6.52
C ALA D 52 -26.93 33.77 -6.18
N PHE D 53 -26.86 34.21 -4.92
CA PHE D 53 -27.59 35.39 -4.48
C PHE D 53 -26.69 36.49 -3.93
N THR D 54 -27.09 37.74 -4.16
CA THR D 54 -26.38 38.90 -3.64
C THR D 54 -27.36 39.53 -2.65
N HIS D 55 -26.96 39.59 -1.38
CA HIS D 55 -27.81 40.16 -0.34
C HIS D 55 -27.68 41.66 -0.26
N HIS D 56 -28.82 42.34 -0.18
CA HIS D 56 -28.85 43.80 -0.13
C HIS D 56 -29.32 44.40 1.20
N GLY D 57 -29.74 43.57 2.14
CA GLY D 57 -30.20 44.08 3.41
C GLY D 57 -31.71 44.22 3.55
N THR D 58 -32.13 44.94 4.58
CA THR D 58 -33.54 45.16 4.88
C THR D 58 -34.20 46.16 3.94
N VAL D 59 -35.39 45.79 3.47
CA VAL D 59 -36.15 46.61 2.54
C VAL D 59 -37.46 47.13 3.18
N MET D 60 -38.05 46.31 4.04
CA MET D 60 -39.26 46.68 4.77
C MET D 60 -38.96 46.29 6.21
N PRO D 61 -38.37 47.23 6.96
CA PRO D 61 -37.98 47.06 8.35
C PRO D 61 -39.05 46.86 9.42
N LEU D 62 -38.62 46.18 10.47
CA LEU D 62 -39.44 45.94 11.63
C LEU D 62 -39.55 47.29 12.36
N ARG D 63 -40.65 47.50 13.07
CA ARG D 63 -40.84 48.71 13.86
C ARG D 63 -41.38 48.23 15.21
N PRO D 64 -41.21 49.02 16.27
CA PRO D 64 -41.69 48.63 17.59
C PRO D 64 -43.13 48.12 17.58
N ASP D 65 -43.33 46.88 18.02
CA ASP D 65 -44.65 46.26 18.04
C ASP D 65 -45.28 46.24 16.67
N PHE D 66 -44.45 46.32 15.62
CA PHE D 66 -44.97 46.35 14.26
C PHE D 66 -44.07 45.62 13.25
N PRO D 67 -43.98 44.28 13.36
CA PRO D 67 -43.14 43.51 12.43
C PRO D 67 -43.85 43.37 11.08
N VAL D 68 -43.10 42.95 10.06
CA VAL D 68 -43.67 42.76 8.74
C VAL D 68 -43.69 41.27 8.43
N TRP D 69 -44.89 40.72 8.19
CA TRP D 69 -45.00 39.31 7.88
C TRP D 69 -45.08 39.10 6.35
N SER D 70 -45.38 37.89 5.93
CA SER D 70 -45.46 37.56 4.51
C SER D 70 -46.50 38.32 3.71
N GLY D 71 -46.27 38.33 2.41
CA GLY D 71 -47.14 39.00 1.46
C GLY D 71 -46.62 38.67 0.07
N SER D 72 -46.59 39.66 -0.81
CA SER D 72 -46.11 39.47 -2.18
C SER D 72 -45.92 40.81 -2.86
N ALA D 73 -45.19 40.80 -3.97
CA ALA D 73 -44.92 42.02 -4.72
C ALA D 73 -45.13 41.80 -6.22
N VAL D 74 -45.57 42.85 -6.91
CA VAL D 74 -45.80 42.78 -8.36
C VAL D 74 -45.22 44.01 -9.02
N VAL D 75 -44.87 43.88 -10.29
CA VAL D 75 -44.36 45.01 -11.03
C VAL D 75 -45.59 45.58 -11.72
N ASP D 76 -45.93 46.82 -11.36
CA ASP D 76 -47.11 47.48 -11.91
C ASP D 76 -46.75 48.18 -13.22
N THR D 77 -46.52 47.36 -14.25
CA THR D 77 -46.14 47.82 -15.57
C THR D 77 -47.03 48.89 -16.19
N ALA D 78 -48.34 48.69 -16.13
CA ALA D 78 -49.29 49.63 -16.72
C ALA D 78 -49.64 50.77 -15.77
N ASN D 79 -48.96 50.83 -14.63
CA ASN D 79 -49.20 51.89 -13.65
C ASN D 79 -50.66 52.01 -13.23
N THR D 80 -51.27 50.88 -12.87
CA THR D 80 -52.67 50.86 -12.45
C THR D 80 -52.82 51.36 -11.02
N ALA D 81 -51.72 51.35 -10.25
CA ALA D 81 -51.75 51.78 -8.87
C ALA D 81 -51.47 53.27 -8.70
N GLY D 82 -50.99 53.91 -9.75
CA GLY D 82 -50.71 55.32 -9.67
C GLY D 82 -49.41 55.70 -8.99
N PHE D 83 -48.51 54.73 -8.84
CA PHE D 83 -47.22 55.00 -8.22
C PHE D 83 -46.19 55.15 -9.33
N GLY D 84 -46.64 55.01 -10.56
CA GLY D 84 -45.74 55.13 -11.70
C GLY D 84 -45.61 53.81 -12.43
N ALA D 85 -45.46 53.88 -13.75
CA ALA D 85 -45.31 52.71 -14.58
C ALA D 85 -44.06 51.94 -14.15
N GLY D 86 -44.21 50.64 -13.94
CA GLY D 86 -43.07 49.81 -13.54
C GLY D 86 -42.74 49.78 -12.07
N ALA D 87 -43.46 50.53 -11.25
CA ALA D 87 -43.18 50.55 -9.82
C ALA D 87 -43.48 49.17 -9.22
N VAL D 88 -42.71 48.79 -8.22
CA VAL D 88 -42.93 47.52 -7.55
C VAL D 88 -43.85 47.79 -6.36
N VAL D 89 -45.02 47.17 -6.38
CA VAL D 89 -46.01 47.33 -5.32
C VAL D 89 -46.10 46.03 -4.53
N ALA D 90 -46.02 46.13 -3.22
CA ALA D 90 -46.09 44.97 -2.35
C ALA D 90 -47.16 45.10 -1.28
N LEU D 91 -47.75 43.97 -0.92
CA LEU D 91 -48.76 43.91 0.13
C LEU D 91 -48.16 42.96 1.15
N ALA D 92 -48.22 43.33 2.43
CA ALA D 92 -47.67 42.48 3.48
C ALA D 92 -48.55 42.60 4.70
N THR D 93 -48.73 41.47 5.39
CA THR D 93 -49.55 41.46 6.58
C THR D 93 -48.75 42.01 7.75
N GLN D 94 -49.40 42.81 8.58
CA GLN D 94 -48.77 43.36 9.77
C GLN D 94 -49.80 43.40 10.89
N PRO D 95 -49.37 43.09 12.12
CA PRO D 95 -50.30 43.11 13.26
C PRO D 95 -50.43 44.55 13.77
N THR D 96 -51.49 45.23 13.34
CA THR D 96 -51.72 46.62 13.74
C THR D 96 -51.69 46.72 15.27
N ASP D 97 -50.96 47.72 15.77
CA ASP D 97 -50.84 47.93 17.20
C ASP D 97 -50.26 46.73 17.91
N GLY D 98 -49.56 45.88 17.15
CA GLY D 98 -48.97 44.69 17.72
C GLY D 98 -50.01 43.68 18.15
N VAL D 99 -51.25 43.87 17.70
CA VAL D 99 -52.35 42.99 18.07
C VAL D 99 -52.63 41.95 16.98
N ARG D 100 -52.38 40.68 17.31
CA ARG D 100 -52.57 39.60 16.37
C ARG D 100 -53.95 39.57 15.71
N LYS D 101 -55.01 39.82 16.47
CA LYS D 101 -56.36 39.78 15.92
C LYS D 101 -56.66 40.96 14.99
N TYR D 102 -55.70 41.88 14.82
CA TYR D 102 -55.86 43.03 13.92
C TYR D 102 -54.90 42.93 12.75
N GLN D 103 -54.33 41.74 12.52
CA GLN D 103 -53.41 41.57 11.40
C GLN D 103 -54.18 41.88 10.12
N GLU D 104 -53.64 42.80 9.33
CA GLU D 104 -54.29 43.20 8.10
C GLU D 104 -53.23 43.55 7.07
N GLN D 105 -53.68 43.85 5.84
CA GLN D 105 -52.76 44.11 4.74
C GLN D 105 -52.32 45.55 4.47
N TYR D 106 -51.00 45.74 4.53
CA TYR D 106 -50.37 47.04 4.30
C TYR D 106 -49.65 47.08 2.94
N LEU D 107 -49.75 48.22 2.26
CA LEU D 107 -49.12 48.39 0.96
C LEU D 107 -47.80 49.15 1.05
N TYR D 108 -46.81 48.67 0.29
CA TYR D 108 -45.49 49.28 0.20
C TYR D 108 -45.25 49.41 -1.31
N TRP D 109 -44.53 50.45 -1.72
CA TRP D 109 -44.23 50.59 -3.13
C TRP D 109 -42.83 51.12 -3.32
N SER D 110 -42.23 50.74 -4.45
CA SER D 110 -40.86 51.13 -4.79
C SER D 110 -40.83 51.68 -6.21
N THR D 111 -39.99 52.68 -6.46
CA THR D 111 -39.89 53.24 -7.79
C THR D 111 -38.49 53.02 -8.36
N ASP D 112 -37.68 52.19 -7.70
CA ASP D 112 -36.34 51.92 -8.19
C ASP D 112 -36.10 50.44 -8.47
N GLY D 113 -37.14 49.74 -8.93
CA GLY D 113 -37.01 48.33 -9.25
C GLY D 113 -37.09 47.39 -8.06
N GLY D 114 -37.47 47.90 -6.90
CA GLY D 114 -37.60 47.05 -5.73
C GLY D 114 -36.41 47.03 -4.79
N PHE D 115 -35.63 48.10 -4.80
CA PHE D 115 -34.47 48.20 -3.93
C PHE D 115 -34.78 49.02 -2.68
N THR D 116 -35.69 49.98 -2.82
CA THR D 116 -36.11 50.80 -1.69
C THR D 116 -37.62 50.96 -1.74
N PHE D 117 -38.27 50.80 -0.59
CA PHE D 117 -39.72 50.89 -0.50
C PHE D 117 -40.20 52.00 0.44
N THR D 118 -41.39 52.50 0.15
CA THR D 118 -42.03 53.52 0.98
C THR D 118 -43.33 52.86 1.42
N ALA D 119 -43.70 53.06 2.67
CA ALA D 119 -44.93 52.45 3.18
C ALA D 119 -46.14 53.37 3.13
N LEU D 120 -47.28 52.83 2.71
CA LEU D 120 -48.52 53.58 2.68
C LEU D 120 -49.06 53.34 4.07
N PRO D 121 -49.19 54.41 4.88
CA PRO D 121 -49.66 54.35 6.26
C PRO D 121 -50.88 53.48 6.59
N ASP D 122 -51.97 53.63 5.84
CA ASP D 122 -53.17 52.87 6.15
C ASP D 122 -53.35 51.59 5.35
N PRO D 123 -53.70 50.50 6.04
CA PRO D 123 -53.90 49.20 5.40
C PRO D 123 -54.96 49.27 4.29
N VAL D 124 -54.70 48.59 3.17
CA VAL D 124 -55.63 48.59 2.05
C VAL D 124 -56.72 47.53 2.18
N ILE D 125 -56.52 46.58 3.09
CA ILE D 125 -57.53 45.54 3.36
C ILE D 125 -57.56 45.42 4.87
N VAL D 126 -58.64 45.90 5.47
CA VAL D 126 -58.80 45.91 6.91
C VAL D 126 -59.43 44.67 7.51
N ASN D 127 -58.92 44.25 8.66
CA ASN D 127 -59.42 43.07 9.37
C ASN D 127 -60.57 43.54 10.26
N THR D 128 -61.76 43.63 9.68
CA THR D 128 -62.94 44.08 10.40
C THR D 128 -63.40 43.05 11.42
N ASP D 129 -63.15 41.76 11.14
CA ASP D 129 -63.55 40.70 12.06
C ASP D 129 -62.88 40.93 13.41
N GLY D 130 -61.60 41.24 13.37
CA GLY D 130 -60.83 41.47 14.58
C GLY D 130 -61.47 42.39 15.59
N ARG D 131 -61.97 43.53 15.14
CA ARG D 131 -62.60 44.48 16.07
C ARG D 131 -63.92 43.99 16.63
N ALA D 132 -64.55 43.04 15.95
CA ALA D 132 -65.82 42.51 16.41
C ALA D 132 -65.67 41.19 17.17
N ALA D 133 -64.47 40.61 17.13
CA ALA D 133 -64.21 39.34 17.81
C ALA D 133 -64.32 39.45 19.34
N THR D 134 -65.21 38.64 19.90
CA THR D 134 -65.47 38.64 21.34
C THR D 134 -65.08 37.32 22.00
N THR D 135 -65.54 36.22 21.43
CA THR D 135 -65.27 34.88 21.96
C THR D 135 -63.90 34.36 21.48
N PRO D 136 -63.35 33.36 22.17
CA PRO D 136 -62.06 32.77 21.79
C PRO D 136 -62.05 32.26 20.35
N ALA D 137 -63.18 31.71 19.92
CA ALA D 137 -63.29 31.17 18.57
C ALA D 137 -63.24 32.25 17.51
N GLU D 138 -63.91 33.37 17.76
CA GLU D 138 -63.92 34.47 16.80
C GLU D 138 -62.54 35.12 16.74
N ILE D 139 -61.88 35.20 17.88
CA ILE D 139 -60.56 35.79 17.95
C ILE D 139 -59.58 34.92 17.18
N GLU D 140 -59.72 33.61 17.31
CA GLU D 140 -58.84 32.69 16.61
C GLU D 140 -58.98 32.85 15.11
N ASN D 141 -60.21 33.10 14.66
CA ASN D 141 -60.48 33.28 13.24
C ASN D 141 -59.89 34.60 12.74
N ALA D 142 -60.01 35.64 13.55
CA ALA D 142 -59.51 36.96 13.20
C ALA D 142 -57.98 36.96 13.27
N GLU D 143 -57.43 35.98 13.98
CA GLU D 143 -55.98 35.87 14.12
C GLU D 143 -55.34 35.08 12.98
N TRP D 144 -56.11 34.87 11.92
CA TRP D 144 -55.61 34.15 10.74
C TRP D 144 -56.22 34.84 9.52
N PHE D 145 -55.51 35.86 9.03
CA PHE D 145 -55.91 36.67 7.89
C PHE D 145 -54.59 37.25 7.40
N ARG D 146 -53.82 36.44 6.65
CA ARG D 146 -52.50 36.89 6.20
C ARG D 146 -51.92 36.29 4.92
N ASP D 147 -50.72 36.78 4.58
CA ASP D 147 -49.95 36.33 3.43
C ASP D 147 -50.58 36.59 2.06
N PRO D 148 -50.98 37.86 1.79
CA PRO D 148 -51.60 38.20 0.51
C PRO D 148 -50.73 37.92 -0.73
N LYS D 149 -51.26 37.11 -1.65
CA LYS D 149 -50.58 36.78 -2.89
C LYS D 149 -51.34 37.47 -4.02
N ILE D 150 -50.69 38.43 -4.67
CA ILE D 150 -51.31 39.20 -5.75
C ILE D 150 -51.01 38.62 -7.13
N HIS D 151 -52.02 38.57 -7.99
CA HIS D 151 -51.88 38.05 -9.34
C HIS D 151 -52.68 38.87 -10.34
N TRP D 152 -52.08 39.15 -11.48
CA TRP D 152 -52.78 39.90 -12.51
C TRP D 152 -53.61 38.93 -13.35
N ASP D 153 -54.93 39.04 -13.26
CA ASP D 153 -55.83 38.17 -14.00
C ASP D 153 -55.75 38.62 -15.46
N THR D 154 -54.94 37.92 -16.26
CA THR D 154 -54.78 38.28 -17.67
C THR D 154 -56.11 38.33 -18.43
N ALA D 155 -56.99 37.38 -18.14
CA ALA D 155 -58.27 37.31 -18.83
C ALA D 155 -59.23 38.44 -18.48
N ARG D 156 -59.35 38.77 -17.20
CA ARG D 156 -60.26 39.83 -16.79
C ARG D 156 -59.64 41.22 -16.69
N GLY D 157 -58.32 41.31 -16.83
CA GLY D 157 -57.66 42.60 -16.74
C GLY D 157 -57.82 43.28 -15.40
N GLU D 158 -57.49 42.57 -14.32
CA GLU D 158 -57.58 43.13 -12.98
C GLU D 158 -56.70 42.32 -12.03
N TRP D 159 -56.47 42.86 -10.84
CA TRP D 159 -55.66 42.18 -9.85
C TRP D 159 -56.55 41.30 -9.00
N VAL D 160 -56.04 40.15 -8.62
CA VAL D 160 -56.78 39.24 -7.75
C VAL D 160 -55.80 38.91 -6.63
N CYS D 161 -56.29 38.91 -5.40
CA CYS D 161 -55.45 38.63 -4.25
C CYS D 161 -56.06 37.53 -3.39
N VAL D 162 -55.24 36.55 -3.03
CA VAL D 162 -55.70 35.46 -2.18
C VAL D 162 -55.00 35.63 -0.84
N ILE D 163 -55.77 35.51 0.23
CA ILE D 163 -55.25 35.66 1.58
C ILE D 163 -55.54 34.40 2.40
N GLY D 164 -54.56 33.97 3.17
CA GLY D 164 -54.74 32.77 3.96
C GLY D 164 -55.57 32.98 5.20
N ARG D 165 -56.48 32.05 5.45
CA ARG D 165 -57.37 32.09 6.62
C ARG D 165 -57.35 30.73 7.30
N LEU D 166 -58.08 30.61 8.40
CA LEU D 166 -58.14 29.36 9.15
C LEU D 166 -58.92 28.27 8.42
N ARG D 167 -58.21 27.41 7.71
CA ARG D 167 -58.80 26.31 6.96
C ARG D 167 -59.61 26.73 5.72
N TYR D 168 -59.27 27.88 5.17
CA TYR D 168 -59.91 28.36 3.95
C TYR D 168 -59.16 29.57 3.43
N ALA D 169 -59.36 29.87 2.14
CA ALA D 169 -58.71 31.00 1.52
C ALA D 169 -59.76 32.03 1.15
N ALA D 170 -59.40 33.30 1.30
CA ALA D 170 -60.29 34.40 0.98
C ALA D 170 -59.73 35.07 -0.28
N PHE D 171 -60.62 35.60 -1.13
CA PHE D 171 -60.20 36.27 -2.37
C PHE D 171 -60.73 37.70 -2.49
N TYR D 172 -59.92 38.56 -3.10
CA TYR D 172 -60.28 39.97 -3.33
C TYR D 172 -59.79 40.36 -4.71
N THR D 173 -60.50 41.29 -5.34
CA THR D 173 -60.09 41.79 -6.66
C THR D 173 -59.96 43.30 -6.58
N SER D 174 -59.13 43.86 -7.46
CA SER D 174 -58.90 45.29 -7.49
C SER D 174 -58.34 45.77 -8.83
N PRO D 175 -58.63 47.03 -9.19
CA PRO D 175 -58.11 47.56 -10.45
C PRO D 175 -56.83 48.35 -10.23
N ASN D 176 -56.57 48.72 -8.99
CA ASN D 176 -55.42 49.54 -8.65
C ASN D 176 -54.55 49.10 -7.48
N LEU D 177 -54.82 47.91 -6.93
CA LEU D 177 -54.06 47.40 -5.78
C LEU D 177 -54.32 48.14 -4.48
N ARG D 178 -55.22 49.14 -4.51
CA ARG D 178 -55.55 49.89 -3.30
C ARG D 178 -56.98 49.64 -2.83
N ASP D 179 -57.91 49.53 -3.77
CA ASP D 179 -59.30 49.29 -3.44
C ASP D 179 -59.67 47.85 -3.75
N TRP D 180 -59.91 47.07 -2.70
CA TRP D 180 -60.23 45.66 -2.87
C TRP D 180 -61.69 45.29 -2.62
N THR D 181 -62.19 44.37 -3.43
CA THR D 181 -63.57 43.91 -3.32
C THR D 181 -63.56 42.43 -2.92
N LEU D 182 -64.21 42.12 -1.81
CA LEU D 182 -64.28 40.75 -1.31
C LEU D 182 -65.05 39.81 -2.23
N ARG D 183 -64.42 38.71 -2.64
CA ARG D 183 -65.09 37.74 -3.48
C ARG D 183 -65.42 36.51 -2.64
N ARG D 184 -65.68 35.37 -3.29
CA ARG D 184 -66.03 34.17 -2.55
C ARG D 184 -64.85 33.32 -2.09
N ASN D 185 -64.96 32.82 -0.86
CA ASN D 185 -63.93 32.00 -0.25
C ASN D 185 -63.77 30.67 -0.95
N PHE D 186 -62.59 30.08 -0.84
CA PHE D 186 -62.35 28.76 -1.40
C PHE D 186 -62.35 27.80 -0.22
N ASP D 187 -63.28 26.86 -0.21
CA ASP D 187 -63.34 25.88 0.86
C ASP D 187 -62.94 24.50 0.37
N TYR D 188 -62.42 23.68 1.27
CA TYR D 188 -62.02 22.31 0.94
C TYR D 188 -62.54 21.40 2.06
N PRO D 189 -63.01 20.20 1.70
CA PRO D 189 -63.55 19.22 2.64
C PRO D 189 -62.62 18.65 3.70
N ASN D 190 -61.35 18.47 3.38
CA ASN D 190 -60.46 17.86 4.36
C ASN D 190 -59.70 18.87 5.22
N HIS D 191 -60.32 19.28 6.32
CA HIS D 191 -59.68 20.26 7.18
C HIS D 191 -58.48 19.72 7.93
N ALA D 192 -58.32 18.40 7.94
CA ALA D 192 -57.19 17.77 8.61
C ALA D 192 -55.91 18.11 7.82
N LEU D 193 -56.08 18.58 6.59
CA LEU D 193 -54.94 19.00 5.77
C LEU D 193 -54.41 20.23 6.47
N GLY D 194 -55.26 20.79 7.32
CA GLY D 194 -54.93 22.00 8.05
C GLY D 194 -54.73 23.11 7.04
N GLY D 195 -53.76 23.97 7.32
CA GLY D 195 -53.41 25.02 6.40
C GLY D 195 -54.13 26.32 6.12
N ILE D 196 -53.57 26.89 5.05
CA ILE D 196 -53.88 28.14 4.38
C ILE D 196 -53.00 29.28 4.85
N GLU D 197 -51.70 29.08 4.62
CA GLU D 197 -50.66 30.05 4.91
C GLU D 197 -49.89 30.15 3.60
N CYS D 198 -49.34 31.34 3.34
CA CYS D 198 -48.57 31.55 2.11
C CYS D 198 -49.26 30.99 0.86
N PRO D 199 -50.51 31.38 0.62
CA PRO D 199 -51.20 30.87 -0.56
C PRO D 199 -50.50 31.32 -1.85
N ASP D 200 -50.71 30.58 -2.91
CA ASP D 200 -50.14 30.90 -4.21
C ASP D 200 -51.29 30.84 -5.20
N LEU D 201 -51.23 31.67 -6.24
CA LEU D 201 -52.28 31.68 -7.24
C LEU D 201 -51.62 32.16 -8.52
N PHE D 202 -51.74 31.37 -9.58
CA PHE D 202 -51.14 31.77 -10.84
C PHE D 202 -51.77 31.04 -12.02
N GLU D 203 -51.37 31.44 -13.22
CA GLU D 203 -51.85 30.82 -14.44
C GLU D 203 -50.63 30.22 -15.11
N ILE D 204 -50.81 29.07 -15.76
CA ILE D 204 -49.72 28.42 -16.44
C ILE D 204 -50.27 27.61 -17.61
N THR D 205 -49.48 27.52 -18.68
CA THR D 205 -49.89 26.76 -19.86
C THR D 205 -49.22 25.39 -19.80
N ALA D 206 -50.03 24.34 -19.92
CA ALA D 206 -49.51 22.98 -19.88
C ALA D 206 -48.71 22.62 -21.13
N ASP D 207 -48.08 21.44 -21.09
CA ASP D 207 -47.29 20.97 -22.21
C ASP D 207 -48.14 20.73 -23.46
N ASP D 208 -49.45 20.51 -23.27
CA ASP D 208 -50.32 20.29 -24.41
C ASP D 208 -50.96 21.58 -24.90
N GLY D 209 -50.52 22.70 -24.33
CA GLY D 209 -51.06 24.00 -24.73
C GLY D 209 -52.29 24.48 -23.99
N THR D 210 -52.87 23.62 -23.14
CA THR D 210 -54.05 24.04 -22.38
C THR D 210 -53.65 24.99 -21.24
N ARG D 211 -54.53 25.96 -20.97
CA ARG D 211 -54.29 26.98 -19.94
C ARG D 211 -54.99 26.61 -18.64
N HIS D 212 -54.29 26.79 -17.51
CA HIS D 212 -54.87 26.45 -16.23
C HIS D 212 -54.51 27.46 -15.16
N TRP D 213 -55.27 27.42 -14.07
CA TRP D 213 -55.00 28.27 -12.92
C TRP D 213 -54.57 27.29 -11.83
N VAL D 214 -53.72 27.75 -10.92
CA VAL D 214 -53.33 26.90 -9.82
C VAL D 214 -53.49 27.67 -8.52
N LEU D 215 -54.10 27.03 -7.54
CA LEU D 215 -54.29 27.62 -6.23
C LEU D 215 -53.50 26.71 -5.31
N ALA D 216 -52.65 27.27 -4.46
CA ALA D 216 -51.86 26.45 -3.56
C ALA D 216 -51.60 27.14 -2.22
N ALA D 217 -51.05 26.39 -1.27
CA ALA D 217 -50.76 26.92 0.05
C ALA D 217 -49.87 25.97 0.84
N SER D 218 -49.22 26.50 1.89
CA SER D 218 -48.39 25.68 2.76
C SER D 218 -49.38 25.10 3.75
N MET D 219 -49.27 23.80 3.98
CA MET D 219 -50.19 23.09 4.86
C MET D 219 -49.51 22.39 6.02
N ASP D 220 -50.32 21.65 6.77
CA ASP D 220 -49.86 20.88 7.92
C ASP D 220 -50.78 19.66 8.01
N ALA D 221 -50.50 18.67 7.16
CA ALA D 221 -51.31 17.46 7.11
C ALA D 221 -50.63 16.26 7.77
N TYR D 222 -49.72 16.52 8.71
CA TYR D 222 -49.03 15.43 9.39
C TYR D 222 -49.99 14.49 10.11
N GLY D 223 -51.01 15.06 10.74
CA GLY D 223 -51.99 14.26 11.46
C GLY D 223 -52.67 13.18 10.65
N ILE D 224 -52.74 13.35 9.34
CA ILE D 224 -53.35 12.33 8.51
C ILE D 224 -52.32 11.72 7.58
N GLY D 225 -51.08 11.65 8.06
CA GLY D 225 -50.00 11.07 7.29
C GLY D 225 -49.61 11.71 5.97
N LEU D 226 -49.84 13.01 5.84
CA LEU D 226 -49.47 13.71 4.60
C LEU D 226 -48.43 14.79 4.91
N PRO D 227 -47.85 15.41 3.87
CA PRO D 227 -46.83 16.45 4.02
C PRO D 227 -47.24 17.74 4.75
N MET D 228 -46.23 18.49 5.16
CA MET D 228 -46.38 19.77 5.83
C MET D 228 -45.66 20.77 4.93
N THR D 229 -45.92 20.65 3.64
CA THR D 229 -45.28 21.51 2.67
C THR D 229 -46.22 22.37 1.83
N TYR D 230 -46.25 22.12 0.52
CA TYR D 230 -47.06 22.90 -0.42
C TYR D 230 -48.05 22.02 -1.16
N ALA D 231 -49.34 22.28 -0.95
CA ALA D 231 -50.41 21.52 -1.60
C ALA D 231 -51.07 22.43 -2.64
N TYR D 232 -51.51 21.88 -3.75
CA TYR D 232 -52.12 22.70 -4.78
C TYR D 232 -53.30 22.05 -5.50
N TRP D 233 -54.24 22.91 -5.91
CA TRP D 233 -55.46 22.53 -6.63
C TRP D 233 -55.42 23.19 -8.00
N THR D 234 -55.34 22.41 -9.08
CA THR D 234 -55.39 23.02 -10.39
C THR D 234 -56.86 23.36 -10.57
N GLY D 235 -57.16 24.37 -11.39
CA GLY D 235 -58.55 24.73 -11.59
C GLY D 235 -58.72 26.04 -12.33
N THR D 236 -59.76 26.79 -11.99
CA THR D 236 -60.01 28.07 -12.62
C THR D 236 -60.54 29.15 -11.69
N TRP D 237 -60.11 30.37 -11.94
CA TRP D 237 -60.57 31.54 -11.20
C TRP D 237 -61.45 32.29 -12.20
N ASP D 238 -62.73 32.46 -11.88
CA ASP D 238 -63.64 33.13 -12.79
C ASP D 238 -63.91 34.57 -12.42
N GLY D 239 -63.12 35.12 -11.52
CA GLY D 239 -63.32 36.50 -11.13
C GLY D 239 -64.06 36.64 -9.81
N GLU D 240 -64.75 35.59 -9.38
CA GLU D 240 -65.43 35.69 -8.10
C GLU D 240 -65.16 34.48 -7.18
N GLN D 241 -64.77 33.36 -7.76
CA GLN D 241 -64.47 32.18 -6.94
C GLN D 241 -63.59 31.19 -7.69
N PHE D 242 -62.84 30.39 -6.93
CA PHE D 242 -61.96 29.40 -7.54
C PHE D 242 -62.60 28.03 -7.60
N HIS D 243 -62.56 27.42 -8.79
CA HIS D 243 -63.11 26.09 -8.98
C HIS D 243 -61.97 25.11 -9.10
N ALA D 244 -61.87 24.19 -8.14
CA ALA D 244 -60.82 23.19 -8.16
C ALA D 244 -61.28 22.03 -9.02
N ASP D 245 -60.38 21.52 -9.86
CA ASP D 245 -60.72 20.38 -10.70
C ASP D 245 -61.10 19.18 -9.81
N ASP D 246 -60.43 19.08 -8.67
CA ASP D 246 -60.66 18.00 -7.70
C ASP D 246 -60.36 18.57 -6.33
N LEU D 247 -61.22 18.32 -5.34
CA LEU D 247 -61.00 18.88 -4.01
C LEU D 247 -59.85 18.31 -3.19
N THR D 248 -59.31 17.17 -3.59
CA THR D 248 -58.15 16.58 -2.90
C THR D 248 -56.93 17.15 -3.62
N PRO D 249 -56.15 17.98 -2.92
CA PRO D 249 -54.95 18.59 -3.53
C PRO D 249 -53.80 17.64 -3.79
N GLN D 250 -52.87 18.10 -4.60
CA GLN D 250 -51.67 17.36 -4.95
C GLN D 250 -50.55 18.01 -4.13
N TRP D 251 -49.38 17.38 -4.06
CA TRP D 251 -48.28 17.94 -3.28
C TRP D 251 -47.01 18.17 -4.10
N LEU D 252 -46.35 19.29 -3.82
CA LEU D 252 -45.13 19.64 -4.55
C LEU D 252 -43.86 19.10 -3.90
N ASP D 253 -43.96 18.66 -2.65
CA ASP D 253 -42.83 18.08 -1.93
C ASP D 253 -43.32 17.12 -0.85
N TRP D 254 -42.61 16.00 -0.66
CA TRP D 254 -42.99 15.02 0.33
C TRP D 254 -41.99 14.89 1.46
N GLY D 255 -41.03 15.80 1.51
CA GLY D 255 -40.04 15.78 2.57
C GLY D 255 -40.53 16.57 3.78
N TRP D 256 -39.65 16.80 4.74
CA TRP D 256 -40.02 17.52 5.95
C TRP D 256 -39.84 19.03 5.88
N ASP D 257 -38.88 19.49 5.07
CA ASP D 257 -38.58 20.91 5.02
C ASP D 257 -38.67 21.61 3.68
N TRP D 258 -39.87 22.09 3.35
CA TRP D 258 -40.08 22.84 2.11
C TRP D 258 -41.34 23.64 2.41
N TYR D 259 -41.17 24.65 3.26
CA TYR D 259 -42.28 25.47 3.72
C TYR D 259 -42.33 26.89 3.17
N ALA D 260 -43.53 27.45 3.15
CA ALA D 260 -43.77 28.81 2.66
C ALA D 260 -43.20 28.99 1.27
N ALA D 261 -43.34 27.95 0.45
CA ALA D 261 -42.82 28.00 -0.91
C ALA D 261 -43.54 29.05 -1.75
N VAL D 262 -42.80 29.67 -2.64
CA VAL D 262 -43.34 30.66 -3.55
C VAL D 262 -42.89 30.30 -4.96
N THR D 263 -43.71 30.64 -5.96
CA THR D 263 -43.36 30.36 -7.35
C THR D 263 -43.46 31.67 -8.12
N TRP D 264 -42.68 31.77 -9.20
CA TRP D 264 -42.70 32.97 -10.03
C TRP D 264 -42.36 32.58 -11.47
N PRO D 265 -42.83 33.37 -12.45
CA PRO D 265 -42.55 33.06 -13.86
C PRO D 265 -41.07 33.23 -14.23
N SER D 266 -40.55 32.28 -15.01
CA SER D 266 -39.17 32.35 -15.44
C SER D 266 -39.10 33.47 -16.46
N ILE D 267 -37.92 34.09 -16.60
CA ILE D 267 -37.77 35.18 -17.55
C ILE D 267 -37.81 34.70 -19.01
N ASP D 268 -37.32 33.47 -19.25
CA ASP D 268 -37.29 32.93 -20.60
C ASP D 268 -38.60 32.31 -21.10
N ALA D 269 -39.42 31.76 -20.22
CA ALA D 269 -40.70 31.16 -20.64
C ALA D 269 -41.72 31.31 -19.52
N PRO D 270 -42.14 32.56 -19.25
CA PRO D 270 -43.11 32.90 -18.21
C PRO D 270 -44.43 32.13 -18.18
N GLU D 271 -44.96 31.79 -19.35
CA GLU D 271 -46.24 31.07 -19.40
C GLU D 271 -46.19 29.56 -19.21
N THR D 272 -45.09 28.94 -19.58
CA THR D 272 -44.99 27.48 -19.44
C THR D 272 -44.02 27.02 -18.36
N LYS D 273 -43.13 27.91 -17.92
CA LYS D 273 -42.16 27.51 -16.91
C LYS D 273 -42.01 28.51 -15.76
N ARG D 274 -42.27 28.03 -14.55
CA ARG D 274 -42.15 28.84 -13.36
C ARG D 274 -40.97 28.36 -12.52
N LEU D 275 -40.49 29.21 -11.64
CA LEU D 275 -39.42 28.85 -10.73
C LEU D 275 -40.05 28.78 -9.34
N ALA D 276 -39.41 28.06 -8.44
CA ALA D 276 -39.92 27.89 -7.09
C ALA D 276 -38.79 27.70 -6.10
N ILE D 277 -38.98 28.26 -4.91
CA ILE D 277 -38.01 28.13 -3.84
C ILE D 277 -38.81 28.10 -2.54
N ALA D 278 -38.27 27.45 -1.52
CA ALA D 278 -38.94 27.35 -0.25
C ALA D 278 -37.98 27.46 0.93
N TRP D 279 -38.53 27.67 2.12
CA TRP D 279 -37.75 27.76 3.34
C TRP D 279 -37.55 26.31 3.79
N MET D 280 -36.30 25.88 3.91
CA MET D 280 -36.06 24.50 4.33
C MET D 280 -36.12 24.37 5.85
N ASN D 281 -37.34 24.44 6.36
CA ASN D 281 -37.59 24.31 7.77
C ASN D 281 -39.01 23.80 7.95
N ASN D 282 -39.40 23.57 9.20
CA ASN D 282 -40.73 23.06 9.53
C ASN D 282 -41.08 23.59 10.91
N TRP D 283 -42.29 24.11 11.10
CA TRP D 283 -42.64 24.65 12.40
C TRP D 283 -42.73 23.66 13.54
N LYS D 284 -42.70 22.37 13.21
CA LYS D 284 -42.71 21.37 14.27
C LYS D 284 -41.47 21.58 15.13
N TYR D 285 -40.45 22.23 14.57
CA TYR D 285 -39.21 22.42 15.32
C TYR D 285 -38.33 23.60 14.91
N ALA D 286 -38.85 24.48 14.06
CA ALA D 286 -38.07 25.61 13.58
C ALA D 286 -37.64 26.59 14.68
N ALA D 287 -38.46 26.73 15.72
CA ALA D 287 -38.13 27.62 16.82
C ALA D 287 -37.07 26.99 17.73
N ARG D 288 -35.81 27.13 17.35
CA ARG D 288 -34.71 26.55 18.13
C ARG D 288 -33.40 27.06 17.56
N ASP D 289 -32.31 26.75 18.25
CA ASP D 289 -30.99 27.11 17.77
C ASP D 289 -30.57 25.93 16.93
N VAL D 290 -29.84 26.21 15.86
CA VAL D 290 -29.41 25.17 14.93
C VAL D 290 -27.87 25.17 14.88
N PRO D 291 -27.25 24.10 14.37
CA PRO D 291 -25.78 24.09 14.32
C PRO D 291 -25.10 25.32 13.71
N THR D 292 -25.67 25.88 12.64
CA THR D 292 -25.04 27.05 12.03
C THR D 292 -25.07 28.28 12.92
N ASP D 293 -25.91 28.25 13.95
CA ASP D 293 -25.98 29.37 14.88
C ASP D 293 -24.66 29.48 15.62
N ALA D 294 -24.18 28.34 16.12
CA ALA D 294 -22.92 28.32 16.86
C ALA D 294 -21.71 28.48 15.94
N SER D 295 -21.79 27.88 14.76
CA SER D 295 -20.67 27.93 13.83
C SER D 295 -20.54 29.22 13.01
N ASP D 296 -21.67 29.73 12.51
CA ASP D 296 -21.64 30.92 11.67
C ASP D 296 -22.57 32.07 12.04
N GLY D 297 -23.35 31.91 13.09
CA GLY D 297 -24.24 32.98 13.51
C GLY D 297 -25.49 33.20 12.65
N TYR D 298 -25.97 32.16 11.99
CA TYR D 298 -27.19 32.30 11.20
C TYR D 298 -28.03 31.05 11.35
N ASN D 299 -29.33 31.18 11.08
CA ASN D 299 -30.25 30.07 11.23
C ASN D 299 -31.26 30.00 10.09
N GLY D 300 -31.11 29.00 9.24
CA GLY D 300 -32.05 28.84 8.14
C GLY D 300 -31.45 28.94 6.76
N GLN D 301 -31.96 28.11 5.85
CA GLN D 301 -31.53 28.14 4.46
C GLN D 301 -32.74 27.85 3.60
N ASN D 302 -32.65 28.24 2.33
CA ASN D 302 -33.71 27.99 1.38
C ASN D 302 -33.35 26.74 0.59
N SER D 303 -34.35 26.18 -0.07
CA SER D 303 -34.17 24.99 -0.88
C SER D 303 -33.46 25.45 -2.15
N ILE D 304 -33.12 24.48 -3.00
CA ILE D 304 -32.49 24.80 -4.26
C ILE D 304 -33.67 25.37 -5.04
N VAL D 305 -33.42 26.23 -6.03
CA VAL D 305 -34.55 26.74 -6.80
C VAL D 305 -34.89 25.61 -7.77
N ARG D 306 -36.18 25.38 -7.99
CA ARG D 306 -36.59 24.34 -8.92
C ARG D 306 -37.42 24.98 -10.04
N GLU D 307 -37.50 24.30 -11.18
CA GLU D 307 -38.27 24.76 -12.32
C GLU D 307 -39.55 23.94 -12.30
N LEU D 308 -40.67 24.56 -12.67
CA LEU D 308 -41.95 23.89 -12.67
C LEU D 308 -42.62 23.96 -14.04
N ARG D 309 -43.23 22.86 -14.43
CA ARG D 309 -43.96 22.79 -15.69
C ARG D 309 -45.24 22.03 -15.38
N LEU D 310 -46.34 22.42 -15.99
CA LEU D 310 -47.59 21.71 -15.77
C LEU D 310 -47.66 20.69 -16.89
N ALA D 311 -47.70 19.41 -16.53
CA ALA D 311 -47.72 18.36 -17.54
C ALA D 311 -49.00 17.53 -17.52
N ARG D 312 -49.53 17.25 -18.70
CA ARG D 312 -50.74 16.46 -18.82
C ARG D 312 -50.39 15.01 -18.51
N GLN D 313 -51.17 14.39 -17.62
CA GLN D 313 -50.97 13.00 -17.23
C GLN D 313 -51.94 12.11 -18.00
N PRO D 314 -51.54 10.86 -18.29
CA PRO D 314 -52.35 9.90 -19.04
C PRO D 314 -53.87 10.03 -19.03
N GLY D 315 -54.51 9.79 -17.90
CA GLY D 315 -55.97 9.89 -17.91
C GLY D 315 -56.57 11.20 -18.40
N GLY D 316 -55.84 12.30 -18.24
CA GLY D 316 -56.36 13.58 -18.66
C GLY D 316 -56.29 14.64 -17.56
N TRP D 317 -55.48 14.39 -16.54
CA TRP D 317 -55.33 15.36 -15.46
C TRP D 317 -53.96 16.03 -15.61
N TYR D 318 -53.70 17.06 -14.80
CA TYR D 318 -52.44 17.79 -14.88
C TYR D 318 -51.69 17.87 -13.56
N THR D 319 -50.37 17.80 -13.62
CA THR D 319 -49.55 17.85 -12.41
C THR D 319 -48.31 18.69 -12.63
N LEU D 320 -47.76 19.24 -11.55
CA LEU D 320 -46.55 20.06 -11.63
C LEU D 320 -45.33 19.18 -11.51
N LEU D 321 -44.46 19.22 -12.52
CA LEU D 321 -43.24 18.42 -12.51
C LEU D 321 -42.09 19.33 -12.08
N SER D 322 -41.25 18.83 -11.19
CA SER D 322 -40.11 19.60 -10.66
C SER D 322 -38.74 19.11 -11.14
N THR D 323 -37.84 20.07 -11.34
CA THR D 323 -36.48 19.77 -11.76
C THR D 323 -35.57 20.88 -11.23
N PRO D 324 -34.37 20.53 -10.73
CA PRO D 324 -33.46 21.55 -10.21
C PRO D 324 -33.14 22.60 -11.27
N VAL D 325 -33.03 23.86 -10.85
CA VAL D 325 -32.72 24.94 -11.78
C VAL D 325 -31.57 24.51 -12.69
N ALA D 326 -31.77 24.66 -14.00
CA ALA D 326 -30.79 24.25 -14.98
C ALA D 326 -29.40 24.87 -14.79
N ALA D 327 -29.36 26.11 -14.32
CA ALA D 327 -28.10 26.82 -14.12
C ALA D 327 -27.15 26.20 -13.09
N LEU D 328 -27.63 25.25 -12.29
CA LEU D 328 -26.76 24.63 -11.28
C LEU D 328 -25.56 23.95 -11.96
N THR D 329 -25.75 23.56 -13.22
CA THR D 329 -24.69 22.91 -13.99
C THR D 329 -23.44 23.77 -14.04
N ASN D 330 -23.63 25.08 -14.05
CA ASN D 330 -22.51 26.01 -14.12
C ASN D 330 -21.64 26.01 -12.86
N TYR D 331 -22.11 25.36 -11.80
CA TYR D 331 -21.34 25.34 -10.57
C TYR D 331 -20.66 24.00 -10.31
N VAL D 332 -20.86 23.05 -11.22
CA VAL D 332 -20.24 21.75 -11.12
C VAL D 332 -18.74 21.90 -11.38
N THR D 333 -17.90 21.43 -10.46
CA THR D 333 -16.45 21.57 -10.62
C THR D 333 -15.77 20.28 -11.07
N ALA D 334 -16.47 19.16 -10.96
CA ALA D 334 -15.93 17.86 -11.36
C ALA D 334 -17.06 16.86 -11.54
N THR D 335 -16.97 16.05 -12.60
CA THR D 335 -17.99 15.04 -12.87
C THR D 335 -17.38 13.64 -12.85
N THR D 336 -17.78 12.83 -11.88
CA THR D 336 -17.26 11.47 -11.75
C THR D 336 -18.32 10.43 -12.07
N THR D 337 -18.00 9.53 -13.00
CA THR D 337 -18.92 8.45 -13.33
C THR D 337 -18.30 7.18 -12.77
N LEU D 338 -19.13 6.33 -12.17
CA LEU D 338 -18.65 5.08 -11.60
C LEU D 338 -19.28 3.95 -12.38
N PRO D 339 -18.54 2.86 -12.59
CA PRO D 339 -19.03 1.69 -13.33
C PRO D 339 -20.33 1.12 -12.76
N ASP D 340 -21.18 0.58 -13.65
CA ASP D 340 -22.43 -0.04 -13.22
C ASP D 340 -22.02 -1.16 -12.27
N ARG D 341 -22.95 -1.62 -11.46
CA ARG D 341 -22.64 -2.70 -10.54
C ARG D 341 -23.89 -3.30 -9.94
N THR D 342 -23.83 -4.60 -9.69
CA THR D 342 -24.95 -5.30 -9.09
C THR D 342 -24.56 -5.54 -7.65
N VAL D 343 -25.44 -5.18 -6.72
CA VAL D 343 -25.16 -5.39 -5.30
C VAL D 343 -26.32 -6.13 -4.65
N ASP D 344 -25.96 -7.03 -3.75
CA ASP D 344 -26.93 -7.85 -3.02
C ASP D 344 -26.48 -7.74 -1.58
N GLY D 345 -27.05 -6.79 -0.85
CA GLY D 345 -26.66 -6.56 0.53
C GLY D 345 -26.29 -5.09 0.61
N SER D 346 -25.00 -4.80 0.57
CA SER D 346 -24.54 -3.42 0.64
C SER D 346 -23.11 -3.26 0.16
N ALA D 347 -22.83 -2.11 -0.44
CA ALA D 347 -21.49 -1.81 -0.95
C ALA D 347 -21.24 -0.32 -0.81
N VAL D 348 -20.01 0.03 -0.49
CA VAL D 348 -19.62 1.43 -0.33
C VAL D 348 -19.01 1.91 -1.63
N LEU D 349 -19.41 3.11 -2.08
CA LEU D 349 -18.87 3.65 -3.31
C LEU D 349 -17.53 4.33 -3.04
N PRO D 350 -16.61 4.30 -4.01
CA PRO D 350 -15.29 4.91 -3.86
C PRO D 350 -15.33 6.43 -4.04
N TRP D 351 -16.20 7.10 -3.30
CA TRP D 351 -16.33 8.55 -3.42
C TRP D 351 -16.77 9.16 -2.09
N ASN D 352 -16.31 10.37 -1.82
CA ASN D 352 -16.65 11.08 -0.59
C ASN D 352 -16.76 12.57 -0.89
N GLY D 353 -17.72 13.23 -0.25
CA GLY D 353 -17.92 14.65 -0.46
C GLY D 353 -19.04 15.21 0.39
N ARG D 354 -19.14 16.54 0.45
CA ARG D 354 -20.19 17.19 1.25
C ARG D 354 -21.21 17.96 0.42
N ALA D 355 -20.79 18.46 -0.74
CA ALA D 355 -21.70 19.22 -1.60
C ALA D 355 -21.65 18.67 -3.02
N TYR D 356 -22.73 17.99 -3.42
CA TYR D 356 -22.77 17.39 -4.75
C TYR D 356 -24.17 16.93 -5.15
N GLU D 357 -24.26 16.49 -6.40
CA GLU D 357 -25.48 15.97 -6.97
C GLU D 357 -25.13 14.58 -7.50
N ILE D 358 -25.92 13.58 -7.17
CA ILE D 358 -25.67 12.24 -7.68
C ILE D 358 -26.92 11.72 -8.37
N GLU D 359 -26.72 11.18 -9.57
CA GLU D 359 -27.84 10.60 -10.33
C GLU D 359 -27.53 9.14 -10.55
N LEU D 360 -28.57 8.30 -10.52
CA LEU D 360 -28.38 6.87 -10.73
C LEU D 360 -29.71 6.18 -10.98
N ASP D 361 -29.64 5.00 -11.59
CA ASP D 361 -30.83 4.19 -11.87
C ASP D 361 -30.67 2.90 -11.10
N ILE D 362 -31.78 2.39 -10.58
CA ILE D 362 -31.77 1.16 -9.83
C ILE D 362 -32.83 0.27 -10.44
N ALA D 363 -32.50 -1.00 -10.66
CA ALA D 363 -33.43 -1.95 -11.23
C ALA D 363 -33.33 -3.24 -10.43
N TRP D 364 -34.48 -3.85 -10.13
CA TRP D 364 -34.48 -5.07 -9.33
C TRP D 364 -35.65 -5.98 -9.68
N ASP D 365 -35.77 -7.08 -8.94
CA ASP D 365 -36.85 -8.02 -9.19
C ASP D 365 -37.51 -8.48 -7.89
N THR D 366 -36.83 -9.36 -7.16
CA THR D 366 -37.37 -9.88 -5.90
C THR D 366 -37.04 -9.03 -4.68
N ALA D 367 -36.07 -8.14 -4.81
CA ALA D 367 -35.70 -7.27 -3.70
C ALA D 367 -36.94 -6.55 -3.17
N THR D 368 -37.05 -6.45 -1.84
CA THR D 368 -38.17 -5.80 -1.19
C THR D 368 -37.78 -4.40 -0.73
N ASN D 369 -36.49 -4.11 -0.79
CA ASN D 369 -35.98 -2.81 -0.38
C ASN D 369 -34.66 -2.55 -1.09
N VAL D 370 -34.56 -1.41 -1.75
CA VAL D 370 -33.35 -1.03 -2.47
C VAL D 370 -33.10 0.45 -2.22
N GLY D 371 -31.84 0.86 -2.19
CA GLY D 371 -31.59 2.27 -1.95
C GLY D 371 -30.14 2.69 -1.93
N ILE D 372 -29.93 3.94 -1.54
CA ILE D 372 -28.60 4.52 -1.45
C ILE D 372 -28.51 5.33 -0.15
N SER D 373 -27.36 5.29 0.48
CA SER D 373 -27.11 6.03 1.71
C SER D 373 -26.09 7.11 1.43
N VAL D 374 -26.42 8.34 1.84
CA VAL D 374 -25.50 9.45 1.66
C VAL D 374 -25.12 9.97 3.04
N GLY D 375 -24.07 10.78 3.10
CA GLY D 375 -23.61 11.31 4.38
C GLY D 375 -23.18 10.20 5.31
N ARG D 376 -22.68 9.12 4.72
CA ARG D 376 -22.25 7.95 5.47
C ARG D 376 -20.97 8.21 6.26
N SER D 377 -21.01 7.92 7.56
CA SER D 377 -19.84 8.11 8.42
C SER D 377 -18.85 6.97 8.17
N PRO D 378 -17.57 7.18 8.52
CA PRO D 378 -16.52 6.16 8.33
C PRO D 378 -16.93 4.77 8.81
N ASP D 379 -17.51 4.69 10.00
CA ASP D 379 -17.93 3.40 10.52
C ASP D 379 -19.28 3.00 9.95
N GLY D 380 -19.88 3.89 9.17
CA GLY D 380 -21.15 3.60 8.54
C GLY D 380 -22.37 3.57 9.46
N THR D 381 -22.24 4.04 10.70
CA THR D 381 -23.37 4.04 11.61
C THR D 381 -24.29 5.22 11.36
N ARG D 382 -23.76 6.29 10.77
CA ARG D 382 -24.57 7.47 10.46
C ARG D 382 -24.77 7.58 8.95
N HIS D 383 -25.97 7.98 8.56
CA HIS D 383 -26.29 8.13 7.13
C HIS D 383 -27.77 8.36 6.95
N THR D 384 -28.11 8.88 5.78
CA THR D 384 -29.49 9.15 5.41
C THR D 384 -29.78 8.21 4.24
N ASN D 385 -30.84 7.43 4.36
CA ASN D 385 -31.23 6.47 3.32
C ASN D 385 -32.31 6.97 2.38
N ILE D 386 -32.09 6.76 1.08
CA ILE D 386 -33.05 7.14 0.06
C ILE D 386 -33.33 5.83 -0.68
N GLY D 387 -34.56 5.36 -0.61
CA GLY D 387 -34.86 4.11 -1.27
C GLY D 387 -36.30 3.86 -1.63
N LYS D 388 -36.54 2.65 -2.16
CA LYS D 388 -37.87 2.24 -2.59
C LYS D 388 -38.28 1.02 -1.77
N TYR D 389 -39.40 1.14 -1.07
CA TYR D 389 -39.92 0.07 -0.25
C TYR D 389 -41.44 0.09 -0.36
N GLY D 390 -42.03 -1.04 -0.73
CA GLY D 390 -43.47 -1.10 -0.89
C GLY D 390 -43.97 -0.01 -1.84
N ALA D 391 -44.89 0.81 -1.36
CA ALA D 391 -45.46 1.90 -2.15
C ALA D 391 -44.82 3.22 -1.75
N ASP D 392 -43.62 3.15 -1.20
CA ASP D 392 -42.90 4.35 -0.75
C ASP D 392 -41.56 4.60 -1.39
N LEU D 393 -41.31 5.87 -1.73
CA LEU D 393 -40.00 6.27 -2.21
C LEU D 393 -39.69 7.11 -0.98
N TYR D 394 -38.88 6.54 -0.09
CA TYR D 394 -38.57 7.18 1.18
C TYR D 394 -37.20 7.81 1.34
N VAL D 395 -37.13 8.72 2.29
CA VAL D 395 -35.90 9.40 2.66
C VAL D 395 -35.91 9.36 4.18
N ASP D 396 -35.09 8.49 4.75
CA ASP D 396 -35.01 8.32 6.19
C ASP D 396 -33.74 8.98 6.69
N ARG D 397 -33.89 10.15 7.31
CA ARG D 397 -32.76 10.88 7.86
C ARG D 397 -32.51 10.47 9.32
N GLY D 398 -33.28 9.52 9.81
CA GLY D 398 -33.11 9.07 11.18
C GLY D 398 -31.67 8.72 11.56
N PRO D 399 -30.97 7.90 10.77
CA PRO D 399 -29.60 7.59 11.17
C PRO D 399 -28.62 8.76 11.10
N SER D 400 -29.08 9.91 10.64
CA SER D 400 -28.22 11.10 10.57
C SER D 400 -28.61 12.09 11.69
N ASP D 401 -29.57 11.71 12.52
CA ASP D 401 -30.01 12.59 13.60
C ASP D 401 -28.82 13.02 14.45
N LEU D 402 -28.76 14.31 14.78
CA LEU D 402 -27.68 14.85 15.59
C LEU D 402 -28.12 15.07 17.03
N ALA D 403 -27.51 14.35 17.96
CA ALA D 403 -27.86 14.48 19.38
C ALA D 403 -27.72 15.93 19.79
N GLY D 404 -28.71 16.43 20.52
CA GLY D 404 -28.67 17.81 20.96
C GLY D 404 -29.40 18.74 20.00
N TYR D 405 -29.64 18.25 18.79
CA TYR D 405 -30.35 19.00 17.74
C TYR D 405 -31.24 17.98 17.04
N SER D 406 -31.84 17.10 17.82
CA SER D 406 -32.67 16.03 17.28
C SER D 406 -33.90 16.49 16.51
N LEU D 407 -34.21 15.74 15.44
CA LEU D 407 -35.35 16.00 14.59
C LEU D 407 -36.41 14.92 14.79
N ALA D 408 -36.11 13.96 15.66
CA ALA D 408 -37.04 12.87 15.95
C ALA D 408 -38.32 13.49 16.50
N PRO D 409 -39.49 12.89 16.20
CA PRO D 409 -39.76 11.68 15.41
C PRO D 409 -39.98 11.93 13.91
N TYR D 410 -39.54 13.06 13.40
CA TYR D 410 -39.70 13.37 11.98
C TYR D 410 -38.47 12.89 11.22
N SER D 411 -38.37 11.58 11.02
CA SER D 411 -37.22 10.97 10.37
C SER D 411 -37.43 10.37 8.98
N ARG D 412 -38.41 9.50 8.85
CA ARG D 412 -38.66 8.84 7.57
C ARG D 412 -39.75 9.50 6.73
N ALA D 413 -39.34 10.31 5.76
CA ALA D 413 -40.29 10.98 4.88
C ALA D 413 -40.58 9.99 3.75
N ALA D 414 -41.75 10.09 3.13
CA ALA D 414 -42.06 9.17 2.04
C ALA D 414 -43.02 9.73 1.02
N ALA D 415 -42.72 9.48 -0.25
CA ALA D 415 -43.58 9.94 -1.34
C ALA D 415 -44.21 8.67 -1.93
N PRO D 416 -45.44 8.76 -2.45
CA PRO D 416 -46.07 7.58 -3.03
C PRO D 416 -45.41 7.17 -4.34
N ILE D 417 -45.32 5.85 -4.56
CA ILE D 417 -44.74 5.33 -5.79
C ILE D 417 -45.44 4.00 -6.10
N ASP D 418 -45.65 3.72 -7.38
CA ASP D 418 -46.29 2.47 -7.79
C ASP D 418 -45.55 1.31 -7.12
N PRO D 419 -46.26 0.55 -6.26
CA PRO D 419 -45.60 -0.56 -5.59
C PRO D 419 -45.08 -1.62 -6.57
N GLY D 420 -45.66 -1.66 -7.77
CA GLY D 420 -45.21 -2.61 -8.77
C GLY D 420 -43.92 -2.18 -9.45
N ALA D 421 -43.52 -0.92 -9.26
CA ALA D 421 -42.28 -0.43 -9.86
C ALA D 421 -41.11 -1.33 -9.54
N ARG D 422 -40.28 -1.62 -10.54
CA ARG D 422 -39.12 -2.47 -10.33
C ARG D 422 -37.87 -1.75 -10.82
N SER D 423 -37.98 -0.43 -10.90
CA SER D 423 -36.88 0.42 -11.31
C SER D 423 -37.23 1.86 -10.95
N VAL D 424 -36.21 2.68 -10.73
CA VAL D 424 -36.41 4.08 -10.40
C VAL D 424 -35.14 4.85 -10.72
N HIS D 425 -35.32 6.12 -11.06
CA HIS D 425 -34.21 7.01 -11.36
C HIS D 425 -34.20 8.06 -10.25
N LEU D 426 -33.03 8.31 -9.67
CA LEU D 426 -32.94 9.30 -8.61
C LEU D 426 -31.90 10.36 -8.94
N ARG D 427 -32.18 11.59 -8.53
CA ARG D 427 -31.26 12.70 -8.68
C ARG D 427 -31.28 13.32 -7.30
N ILE D 428 -30.17 13.18 -6.59
CA ILE D 428 -30.08 13.67 -5.22
C ILE D 428 -29.08 14.79 -5.02
N LEU D 429 -29.55 15.92 -4.49
CA LEU D 429 -28.68 17.05 -4.23
C LEU D 429 -28.31 17.04 -2.75
N VAL D 430 -27.03 16.92 -2.47
CA VAL D 430 -26.54 16.89 -1.10
C VAL D 430 -25.69 18.12 -0.82
N ASP D 431 -25.97 18.79 0.29
CA ASP D 431 -25.20 19.96 0.69
C ASP D 431 -24.90 19.71 2.16
N THR D 432 -24.11 20.59 2.78
CA THR D 432 -23.72 20.41 4.17
C THR D 432 -24.82 20.20 5.21
N GLN D 433 -26.01 20.76 4.98
CA GLN D 433 -27.10 20.60 5.94
C GLN D 433 -28.43 20.23 5.28
N SER D 434 -28.39 19.57 4.12
CA SER D 434 -29.63 19.20 3.46
C SER D 434 -29.52 18.13 2.37
N VAL D 435 -30.66 17.50 2.09
CA VAL D 435 -30.78 16.47 1.07
C VAL D 435 -32.10 16.71 0.35
N GLU D 436 -32.04 16.78 -0.98
CA GLU D 436 -33.22 16.99 -1.81
C GLU D 436 -33.24 15.92 -2.89
N VAL D 437 -34.31 15.12 -2.90
CA VAL D 437 -34.44 14.02 -3.84
C VAL D 437 -35.50 14.25 -4.92
N PHE D 438 -35.05 14.25 -6.18
CA PHE D 438 -35.93 14.41 -7.32
C PHE D 438 -36.06 13.02 -7.95
N VAL D 439 -37.26 12.48 -7.90
CA VAL D 439 -37.52 11.13 -8.40
C VAL D 439 -38.04 11.10 -9.83
N ASN D 440 -37.46 10.22 -10.63
CA ASN D 440 -37.86 10.05 -12.02
C ASN D 440 -38.04 11.38 -12.76
N ALA D 441 -39.22 11.60 -13.33
CA ALA D 441 -39.48 12.82 -14.09
C ALA D 441 -39.90 14.03 -13.26
N GLY D 442 -39.77 13.92 -11.95
CA GLY D 442 -40.13 15.05 -11.10
C GLY D 442 -41.54 15.12 -10.55
N HIS D 443 -42.32 14.05 -10.66
CA HIS D 443 -43.67 14.06 -10.11
C HIS D 443 -43.56 14.19 -8.60
N THR D 444 -42.58 13.49 -8.03
CA THR D 444 -42.37 13.54 -6.59
C THR D 444 -40.97 14.01 -6.22
N VAL D 445 -40.90 14.85 -5.19
CA VAL D 445 -39.66 15.40 -4.69
C VAL D 445 -39.74 15.37 -3.17
N LEU D 446 -38.62 15.14 -2.52
CA LEU D 446 -38.56 15.12 -1.05
C LEU D 446 -37.40 16.00 -0.63
N SER D 447 -37.69 17.05 0.13
CA SER D 447 -36.68 17.97 0.59
C SER D 447 -36.62 17.99 2.11
N GLN D 448 -35.41 17.90 2.65
CA GLN D 448 -35.25 17.93 4.10
C GLN D 448 -33.87 18.36 4.54
N GLN D 449 -33.81 19.02 5.70
CA GLN D 449 -32.52 19.42 6.23
C GLN D 449 -31.97 18.20 6.94
N VAL D 450 -30.65 18.09 6.98
CA VAL D 450 -29.99 16.98 7.65
C VAL D 450 -28.75 17.57 8.29
N HIS D 451 -28.58 17.36 9.59
CA HIS D 451 -27.43 17.90 10.28
C HIS D 451 -26.24 16.94 10.21
N PHE D 452 -25.66 16.85 9.01
CA PHE D 452 -24.50 15.99 8.78
C PHE D 452 -23.33 16.41 9.65
N ALA D 453 -22.62 15.42 10.21
CA ALA D 453 -21.47 15.69 11.05
C ALA D 453 -20.22 15.84 10.17
N GLU D 454 -19.13 16.27 10.80
CA GLU D 454 -17.86 16.49 10.10
C GLU D 454 -17.49 15.43 9.07
N GLY D 455 -17.41 14.18 9.51
CA GLY D 455 -17.03 13.10 8.61
C GLY D 455 -18.10 12.34 7.84
N ASP D 456 -19.35 12.76 7.94
CA ASP D 456 -20.42 12.08 7.20
C ASP D 456 -20.30 12.48 5.73
N THR D 457 -19.43 11.77 4.99
CA THR D 457 -19.21 12.10 3.59
C THR D 457 -19.32 10.94 2.60
N GLY D 458 -19.43 9.72 3.09
CA GLY D 458 -19.50 8.57 2.20
C GLY D 458 -20.86 8.30 1.55
N ILE D 459 -20.85 7.33 0.64
CA ILE D 459 -22.05 6.92 -0.10
C ILE D 459 -22.00 5.41 -0.24
N SER D 460 -23.11 4.74 0.04
CA SER D 460 -23.18 3.29 -0.10
C SER D 460 -24.50 2.90 -0.75
N LEU D 461 -24.55 1.68 -1.27
CA LEU D 461 -25.74 1.15 -1.93
C LEU D 461 -26.20 -0.07 -1.16
N TYR D 462 -27.51 -0.34 -1.17
CA TYR D 462 -28.02 -1.48 -0.42
C TYR D 462 -29.29 -2.10 -0.98
N THR D 463 -29.52 -3.37 -0.65
CA THR D 463 -30.71 -4.10 -1.09
C THR D 463 -31.11 -5.11 -0.02
N ASP D 464 -32.36 -5.55 -0.08
CA ASP D 464 -32.89 -6.53 0.86
C ASP D 464 -33.79 -7.48 0.08
N GLY D 465 -33.55 -8.78 0.25
CA GLY D 465 -34.34 -9.78 -0.43
C GLY D 465 -34.01 -10.00 -1.90
N GLY D 466 -32.80 -9.63 -2.30
CA GLY D 466 -32.43 -9.81 -3.70
C GLY D 466 -31.48 -8.75 -4.19
N PRO D 467 -30.81 -8.99 -5.33
CA PRO D 467 -29.85 -8.05 -5.92
C PRO D 467 -30.55 -6.97 -6.74
N ALA D 468 -29.82 -5.88 -6.98
CA ALA D 468 -30.34 -4.78 -7.76
C ALA D 468 -29.18 -4.28 -8.61
N HIS D 469 -29.48 -3.84 -9.81
CA HIS D 469 -28.46 -3.33 -10.71
C HIS D 469 -28.44 -1.79 -10.63
N PHE D 470 -27.33 -1.24 -10.15
CA PHE D 470 -27.18 0.20 -10.03
C PHE D 470 -26.39 0.66 -11.25
N THR D 471 -27.03 1.47 -12.09
CA THR D 471 -26.42 1.95 -13.32
C THR D 471 -26.50 3.45 -13.54
N GLY D 472 -25.73 3.94 -14.51
CA GLY D 472 -25.72 5.36 -14.82
C GLY D 472 -25.37 6.21 -13.62
N ILE D 473 -24.44 5.73 -12.81
CA ILE D 473 -23.99 6.42 -11.61
C ILE D 473 -23.03 7.57 -11.91
N VAL D 474 -23.47 8.80 -11.65
CA VAL D 474 -22.65 9.96 -11.88
C VAL D 474 -22.73 10.93 -10.70
N VAL D 475 -21.57 11.37 -10.22
CA VAL D 475 -21.51 12.29 -9.10
C VAL D 475 -20.92 13.62 -9.57
N ARG D 476 -21.69 14.70 -9.43
CA ARG D 476 -21.22 16.02 -9.82
C ARG D 476 -20.95 16.84 -8.58
N GLU D 477 -19.67 17.12 -8.35
CA GLU D 477 -19.26 17.89 -7.19
C GLU D 477 -19.58 19.36 -7.49
N ILE D 478 -20.23 20.01 -6.53
CA ILE D 478 -20.64 21.41 -6.68
C ILE D 478 -19.78 22.39 -5.89
N GLY D 479 -19.52 23.54 -6.50
CA GLY D 479 -18.71 24.58 -5.88
C GLY D 479 -19.52 25.84 -5.57
#